data_1P6U
#
_entry.id   1P6U
#
_cell.length_a   1.000
_cell.length_b   1.000
_cell.length_c   1.000
_cell.angle_alpha   90.00
_cell.angle_beta   90.00
_cell.angle_gamma   90.00
#
_symmetry.space_group_name_H-M   'P 1'
#
_entity_poly.entity_id   1
_entity_poly.type   'polypeptide(L)'
_entity_poly.pdbx_seq_one_letter_code
;MSLAEKIKVLIVDDQVTSRLLLGDALQQLGFKQITAAGDGEQGMKIMAQNPHHLVISDFNMPKMDGLGLLQAVRANPATK
KAAFIILTAQGDRALVQKAAALGANNVLAKPFTIEKMKAAIEAVFGALK
;
_entity_poly.pdbx_strand_id   A
#
# COMPACT_ATOMS: atom_id res chain seq x y z
N MET A 1 -4.26 9.09 17.27
CA MET A 1 -3.63 10.40 17.14
C MET A 1 -2.77 10.72 18.36
N SER A 2 -2.83 9.83 19.34
CA SER A 2 -2.06 10.00 20.56
C SER A 2 -0.61 9.59 20.32
N LEU A 3 -0.45 8.52 19.55
CA LEU A 3 0.88 8.01 19.25
C LEU A 3 0.91 7.53 17.80
N ALA A 4 1.97 6.79 17.48
CA ALA A 4 2.13 6.27 16.14
C ALA A 4 0.87 5.49 15.75
N GLU A 5 0.12 5.08 16.76
CA GLU A 5 -1.09 4.32 16.54
C GLU A 5 -1.81 4.83 15.29
N LYS A 6 -1.98 6.14 15.23
CA LYS A 6 -2.64 6.77 14.09
C LYS A 6 -2.02 6.25 12.80
N ILE A 7 -0.70 6.39 12.72
CA ILE A 7 0.03 5.94 11.55
C ILE A 7 0.22 4.42 11.62
N LYS A 8 -0.08 3.77 10.50
CA LYS A 8 0.05 2.33 10.43
C LYS A 8 0.37 1.93 8.99
N VAL A 9 1.26 0.95 8.86
CA VAL A 9 1.67 0.48 7.55
C VAL A 9 1.49 -1.04 7.50
N LEU A 10 0.98 -1.50 6.36
CA LEU A 10 0.75 -2.92 6.16
C LEU A 10 1.57 -3.41 4.96
N ILE A 11 2.45 -4.36 5.23
CA ILE A 11 3.29 -4.91 4.18
C ILE A 11 2.95 -6.39 3.97
N VAL A 12 2.00 -6.62 3.08
CA VAL A 12 1.56 -7.97 2.78
C VAL A 12 1.70 -8.23 1.27
N ASP A 13 2.21 -9.41 0.96
CA ASP A 13 2.39 -9.79 -0.43
C ASP A 13 2.20 -11.30 -0.58
N ASP A 14 2.16 -11.74 -1.82
CA ASP A 14 1.97 -13.16 -2.11
C ASP A 14 3.31 -13.89 -1.91
N GLN A 15 4.36 -13.10 -1.77
CA GLN A 15 5.69 -13.65 -1.56
C GLN A 15 6.54 -12.71 -0.71
N VAL A 16 7.26 -13.30 0.23
CA VAL A 16 8.11 -12.52 1.12
C VAL A 16 8.98 -11.58 0.28
N THR A 17 9.66 -12.17 -0.70
CA THR A 17 10.53 -11.42 -1.58
C THR A 17 9.89 -10.06 -1.91
N SER A 18 8.67 -10.12 -2.40
CA SER A 18 7.94 -8.92 -2.76
C SER A 18 7.70 -8.05 -1.53
N ARG A 19 7.11 -8.68 -0.51
CA ARG A 19 6.83 -7.98 0.73
C ARG A 19 8.13 -7.54 1.41
N LEU A 20 8.84 -8.52 1.93
CA LEU A 20 10.10 -8.26 2.60
C LEU A 20 10.86 -7.17 1.85
N LEU A 21 10.67 -7.16 0.54
CA LEU A 21 11.32 -6.18 -0.30
C LEU A 21 10.79 -4.79 0.04
N LEU A 22 9.48 -4.67 0.03
CA LEU A 22 8.84 -3.39 0.33
C LEU A 22 9.02 -3.08 1.82
N GLY A 23 8.76 -4.10 2.63
CA GLY A 23 8.88 -3.95 4.08
C GLY A 23 10.29 -3.50 4.47
N ASP A 24 11.25 -3.93 3.66
CA ASP A 24 12.64 -3.58 3.90
C ASP A 24 12.88 -2.11 3.51
N ALA A 25 12.42 -1.78 2.30
CA ALA A 25 12.58 -0.43 1.79
C ALA A 25 11.73 0.53 2.64
N LEU A 26 10.50 0.09 2.90
CA LEU A 26 9.58 0.89 3.68
C LEU A 26 10.23 1.23 5.03
N GLN A 27 10.75 0.20 5.67
CA GLN A 27 11.40 0.36 6.96
C GLN A 27 12.58 1.34 6.85
N GLN A 28 13.20 1.32 5.68
CA GLN A 28 14.33 2.20 5.43
C GLN A 28 13.86 3.64 5.24
N LEU A 29 12.55 3.78 5.09
CA LEU A 29 11.96 5.10 4.91
C LEU A 29 11.73 5.76 6.27
N GLY A 30 11.12 4.98 7.16
CA GLY A 30 10.84 5.47 8.50
C GLY A 30 9.33 5.45 8.78
N PHE A 31 8.78 4.25 8.74
CA PHE A 31 7.35 4.07 9.00
C PHE A 31 7.05 4.16 10.50
N LYS A 32 5.76 4.20 10.80
CA LYS A 32 5.32 4.27 12.18
C LYS A 32 5.27 2.87 12.78
N GLN A 33 4.40 2.05 12.21
CA GLN A 33 4.25 0.68 12.68
C GLN A 33 3.99 -0.26 11.50
N ILE A 34 5.06 -0.89 11.04
CA ILE A 34 4.97 -1.82 9.92
C ILE A 34 4.27 -3.10 10.38
N THR A 35 3.40 -3.60 9.51
CA THR A 35 2.66 -4.82 9.81
C THR A 35 2.54 -5.69 8.57
N ALA A 36 3.15 -6.86 8.64
CA ALA A 36 3.12 -7.79 7.53
C ALA A 36 2.03 -8.84 7.78
N ALA A 37 1.44 -9.29 6.68
CA ALA A 37 0.38 -10.29 6.77
C ALA A 37 0.63 -11.39 5.74
N GLY A 38 -0.30 -12.33 5.67
CA GLY A 38 -0.18 -13.44 4.74
C GLY A 38 -0.17 -12.93 3.29
N ASP A 39 -1.22 -12.21 2.93
CA ASP A 39 -1.33 -11.66 1.59
C ASP A 39 -2.65 -10.91 1.46
N GLY A 40 -2.78 -10.17 0.38
CA GLY A 40 -3.99 -9.40 0.12
C GLY A 40 -4.80 -9.22 1.40
N GLU A 41 -5.96 -9.86 1.42
CA GLU A 41 -6.84 -9.78 2.57
C GLU A 41 -6.08 -10.13 3.84
N GLN A 42 -5.42 -11.27 3.81
CA GLN A 42 -4.65 -11.73 4.96
C GLN A 42 -3.96 -10.54 5.64
N GLY A 43 -3.65 -9.53 4.83
CA GLY A 43 -3.00 -8.33 5.34
C GLY A 43 -3.97 -7.15 5.36
N MET A 44 -4.70 -7.00 4.27
CA MET A 44 -5.66 -5.91 4.15
C MET A 44 -6.65 -5.93 5.32
N LYS A 45 -7.22 -7.10 5.55
CA LYS A 45 -8.19 -7.27 6.63
C LYS A 45 -7.54 -6.84 7.95
N ILE A 46 -6.26 -7.17 8.08
CA ILE A 46 -5.52 -6.82 9.28
C ILE A 46 -5.55 -5.31 9.48
N MET A 47 -5.32 -4.60 8.38
CA MET A 47 -5.31 -3.14 8.43
C MET A 47 -6.72 -2.60 8.71
N ALA A 48 -7.71 -3.34 8.24
CA ALA A 48 -9.09 -2.94 8.42
C ALA A 48 -9.41 -2.95 9.92
N GLN A 49 -9.03 -4.03 10.58
CA GLN A 49 -9.27 -4.17 12.00
C GLN A 49 -8.47 -3.12 12.78
N ASN A 50 -7.15 -3.21 12.66
CA ASN A 50 -6.27 -2.28 13.34
C ASN A 50 -6.20 -0.97 12.55
N PRO A 51 -5.37 -0.02 13.06
CA PRO A 51 -5.20 1.26 12.41
C PRO A 51 -4.33 1.13 11.15
N HIS A 52 -4.71 1.90 10.14
CA HIS A 52 -3.98 1.88 8.87
C HIS A 52 -3.80 3.31 8.38
N HIS A 53 -2.67 3.53 7.70
CA HIS A 53 -2.36 4.84 7.16
C HIS A 53 -1.72 4.70 5.78
N LEU A 54 -0.86 3.69 5.67
CA LEU A 54 -0.18 3.43 4.40
C LEU A 54 -0.10 1.93 4.18
N VAL A 55 -0.84 1.47 3.17
CA VAL A 55 -0.86 0.05 2.84
C VAL A 55 0.13 -0.22 1.71
N ILE A 56 0.88 -1.29 1.86
CA ILE A 56 1.87 -1.66 0.87
C ILE A 56 1.82 -3.18 0.66
N SER A 57 1.54 -3.56 -0.58
CA SER A 57 1.47 -4.97 -0.93
C SER A 57 2.04 -5.20 -2.33
N ASP A 58 1.92 -6.44 -2.78
CA ASP A 58 2.42 -6.80 -4.10
C ASP A 58 1.34 -6.52 -5.15
N PHE A 59 1.76 -6.56 -6.40
CA PHE A 59 0.83 -6.32 -7.50
C PHE A 59 0.05 -7.59 -7.85
N ASN A 60 0.53 -8.71 -7.33
CA ASN A 60 -0.12 -9.99 -7.58
C ASN A 60 -1.63 -9.82 -7.43
N MET A 61 -2.34 -10.89 -7.75
CA MET A 61 -3.79 -10.89 -7.66
C MET A 61 -4.27 -11.73 -6.48
N PRO A 62 -3.96 -11.24 -5.24
CA PRO A 62 -4.35 -11.95 -4.04
C PRO A 62 -5.84 -11.77 -3.76
N LYS A 63 -6.21 -12.00 -2.51
CA LYS A 63 -7.60 -11.88 -2.11
C LYS A 63 -8.06 -10.43 -2.33
N MET A 64 -7.12 -9.51 -2.18
CA MET A 64 -7.42 -8.11 -2.38
C MET A 64 -6.18 -7.34 -2.85
N ASP A 65 -6.32 -6.70 -4.00
CA ASP A 65 -5.23 -5.92 -4.57
C ASP A 65 -5.71 -4.49 -4.83
N GLY A 66 -4.75 -3.65 -5.18
CA GLY A 66 -5.05 -2.25 -5.46
C GLY A 66 -6.49 -2.08 -5.93
N LEU A 67 -6.95 -3.05 -6.72
CA LEU A 67 -8.30 -3.02 -7.24
C LEU A 67 -9.28 -3.35 -6.11
N GLY A 68 -9.17 -4.56 -5.60
CA GLY A 68 -10.04 -5.00 -4.53
C GLY A 68 -9.87 -4.12 -3.29
N LEU A 69 -8.62 -3.76 -3.02
CA LEU A 69 -8.31 -2.93 -1.88
C LEU A 69 -9.11 -1.63 -1.97
N LEU A 70 -9.08 -1.03 -3.15
CA LEU A 70 -9.80 0.22 -3.37
C LEU A 70 -11.28 0.01 -3.04
N GLN A 71 -11.94 -0.76 -3.89
CA GLN A 71 -13.35 -1.04 -3.70
C GLN A 71 -13.64 -1.36 -2.23
N ALA A 72 -12.65 -1.96 -1.58
CA ALA A 72 -12.78 -2.31 -0.18
C ALA A 72 -12.91 -1.03 0.66
N VAL A 73 -11.98 -0.12 0.41
CA VAL A 73 -11.98 1.14 1.13
C VAL A 73 -13.31 1.87 0.89
N ARG A 74 -13.66 1.99 -0.38
CA ARG A 74 -14.89 2.66 -0.76
C ARG A 74 -16.00 2.33 0.25
N ALA A 75 -15.90 1.13 0.82
CA ALA A 75 -16.88 0.69 1.80
C ALA A 75 -16.50 1.23 3.18
N ASN A 76 -15.24 1.01 3.53
CA ASN A 76 -14.74 1.47 4.82
C ASN A 76 -13.96 2.77 4.64
N PRO A 77 -14.41 3.81 5.37
CA PRO A 77 -13.77 5.11 5.28
C PRO A 77 -12.44 5.12 6.04
N ALA A 78 -12.27 4.11 6.88
CA ALA A 78 -11.05 3.99 7.66
C ALA A 78 -9.86 3.81 6.72
N THR A 79 -10.03 2.92 5.76
CA THR A 79 -8.98 2.66 4.79
C THR A 79 -9.11 3.61 3.59
N LYS A 80 -10.33 4.11 3.40
CA LYS A 80 -10.59 5.02 2.30
C LYS A 80 -9.71 6.26 2.46
N LYS A 81 -9.23 6.47 3.67
CA LYS A 81 -8.39 7.61 3.97
C LYS A 81 -6.92 7.17 3.95
N ALA A 82 -6.73 5.86 3.82
CA ALA A 82 -5.39 5.30 3.78
C ALA A 82 -4.98 5.06 2.33
N ALA A 83 -3.68 5.06 2.11
CA ALA A 83 -3.13 4.84 0.78
C ALA A 83 -2.72 3.38 0.63
N PHE A 84 -2.38 3.01 -0.59
CA PHE A 84 -1.97 1.64 -0.88
C PHE A 84 -0.95 1.61 -2.02
N ILE A 85 0.08 0.79 -1.82
CA ILE A 85 1.12 0.66 -2.83
C ILE A 85 1.07 -0.74 -3.43
N ILE A 86 1.12 -0.77 -4.76
CA ILE A 86 1.06 -2.04 -5.47
C ILE A 86 2.24 -2.12 -6.44
N LEU A 87 3.19 -3.00 -6.11
CA LEU A 87 4.37 -3.18 -6.93
C LEU A 87 4.51 -4.66 -7.28
N THR A 88 5.40 -4.93 -8.24
CA THR A 88 5.64 -6.29 -8.67
C THR A 88 7.14 -6.52 -8.88
N ALA A 89 7.48 -7.76 -9.18
CA ALA A 89 8.86 -8.14 -9.40
C ALA A 89 9.43 -7.29 -10.55
N GLN A 90 8.52 -6.67 -11.29
CA GLN A 90 8.91 -5.84 -12.42
C GLN A 90 8.43 -4.40 -12.20
N GLY A 91 7.21 -4.15 -12.61
CA GLY A 91 6.62 -2.83 -12.47
C GLY A 91 5.38 -2.67 -13.35
N ASP A 92 4.34 -2.09 -12.78
CA ASP A 92 3.11 -1.88 -13.50
C ASP A 92 2.52 -0.52 -13.12
N ARG A 93 3.10 0.53 -13.71
CA ARG A 93 2.64 1.88 -13.43
C ARG A 93 1.17 2.04 -13.84
N ALA A 94 0.82 1.39 -14.95
CA ALA A 94 -0.54 1.46 -15.45
C ALA A 94 -1.48 0.81 -14.44
N LEU A 95 -0.97 -0.21 -13.76
CA LEU A 95 -1.76 -0.91 -12.76
C LEU A 95 -2.03 0.02 -11.58
N VAL A 96 -0.96 0.66 -11.12
CA VAL A 96 -1.07 1.58 -10.00
C VAL A 96 -2.00 2.74 -10.38
N GLN A 97 -1.60 3.45 -11.42
CA GLN A 97 -2.38 4.58 -11.89
C GLN A 97 -3.84 4.17 -12.08
N LYS A 98 -4.04 2.89 -12.35
CA LYS A 98 -5.37 2.36 -12.56
C LYS A 98 -6.14 2.38 -11.24
N ALA A 99 -5.48 1.86 -10.21
CA ALA A 99 -6.08 1.81 -8.89
C ALA A 99 -6.48 3.23 -8.46
N ALA A 100 -5.52 4.13 -8.56
CA ALA A 100 -5.76 5.52 -8.18
C ALA A 100 -6.96 6.05 -8.96
N ALA A 101 -6.94 5.82 -10.27
CA ALA A 101 -8.02 6.27 -11.13
C ALA A 101 -9.31 5.55 -10.73
N LEU A 102 -9.19 4.25 -10.52
CA LEU A 102 -10.34 3.44 -10.13
C LEU A 102 -11.17 4.21 -9.12
N GLY A 103 -10.52 4.67 -8.06
CA GLY A 103 -11.19 5.42 -7.03
C GLY A 103 -10.50 5.20 -5.67
N ALA A 104 -9.18 5.15 -5.71
CA ALA A 104 -8.40 4.96 -4.50
C ALA A 104 -7.99 6.32 -3.93
N ASN A 105 -7.70 6.33 -2.65
CA ASN A 105 -7.28 7.54 -1.97
C ASN A 105 -5.88 7.94 -2.45
N ASN A 106 -4.98 6.97 -2.42
CA ASN A 106 -3.61 7.20 -2.85
C ASN A 106 -2.92 5.85 -3.06
N VAL A 107 -2.56 5.59 -4.31
CA VAL A 107 -1.88 4.36 -4.65
C VAL A 107 -0.57 4.68 -5.38
N LEU A 108 0.50 4.08 -4.88
CA LEU A 108 1.82 4.29 -5.47
C LEU A 108 2.39 2.94 -5.91
N ALA A 109 3.18 3.00 -6.98
CA ALA A 109 3.80 1.79 -7.51
C ALA A 109 5.27 1.76 -7.11
N LYS A 110 5.91 0.63 -7.39
CA LYS A 110 7.31 0.45 -7.05
C LYS A 110 8.02 -0.22 -8.23
N PRO A 111 8.02 0.49 -9.38
CA PRO A 111 8.67 -0.03 -10.58
C PRO A 111 10.19 0.09 -10.47
N PHE A 112 10.83 0.03 -11.63
CA PHE A 112 12.29 0.11 -11.68
C PHE A 112 12.74 1.55 -11.92
N THR A 113 11.83 2.48 -11.64
CA THR A 113 12.13 3.89 -11.82
C THR A 113 11.98 4.64 -10.49
N ILE A 114 13.12 4.83 -9.84
CA ILE A 114 13.14 5.52 -8.56
C ILE A 114 12.40 6.86 -8.70
N GLU A 115 12.39 7.38 -9.92
CA GLU A 115 11.73 8.63 -10.20
C GLU A 115 10.22 8.50 -9.96
N LYS A 116 9.68 7.36 -10.38
CA LYS A 116 8.26 7.10 -10.22
C LYS A 116 7.98 6.75 -8.75
N MET A 117 8.65 5.72 -8.28
CA MET A 117 8.48 5.26 -6.91
C MET A 117 8.73 6.41 -5.93
N LYS A 118 9.90 7.03 -6.07
CA LYS A 118 10.27 8.13 -5.20
C LYS A 118 9.21 9.23 -5.31
N ALA A 119 9.03 9.71 -6.53
CA ALA A 119 8.06 10.77 -6.78
C ALA A 119 6.69 10.32 -6.28
N ALA A 120 6.44 9.02 -6.43
CA ALA A 120 5.17 8.46 -5.99
C ALA A 120 4.98 8.72 -4.51
N ILE A 121 5.94 8.27 -3.72
CA ILE A 121 5.89 8.44 -2.29
C ILE A 121 5.80 9.93 -1.96
N GLU A 122 6.59 10.71 -2.69
CA GLU A 122 6.60 12.16 -2.50
C GLU A 122 5.19 12.73 -2.66
N ALA A 123 4.34 11.95 -3.31
CA ALA A 123 2.96 12.36 -3.54
C ALA A 123 2.10 11.92 -2.36
N VAL A 124 2.25 10.65 -2.00
CA VAL A 124 1.49 10.09 -0.89
C VAL A 124 1.85 10.83 0.39
N PHE A 125 3.08 11.32 0.43
CA PHE A 125 3.56 12.06 1.59
C PHE A 125 3.31 13.57 1.43
N GLY A 126 3.00 13.95 0.20
CA GLY A 126 2.74 15.34 -0.10
C GLY A 126 1.58 15.49 -1.09
N ALA A 127 1.90 15.28 -2.36
CA ALA A 127 0.90 15.39 -3.41
C ALA A 127 0.04 14.12 -3.41
N LEU A 128 -1.13 14.24 -2.80
CA LEU A 128 -2.05 13.11 -2.72
C LEU A 128 -2.45 12.70 -4.14
N LYS A 129 -3.25 13.55 -4.76
CA LYS A 129 -3.72 13.28 -6.11
C LYS A 129 -2.52 13.27 -7.07
N MET A 1 -1.40 11.06 17.49
CA MET A 1 -0.19 10.37 17.09
C MET A 1 0.64 9.99 18.32
N SER A 2 0.02 9.27 19.23
CA SER A 2 0.69 8.83 20.44
C SER A 2 1.50 7.57 20.16
N LEU A 3 0.89 6.66 19.43
CA LEU A 3 1.55 5.40 19.09
C LEU A 3 1.10 4.97 17.69
N ALA A 4 1.41 3.72 17.37
CA ALA A 4 1.05 3.16 16.07
C ALA A 4 -0.45 3.36 15.85
N GLU A 5 -1.16 3.57 16.94
CA GLU A 5 -2.60 3.76 16.86
C GLU A 5 -2.96 4.61 15.64
N LYS A 6 -2.23 5.71 15.49
CA LYS A 6 -2.46 6.61 14.37
C LYS A 6 -1.74 6.07 13.13
N ILE A 7 -0.45 6.32 13.09
CA ILE A 7 0.36 5.88 11.96
C ILE A 7 0.43 4.34 11.98
N LYS A 8 0.13 3.76 10.83
CA LYS A 8 0.16 2.31 10.69
C LYS A 8 0.44 1.94 9.24
N VAL A 9 1.31 0.96 9.07
CA VAL A 9 1.67 0.51 7.74
C VAL A 9 1.47 -1.01 7.65
N LEU A 10 0.93 -1.43 6.52
CA LEU A 10 0.67 -2.85 6.30
C LEU A 10 1.51 -3.33 5.10
N ILE A 11 2.37 -4.30 5.38
CA ILE A 11 3.23 -4.85 4.35
C ILE A 11 2.87 -6.32 4.13
N VAL A 12 1.94 -6.54 3.21
CA VAL A 12 1.50 -7.89 2.88
C VAL A 12 1.66 -8.13 1.38
N ASP A 13 2.18 -9.31 1.06
CA ASP A 13 2.39 -9.67 -0.34
C ASP A 13 2.22 -11.18 -0.49
N ASP A 14 2.21 -11.62 -1.74
CA ASP A 14 2.06 -13.04 -2.03
C ASP A 14 3.39 -13.75 -1.81
N GLN A 15 4.43 -12.95 -1.63
CA GLN A 15 5.76 -13.49 -1.41
C GLN A 15 6.56 -12.56 -0.49
N VAL A 16 7.23 -13.17 0.49
CA VAL A 16 8.02 -12.42 1.42
C VAL A 16 8.98 -11.51 0.66
N THR A 17 9.71 -12.10 -0.28
CA THR A 17 10.65 -11.36 -1.08
C THR A 17 10.06 -10.00 -1.48
N SER A 18 8.88 -10.05 -2.06
CA SER A 18 8.21 -8.83 -2.48
C SER A 18 7.87 -7.97 -1.27
N ARG A 19 7.21 -8.59 -0.30
CA ARG A 19 6.83 -7.89 0.92
C ARG A 19 8.07 -7.44 1.68
N LEU A 20 8.76 -8.41 2.26
CA LEU A 20 9.97 -8.12 3.02
C LEU A 20 10.78 -7.05 2.29
N LEU A 21 10.67 -7.06 0.97
CA LEU A 21 11.39 -6.10 0.15
C LEU A 21 10.83 -4.70 0.41
N LEU A 22 9.52 -4.59 0.31
CA LEU A 22 8.85 -3.32 0.53
C LEU A 22 8.94 -2.95 2.01
N GLY A 23 8.69 -3.95 2.85
CA GLY A 23 8.74 -3.75 4.29
C GLY A 23 10.11 -3.22 4.73
N ASP A 24 11.14 -3.64 3.99
CA ASP A 24 12.50 -3.23 4.28
C ASP A 24 12.70 -1.78 3.81
N ALA A 25 12.27 -1.53 2.59
CA ALA A 25 12.40 -0.20 2.02
C ALA A 25 11.48 0.77 2.77
N LEU A 26 10.25 0.34 2.97
CA LEU A 26 9.27 1.17 3.67
C LEU A 26 9.83 1.53 5.04
N GLN A 27 10.23 0.50 5.78
CA GLN A 27 10.79 0.71 7.10
C GLN A 27 12.00 1.64 7.04
N GLN A 28 12.71 1.56 5.92
CA GLN A 28 13.89 2.38 5.73
C GLN A 28 13.48 3.81 5.37
N LEU A 29 12.21 3.97 5.07
CA LEU A 29 11.67 5.28 4.70
C LEU A 29 11.33 6.05 5.98
N GLY A 30 10.60 5.39 6.86
CA GLY A 30 10.20 6.01 8.12
C GLY A 30 8.85 5.47 8.58
N PHE A 31 8.74 4.15 8.59
CA PHE A 31 7.51 3.50 9.02
C PHE A 31 7.31 3.64 10.53
N LYS A 32 6.08 3.93 10.90
CA LYS A 32 5.73 4.10 12.30
C LYS A 32 5.44 2.72 12.92
N GLN A 33 4.60 1.97 12.24
CA GLN A 33 4.23 0.64 12.71
C GLN A 33 4.02 -0.31 11.51
N ILE A 34 5.06 -1.05 11.21
CA ILE A 34 5.00 -2.00 10.10
C ILE A 34 4.25 -3.25 10.55
N THR A 35 3.33 -3.68 9.69
CA THR A 35 2.53 -4.86 9.99
C THR A 35 2.41 -5.74 8.74
N ALA A 36 3.01 -6.91 8.82
CA ALA A 36 2.96 -7.85 7.71
C ALA A 36 1.83 -8.86 7.95
N ALA A 37 1.26 -9.32 6.84
CA ALA A 37 0.16 -10.27 6.90
C ALA A 37 0.41 -11.39 5.88
N GLY A 38 -0.54 -12.30 5.82
CA GLY A 38 -0.44 -13.42 4.89
C GLY A 38 -0.36 -12.92 3.44
N ASP A 39 -1.37 -12.16 3.06
CA ASP A 39 -1.42 -11.62 1.71
C ASP A 39 -2.74 -10.85 1.53
N GLY A 40 -2.81 -10.11 0.43
CA GLY A 40 -3.99 -9.32 0.12
C GLY A 40 -4.83 -9.11 1.38
N GLU A 41 -6.00 -9.72 1.38
CA GLU A 41 -6.91 -9.60 2.51
C GLU A 41 -6.19 -9.94 3.82
N GLN A 42 -5.56 -11.11 3.82
CA GLN A 42 -4.83 -11.56 4.99
C GLN A 42 -4.13 -10.39 5.66
N GLY A 43 -3.78 -9.39 4.85
CA GLY A 43 -3.11 -8.21 5.36
C GLY A 43 -4.05 -7.01 5.36
N MET A 44 -4.76 -6.85 4.25
CA MET A 44 -5.69 -5.74 4.10
C MET A 44 -6.70 -5.73 5.24
N LYS A 45 -7.31 -6.89 5.46
CA LYS A 45 -8.31 -7.02 6.52
C LYS A 45 -7.68 -6.60 7.86
N ILE A 46 -6.40 -6.93 8.00
CA ILE A 46 -5.68 -6.60 9.22
C ILE A 46 -5.70 -5.08 9.42
N MET A 47 -5.46 -4.37 8.33
CA MET A 47 -5.43 -2.91 8.37
C MET A 47 -6.83 -2.36 8.67
N ALA A 48 -7.84 -3.07 8.16
CA ALA A 48 -9.22 -2.66 8.37
C ALA A 48 -9.54 -2.70 9.86
N GLN A 49 -9.17 -3.80 10.49
CA GLN A 49 -9.42 -3.97 11.92
C GLN A 49 -8.61 -2.95 12.71
N ASN A 50 -7.30 -3.07 12.61
CA ASN A 50 -6.41 -2.17 13.32
C ASN A 50 -6.32 -0.84 12.56
N PRO A 51 -5.43 0.06 13.06
CA PRO A 51 -5.24 1.35 12.44
C PRO A 51 -4.42 1.22 11.15
N HIS A 52 -4.82 2.00 10.16
CA HIS A 52 -4.15 1.99 8.87
C HIS A 52 -3.86 3.43 8.42
N HIS A 53 -2.65 3.62 7.90
CA HIS A 53 -2.24 4.93 7.44
C HIS A 53 -1.62 4.80 6.05
N LEU A 54 -0.85 3.74 5.87
CA LEU A 54 -0.19 3.49 4.60
C LEU A 54 -0.12 1.99 4.35
N VAL A 55 -0.85 1.55 3.34
CA VAL A 55 -0.88 0.15 2.99
C VAL A 55 0.13 -0.12 1.87
N ILE A 56 0.88 -1.19 2.03
CA ILE A 56 1.89 -1.56 1.05
C ILE A 56 1.84 -3.08 0.82
N SER A 57 1.56 -3.44 -0.42
CA SER A 57 1.48 -4.86 -0.79
C SER A 57 2.08 -5.07 -2.17
N ASP A 58 1.97 -6.31 -2.64
CA ASP A 58 2.51 -6.65 -3.95
C ASP A 58 1.45 -6.36 -5.02
N PHE A 59 1.91 -6.33 -6.26
CA PHE A 59 1.04 -6.07 -7.39
C PHE A 59 0.27 -7.31 -7.80
N ASN A 60 0.74 -8.45 -7.30
CA ASN A 60 0.12 -9.73 -7.61
C ASN A 60 -1.39 -9.60 -7.47
N MET A 61 -2.09 -10.67 -7.80
CA MET A 61 -3.53 -10.70 -7.70
C MET A 61 -4.00 -11.56 -6.54
N PRO A 62 -3.71 -11.08 -5.30
CA PRO A 62 -4.10 -11.80 -4.10
C PRO A 62 -5.59 -11.66 -3.83
N LYS A 63 -5.97 -11.91 -2.59
CA LYS A 63 -7.36 -11.81 -2.19
C LYS A 63 -7.86 -10.39 -2.43
N MET A 64 -6.94 -9.45 -2.31
CA MET A 64 -7.28 -8.04 -2.51
C MET A 64 -6.06 -7.26 -2.99
N ASP A 65 -6.22 -6.63 -4.15
CA ASP A 65 -5.15 -5.84 -4.74
C ASP A 65 -5.65 -4.42 -4.99
N GLY A 66 -4.72 -3.56 -5.37
CA GLY A 66 -5.05 -2.16 -5.63
C GLY A 66 -6.51 -2.02 -6.08
N LEU A 67 -6.95 -3.00 -6.86
CA LEU A 67 -8.32 -3.00 -7.35
C LEU A 67 -9.28 -3.33 -6.20
N GLY A 68 -9.14 -4.54 -5.68
CA GLY A 68 -9.98 -4.98 -4.58
C GLY A 68 -9.79 -4.10 -3.36
N LEU A 69 -8.55 -3.73 -3.12
CA LEU A 69 -8.21 -2.88 -1.98
C LEU A 69 -9.04 -1.60 -2.06
N LEU A 70 -9.03 -0.99 -3.24
CA LEU A 70 -9.77 0.24 -3.45
C LEU A 70 -11.24 0.02 -3.12
N GLN A 71 -11.89 -0.78 -3.95
CA GLN A 71 -13.30 -1.09 -3.76
C GLN A 71 -13.58 -1.37 -2.29
N ALA A 72 -12.59 -1.95 -1.63
CA ALA A 72 -12.71 -2.28 -0.22
C ALA A 72 -12.85 -0.99 0.60
N VAL A 73 -11.95 -0.07 0.34
CA VAL A 73 -11.96 1.21 1.04
C VAL A 73 -13.30 1.92 0.79
N ARG A 74 -13.65 2.01 -0.48
CA ARG A 74 -14.89 2.64 -0.88
C ARG A 74 -16.00 2.31 0.13
N ALA A 75 -15.88 1.12 0.72
CA ALA A 75 -16.85 0.68 1.69
C ALA A 75 -16.52 1.27 3.06
N ASN A 76 -15.26 1.12 3.45
CA ASN A 76 -14.80 1.63 4.73
C ASN A 76 -14.06 2.95 4.50
N PRO A 77 -14.53 4.00 5.20
CA PRO A 77 -13.92 5.33 5.08
C PRO A 77 -12.59 5.38 5.83
N ALA A 78 -12.38 4.38 6.68
CA ALA A 78 -11.15 4.30 7.46
C ALA A 78 -9.96 4.13 6.51
N THR A 79 -10.11 3.20 5.58
CA THR A 79 -9.07 2.93 4.62
C THR A 79 -9.22 3.83 3.39
N LYS A 80 -10.44 4.30 3.20
CA LYS A 80 -10.73 5.18 2.07
C LYS A 80 -9.85 6.43 2.17
N LYS A 81 -9.35 6.67 3.36
CA LYS A 81 -8.50 7.83 3.60
C LYS A 81 -7.04 7.38 3.69
N ALA A 82 -6.85 6.07 3.59
CA ALA A 82 -5.52 5.50 3.65
C ALA A 82 -5.01 5.25 2.24
N ALA A 83 -3.70 5.22 2.11
CA ALA A 83 -3.07 5.00 0.82
C ALA A 83 -2.69 3.52 0.69
N PHE A 84 -2.26 3.15 -0.51
CA PHE A 84 -1.87 1.78 -0.77
C PHE A 84 -0.81 1.71 -1.89
N ILE A 85 0.20 0.91 -1.63
CA ILE A 85 1.29 0.75 -2.59
C ILE A 85 1.21 -0.65 -3.21
N ILE A 86 1.26 -0.68 -4.54
CA ILE A 86 1.20 -1.93 -5.26
C ILE A 86 2.38 -2.02 -6.23
N LEU A 87 3.33 -2.87 -5.90
CA LEU A 87 4.50 -3.06 -6.74
C LEU A 87 4.69 -4.55 -7.04
N THR A 88 5.54 -4.82 -8.01
CA THR A 88 5.82 -6.19 -8.40
C THR A 88 7.31 -6.37 -8.70
N ALA A 89 7.68 -7.61 -8.95
CA ALA A 89 9.06 -7.93 -9.25
C ALA A 89 9.50 -7.18 -10.51
N GLN A 90 8.50 -6.66 -11.22
CA GLN A 90 8.77 -5.91 -12.44
C GLN A 90 8.35 -4.45 -12.28
N GLY A 91 7.09 -4.20 -12.56
CA GLY A 91 6.54 -2.85 -12.46
C GLY A 91 5.32 -2.67 -13.35
N ASP A 92 4.29 -2.08 -12.78
CA ASP A 92 3.06 -1.84 -13.52
C ASP A 92 2.49 -0.48 -13.14
N ARG A 93 3.07 0.56 -13.71
CA ARG A 93 2.64 1.91 -13.44
C ARG A 93 1.15 2.08 -13.78
N ALA A 94 0.74 1.42 -14.85
CA ALA A 94 -0.64 1.49 -15.29
C ALA A 94 -1.53 0.84 -14.23
N LEU A 95 -1.03 -0.24 -13.66
CA LEU A 95 -1.77 -0.95 -12.62
C LEU A 95 -2.04 -0.01 -11.45
N VAL A 96 -0.98 0.67 -11.02
CA VAL A 96 -1.09 1.60 -9.92
C VAL A 96 -2.00 2.77 -10.32
N GLN A 97 -1.57 3.49 -11.34
CA GLN A 97 -2.33 4.62 -11.83
C GLN A 97 -3.79 4.23 -12.05
N LYS A 98 -3.99 2.95 -12.34
CA LYS A 98 -5.33 2.43 -12.57
C LYS A 98 -6.10 2.44 -11.26
N ALA A 99 -5.46 1.90 -10.23
CA ALA A 99 -6.09 1.84 -8.91
C ALA A 99 -6.47 3.25 -8.47
N ALA A 100 -5.50 4.14 -8.51
CA ALA A 100 -5.73 5.53 -8.12
C ALA A 100 -6.92 6.09 -8.92
N ALA A 101 -6.86 5.87 -10.22
CA ALA A 101 -7.92 6.34 -11.10
C ALA A 101 -9.24 5.65 -10.73
N LEU A 102 -9.14 4.35 -10.55
CA LEU A 102 -10.31 3.55 -10.20
C LEU A 102 -11.15 4.33 -9.18
N GLY A 103 -10.49 4.73 -8.11
CA GLY A 103 -11.18 5.48 -7.07
C GLY A 103 -10.50 5.27 -5.70
N ALA A 104 -9.17 5.23 -5.75
CA ALA A 104 -8.39 5.03 -4.54
C ALA A 104 -7.98 6.39 -3.98
N ASN A 105 -7.68 6.40 -2.69
CA ASN A 105 -7.27 7.62 -2.02
C ASN A 105 -5.87 8.02 -2.50
N ASN A 106 -4.97 7.05 -2.44
CA ASN A 106 -3.60 7.29 -2.86
C ASN A 106 -2.89 5.95 -3.04
N VAL A 107 -2.51 5.67 -4.28
CA VAL A 107 -1.82 4.44 -4.59
C VAL A 107 -0.53 4.74 -5.35
N LEU A 108 0.55 4.15 -4.88
CA LEU A 108 1.85 4.35 -5.50
C LEU A 108 2.44 3.01 -5.89
N ALA A 109 3.21 3.02 -6.98
CA ALA A 109 3.83 1.81 -7.47
C ALA A 109 5.32 1.83 -7.11
N LYS A 110 5.98 0.70 -7.36
CA LYS A 110 7.39 0.57 -7.06
C LYS A 110 8.09 -0.13 -8.23
N PRO A 111 8.06 0.55 -9.41
CA PRO A 111 8.68 0.00 -10.61
C PRO A 111 10.21 0.12 -10.53
N PHE A 112 10.83 0.02 -11.70
CA PHE A 112 12.27 0.12 -11.79
C PHE A 112 12.71 1.56 -12.06
N THR A 113 11.81 2.48 -11.76
CA THR A 113 12.08 3.89 -11.97
C THR A 113 11.94 4.67 -10.65
N ILE A 114 13.08 4.87 -10.01
CA ILE A 114 13.10 5.58 -8.74
C ILE A 114 12.35 6.91 -8.89
N GLU A 115 12.33 7.40 -10.12
CA GLU A 115 11.66 8.65 -10.41
C GLU A 115 10.15 8.52 -10.16
N LYS A 116 9.62 7.37 -10.55
CA LYS A 116 8.20 7.09 -10.38
C LYS A 116 7.93 6.78 -8.91
N MET A 117 8.61 5.75 -8.41
CA MET A 117 8.45 5.35 -7.03
C MET A 117 8.71 6.52 -6.08
N LYS A 118 9.86 7.14 -6.25
CA LYS A 118 10.24 8.27 -5.42
C LYS A 118 9.18 9.37 -5.55
N ALA A 119 8.99 9.82 -6.78
CA ALA A 119 8.02 10.86 -7.05
C ALA A 119 6.65 10.42 -6.53
N ALA A 120 6.40 9.12 -6.66
CA ALA A 120 5.13 8.56 -6.22
C ALA A 120 4.92 8.91 -4.74
N ILE A 121 5.89 8.54 -3.93
CA ILE A 121 5.82 8.80 -2.50
C ILE A 121 5.64 10.30 -2.27
N GLU A 122 6.39 11.08 -3.04
CA GLU A 122 6.33 12.52 -2.93
C GLU A 122 4.88 13.00 -3.13
N ALA A 123 4.09 12.15 -3.77
CA ALA A 123 2.70 12.48 -4.03
C ALA A 123 1.85 12.03 -2.84
N VAL A 124 2.11 10.81 -2.40
CA VAL A 124 1.37 10.25 -1.28
C VAL A 124 1.62 11.10 -0.03
N PHE A 125 2.80 11.70 0.01
CA PHE A 125 3.18 12.54 1.14
C PHE A 125 2.79 14.00 0.88
N GLY A 126 2.10 14.20 -0.22
CA GLY A 126 1.66 15.54 -0.59
C GLY A 126 0.45 15.49 -1.51
N ALA A 127 0.68 15.00 -2.73
CA ALA A 127 -0.38 14.89 -3.71
C ALA A 127 -1.29 13.72 -3.34
N LEU A 128 -2.14 13.36 -4.29
CA LEU A 128 -3.07 12.25 -4.07
C LEU A 128 -2.37 10.93 -4.44
N LYS A 129 -2.31 10.67 -5.73
CA LYS A 129 -1.67 9.45 -6.21
C LYS A 129 -0.16 9.67 -6.31
N MET A 1 -5.90 8.61 18.61
CA MET A 1 -4.68 9.28 18.17
C MET A 1 -3.90 9.86 19.36
N SER A 2 -3.31 8.95 20.13
CA SER A 2 -2.54 9.36 21.29
C SER A 2 -1.12 9.73 20.88
N LEU A 3 -0.58 8.95 19.96
CA LEU A 3 0.77 9.19 19.47
C LEU A 3 0.83 8.84 17.98
N ALA A 4 2.06 8.74 17.48
CA ALA A 4 2.27 8.42 16.08
C ALA A 4 1.51 7.12 15.75
N GLU A 5 1.21 6.35 16.79
CA GLU A 5 0.50 5.10 16.62
C GLU A 5 -0.53 5.24 15.50
N LYS A 6 -1.26 6.33 15.53
CA LYS A 6 -2.28 6.59 14.53
C LYS A 6 -1.81 6.07 13.18
N ILE A 7 -0.51 6.23 12.94
CA ILE A 7 0.08 5.77 11.69
C ILE A 7 0.28 4.26 11.74
N LYS A 8 -0.05 3.61 10.63
CA LYS A 8 0.08 2.18 10.54
C LYS A 8 0.38 1.79 9.08
N VAL A 9 1.29 0.84 8.93
CA VAL A 9 1.67 0.37 7.60
C VAL A 9 1.49 -1.14 7.52
N LEU A 10 0.89 -1.58 6.43
CA LEU A 10 0.65 -2.99 6.22
C LEU A 10 1.46 -3.48 5.02
N ILE A 11 2.34 -4.43 5.28
CA ILE A 11 3.19 -4.98 4.24
C ILE A 11 2.82 -6.45 4.02
N VAL A 12 1.88 -6.67 3.11
CA VAL A 12 1.43 -8.02 2.80
C VAL A 12 1.59 -8.26 1.30
N ASP A 13 2.06 -9.46 0.98
CA ASP A 13 2.25 -9.82 -0.42
C ASP A 13 2.04 -11.34 -0.57
N ASP A 14 2.01 -11.78 -1.82
CA ASP A 14 1.82 -13.19 -2.12
C ASP A 14 3.12 -13.94 -1.80
N GLN A 15 4.21 -13.20 -1.79
CA GLN A 15 5.51 -13.79 -1.51
C GLN A 15 6.33 -12.85 -0.61
N VAL A 16 7.00 -13.45 0.36
CA VAL A 16 7.82 -12.69 1.29
C VAL A 16 8.78 -11.80 0.50
N THR A 17 9.50 -12.42 -0.42
CA THR A 17 10.46 -11.71 -1.24
C THR A 17 9.90 -10.34 -1.63
N SER A 18 8.70 -10.36 -2.18
CA SER A 18 8.04 -9.12 -2.60
C SER A 18 7.76 -8.25 -1.37
N ARG A 19 7.10 -8.84 -0.39
CA ARG A 19 6.76 -8.13 0.82
C ARG A 19 8.03 -7.73 1.58
N LEU A 20 8.69 -8.73 2.15
CA LEU A 20 9.91 -8.50 2.90
C LEU A 20 10.74 -7.44 2.17
N LEU A 21 10.63 -7.44 0.85
CA LEU A 21 11.37 -6.48 0.04
C LEU A 21 10.84 -5.07 0.31
N LEU A 22 9.54 -4.93 0.22
CA LEU A 22 8.90 -3.64 0.46
C LEU A 22 8.98 -3.31 1.95
N GLY A 23 8.67 -4.30 2.76
CA GLY A 23 8.70 -4.13 4.21
C GLY A 23 10.08 -3.67 4.68
N ASP A 24 11.09 -4.11 3.95
CA ASP A 24 12.47 -3.75 4.28
C ASP A 24 12.73 -2.31 3.85
N ALA A 25 12.33 -2.00 2.62
CA ALA A 25 12.51 -0.67 2.09
C ALA A 25 11.62 0.31 2.86
N LEU A 26 10.36 -0.08 3.00
CA LEU A 26 9.40 0.75 3.71
C LEU A 26 9.95 1.08 5.11
N GLN A 27 10.33 0.03 5.82
CA GLN A 27 10.85 0.18 7.16
C GLN A 27 12.11 1.05 7.12
N GLN A 28 12.85 0.93 6.04
CA GLN A 28 14.08 1.69 5.87
C GLN A 28 13.76 3.15 5.49
N LEU A 29 12.49 3.36 5.15
CA LEU A 29 12.05 4.69 4.76
C LEU A 29 11.79 5.52 6.02
N GLY A 30 11.03 4.94 6.94
CA GLY A 30 10.71 5.61 8.18
C GLY A 30 9.23 5.42 8.54
N PHE A 31 8.81 4.16 8.52
CA PHE A 31 7.43 3.83 8.84
C PHE A 31 7.20 3.87 10.35
N LYS A 32 5.94 4.02 10.71
CA LYS A 32 5.56 4.08 12.12
C LYS A 32 5.49 2.67 12.68
N GLN A 33 4.56 1.89 12.14
CA GLN A 33 4.38 0.52 12.58
C GLN A 33 4.17 -0.40 11.38
N ILE A 34 5.16 -1.25 11.14
CA ILE A 34 5.09 -2.19 10.03
C ILE A 34 4.31 -3.43 10.46
N THR A 35 3.38 -3.83 9.59
CA THR A 35 2.56 -4.99 9.87
C THR A 35 2.41 -5.85 8.61
N ALA A 36 2.98 -7.04 8.67
CA ALA A 36 2.93 -7.97 7.55
C ALA A 36 1.81 -8.98 7.79
N ALA A 37 1.24 -9.45 6.69
CA ALA A 37 0.16 -10.43 6.76
C ALA A 37 0.39 -11.51 5.72
N GLY A 38 -0.55 -12.44 5.65
CA GLY A 38 -0.47 -13.55 4.72
C GLY A 38 -0.42 -13.02 3.27
N ASP A 39 -1.45 -12.26 2.92
CA ASP A 39 -1.54 -11.70 1.58
C ASP A 39 -2.84 -10.90 1.46
N GLY A 40 -2.92 -10.15 0.37
CA GLY A 40 -4.11 -9.34 0.12
C GLY A 40 -4.94 -9.18 1.40
N GLU A 41 -6.10 -9.81 1.38
CA GLU A 41 -7.00 -9.74 2.53
C GLU A 41 -6.25 -10.10 3.80
N GLN A 42 -5.61 -11.26 3.78
CA GLN A 42 -4.85 -11.72 4.93
C GLN A 42 -4.15 -10.55 5.61
N GLY A 43 -3.83 -9.54 4.82
CA GLY A 43 -3.16 -8.36 5.33
C GLY A 43 -4.12 -7.16 5.37
N MET A 44 -4.84 -6.98 4.28
CA MET A 44 -5.78 -5.89 4.18
C MET A 44 -6.78 -5.91 5.35
N LYS A 45 -7.36 -7.07 5.56
CA LYS A 45 -8.32 -7.24 6.64
C LYS A 45 -7.66 -6.86 7.97
N ILE A 46 -6.40 -7.20 8.09
CA ILE A 46 -5.64 -6.90 9.29
C ILE A 46 -5.64 -5.39 9.52
N MET A 47 -5.42 -4.66 8.44
CA MET A 47 -5.39 -3.21 8.51
C MET A 47 -6.78 -2.65 8.84
N ALA A 48 -7.80 -3.34 8.34
CA ALA A 48 -9.17 -2.92 8.56
C ALA A 48 -9.46 -2.96 10.07
N GLN A 49 -9.08 -4.05 10.69
CA GLN A 49 -9.30 -4.22 12.11
C GLN A 49 -8.47 -3.20 12.90
N ASN A 50 -7.16 -3.32 12.77
CA ASN A 50 -6.26 -2.41 13.47
C ASN A 50 -6.19 -1.09 12.69
N PRO A 51 -5.32 -0.18 13.20
CA PRO A 51 -5.14 1.12 12.57
C PRO A 51 -4.32 1.00 11.29
N HIS A 52 -4.72 1.78 10.30
CA HIS A 52 -4.04 1.77 9.01
C HIS A 52 -3.85 3.21 8.52
N HIS A 53 -2.72 3.44 7.86
CA HIS A 53 -2.40 4.76 7.34
C HIS A 53 -1.83 4.62 5.94
N LEU A 54 -1.01 3.59 5.76
CA LEU A 54 -0.39 3.34 4.47
C LEU A 54 -0.27 1.83 4.25
N VAL A 55 -0.91 1.38 3.18
CA VAL A 55 -0.90 -0.04 2.85
C VAL A 55 0.14 -0.29 1.75
N ILE A 56 0.86 -1.39 1.89
CA ILE A 56 1.89 -1.75 0.93
C ILE A 56 1.83 -3.25 0.67
N SER A 57 1.58 -3.60 -0.58
CA SER A 57 1.49 -4.99 -0.98
C SER A 57 2.09 -5.18 -2.37
N ASP A 58 1.99 -6.40 -2.87
CA ASP A 58 2.51 -6.73 -4.19
C ASP A 58 1.42 -6.48 -5.23
N PHE A 59 1.82 -6.59 -6.49
CA PHE A 59 0.90 -6.37 -7.60
C PHE A 59 0.10 -7.65 -7.90
N ASN A 60 0.59 -8.76 -7.35
CA ASN A 60 -0.06 -10.04 -7.55
C ASN A 60 -1.58 -9.86 -7.43
N MET A 61 -2.29 -10.93 -7.73
CA MET A 61 -3.74 -10.91 -7.68
C MET A 61 -4.25 -11.72 -6.48
N PRO A 62 -3.97 -11.20 -5.27
CA PRO A 62 -4.40 -11.87 -4.05
C PRO A 62 -5.90 -11.70 -3.82
N LYS A 63 -6.31 -11.88 -2.58
CA LYS A 63 -7.71 -11.75 -2.21
C LYS A 63 -8.16 -10.31 -2.47
N MET A 64 -7.23 -9.39 -2.29
CA MET A 64 -7.52 -7.98 -2.50
C MET A 64 -6.28 -7.23 -3.01
N ASP A 65 -6.42 -6.70 -4.21
CA ASP A 65 -5.33 -5.96 -4.83
C ASP A 65 -5.77 -4.52 -5.07
N GLY A 66 -4.80 -3.70 -5.48
CA GLY A 66 -5.09 -2.30 -5.75
C GLY A 66 -6.55 -2.09 -6.13
N LEU A 67 -7.07 -3.04 -6.90
CA LEU A 67 -8.46 -2.97 -7.34
C LEU A 67 -9.37 -3.29 -6.15
N GLY A 68 -9.25 -4.51 -5.66
CA GLY A 68 -10.06 -4.95 -4.53
C GLY A 68 -9.81 -4.07 -3.31
N LEU A 69 -8.54 -3.76 -3.10
CA LEU A 69 -8.16 -2.94 -1.96
C LEU A 69 -8.92 -1.61 -2.01
N LEU A 70 -8.93 -1.01 -3.19
CA LEU A 70 -9.62 0.25 -3.39
C LEU A 70 -11.09 0.08 -3.03
N GLN A 71 -11.80 -0.66 -3.87
CA GLN A 71 -13.21 -0.91 -3.66
C GLN A 71 -13.47 -1.24 -2.20
N ALA A 72 -12.49 -1.87 -1.57
CA ALA A 72 -12.61 -2.25 -0.18
C ALA A 72 -12.70 -0.98 0.68
N VAL A 73 -11.78 -0.07 0.44
CA VAL A 73 -11.75 1.18 1.17
C VAL A 73 -13.08 1.91 0.98
N ARG A 74 -13.45 2.06 -0.29
CA ARG A 74 -14.69 2.73 -0.63
C ARG A 74 -15.78 2.39 0.38
N ALA A 75 -15.67 1.18 0.92
CA ALA A 75 -16.65 0.72 1.89
C ALA A 75 -16.27 1.25 3.29
N ASN A 76 -15.03 0.99 3.66
CA ASN A 76 -14.53 1.44 4.95
C ASN A 76 -13.81 2.77 4.78
N PRO A 77 -14.28 3.79 5.56
CA PRO A 77 -13.68 5.11 5.50
C PRO A 77 -12.34 5.13 6.23
N ALA A 78 -12.09 4.09 6.99
CA ALA A 78 -10.85 3.98 7.74
C ALA A 78 -9.68 3.84 6.76
N THR A 79 -9.87 2.97 5.78
CA THR A 79 -8.84 2.73 4.78
C THR A 79 -9.03 3.68 3.59
N LYS A 80 -10.26 4.16 3.46
CA LYS A 80 -10.58 5.06 2.37
C LYS A 80 -9.66 6.29 2.44
N LYS A 81 -9.14 6.53 3.63
CA LYS A 81 -8.25 7.65 3.84
C LYS A 81 -6.81 7.16 3.89
N ALA A 82 -6.66 5.85 3.71
CA ALA A 82 -5.35 5.23 3.73
C ALA A 82 -4.88 4.97 2.30
N ALA A 83 -3.58 5.11 2.10
CA ALA A 83 -3.00 4.90 0.79
C ALA A 83 -2.60 3.43 0.63
N PHE A 84 -2.21 3.08 -0.58
CA PHE A 84 -1.80 1.72 -0.87
C PHE A 84 -0.71 1.68 -1.95
N ILE A 85 0.27 0.81 -1.72
CA ILE A 85 1.37 0.68 -2.66
C ILE A 85 1.27 -0.68 -3.36
N ILE A 86 1.40 -0.64 -4.68
CA ILE A 86 1.32 -1.86 -5.47
C ILE A 86 2.54 -1.94 -6.39
N LEU A 87 3.42 -2.87 -6.07
CA LEU A 87 4.62 -3.06 -6.86
C LEU A 87 4.71 -4.52 -7.32
N THR A 88 5.63 -4.77 -8.23
CA THR A 88 5.83 -6.11 -8.75
C THR A 88 7.32 -6.40 -8.94
N ALA A 89 7.61 -7.64 -9.32
CA ALA A 89 8.98 -8.06 -9.54
C ALA A 89 9.61 -7.17 -10.62
N GLN A 90 8.75 -6.49 -11.35
CA GLN A 90 9.20 -5.61 -12.42
C GLN A 90 8.68 -4.18 -12.19
N GLY A 91 7.48 -3.94 -12.68
CA GLY A 91 6.87 -2.64 -12.55
C GLY A 91 5.62 -2.52 -13.43
N ASP A 92 4.56 -1.98 -12.84
CA ASP A 92 3.32 -1.80 -13.56
C ASP A 92 2.70 -0.45 -13.19
N ARG A 93 3.24 0.60 -13.78
CA ARG A 93 2.75 1.94 -13.51
C ARG A 93 1.28 2.06 -13.89
N ALA A 94 0.90 1.32 -14.93
CA ALA A 94 -0.48 1.32 -15.39
C ALA A 94 -1.38 0.71 -14.33
N LEU A 95 -0.91 -0.39 -13.76
CA LEU A 95 -1.66 -1.08 -12.72
C LEU A 95 -1.93 -0.12 -11.57
N VAL A 96 -0.87 0.53 -11.12
CA VAL A 96 -0.98 1.48 -10.02
C VAL A 96 -1.90 2.63 -10.44
N GLN A 97 -1.52 3.30 -11.51
CA GLN A 97 -2.31 4.41 -12.01
C GLN A 97 -3.77 4.00 -12.16
N LYS A 98 -3.98 2.72 -12.40
CA LYS A 98 -5.32 2.19 -12.56
C LYS A 98 -6.06 2.28 -11.23
N ALA A 99 -5.41 1.76 -10.19
CA ALA A 99 -5.99 1.77 -8.87
C ALA A 99 -6.42 3.20 -8.51
N ALA A 100 -5.48 4.12 -8.68
CA ALA A 100 -5.74 5.52 -8.40
C ALA A 100 -6.99 5.98 -9.16
N ALA A 101 -7.06 5.55 -10.41
CA ALA A 101 -8.18 5.91 -11.26
C ALA A 101 -9.45 5.23 -10.73
N LEU A 102 -9.32 3.94 -10.48
CA LEU A 102 -10.44 3.16 -9.98
C LEU A 102 -11.21 3.99 -8.95
N GLY A 103 -10.46 4.65 -8.07
CA GLY A 103 -11.06 5.48 -7.05
C GLY A 103 -10.36 5.27 -5.70
N ALA A 104 -9.04 5.24 -5.74
CA ALA A 104 -8.25 5.05 -4.54
C ALA A 104 -7.83 6.41 -4.00
N ASN A 105 -7.50 6.42 -2.71
CA ASN A 105 -7.08 7.64 -2.06
C ASN A 105 -5.68 8.02 -2.55
N ASN A 106 -4.80 7.04 -2.53
CA ASN A 106 -3.43 7.26 -2.97
C ASN A 106 -2.73 5.91 -3.15
N VAL A 107 -2.36 5.64 -4.39
CA VAL A 107 -1.69 4.38 -4.72
C VAL A 107 -0.40 4.69 -5.49
N LEU A 108 0.70 4.14 -5.00
CA LEU A 108 1.98 4.33 -5.64
C LEU A 108 2.58 2.98 -6.01
N ALA A 109 3.33 2.98 -7.10
CA ALA A 109 3.96 1.76 -7.57
C ALA A 109 5.46 1.80 -7.25
N LYS A 110 6.12 0.68 -7.48
CA LYS A 110 7.54 0.57 -7.22
C LYS A 110 8.24 -0.05 -8.44
N PRO A 111 8.18 0.69 -9.58
CA PRO A 111 8.80 0.23 -10.80
C PRO A 111 10.32 0.36 -10.74
N PHE A 112 10.93 0.36 -11.92
CA PHE A 112 12.38 0.49 -12.01
C PHE A 112 12.77 1.95 -12.29
N THR A 113 11.86 2.85 -12.00
CA THR A 113 12.10 4.27 -12.21
C THR A 113 11.98 5.04 -10.90
N ILE A 114 13.13 5.26 -10.27
CA ILE A 114 13.18 5.98 -9.01
C ILE A 114 12.39 7.28 -9.15
N GLU A 115 12.35 7.79 -10.37
CA GLU A 115 11.64 9.03 -10.64
C GLU A 115 10.14 8.85 -10.39
N LYS A 116 9.64 7.70 -10.80
CA LYS A 116 8.23 7.39 -10.63
C LYS A 116 7.97 7.04 -9.16
N MET A 117 8.68 6.02 -8.69
CA MET A 117 8.54 5.59 -7.31
C MET A 117 8.77 6.73 -6.33
N LYS A 118 9.92 7.37 -6.49
CA LYS A 118 10.27 8.49 -5.63
C LYS A 118 9.19 9.56 -5.72
N ALA A 119 8.97 10.04 -6.94
CA ALA A 119 7.96 11.06 -7.17
C ALA A 119 6.62 10.57 -6.64
N ALA A 120 6.40 9.27 -6.78
CA ALA A 120 5.16 8.66 -6.33
C ALA A 120 5.00 8.90 -4.82
N ILE A 121 6.01 8.47 -4.07
CA ILE A 121 6.00 8.63 -2.64
C ILE A 121 5.84 10.11 -2.29
N GLU A 122 6.56 10.94 -3.04
CA GLU A 122 6.50 12.37 -2.82
C GLU A 122 5.07 12.88 -2.92
N ALA A 123 4.23 12.07 -3.57
CA ALA A 123 2.83 12.42 -3.72
C ALA A 123 2.04 11.92 -2.52
N VAL A 124 2.27 10.65 -2.18
CA VAL A 124 1.59 10.04 -1.05
C VAL A 124 1.94 10.81 0.23
N PHE A 125 3.16 11.33 0.24
CA PHE A 125 3.63 12.08 1.40
C PHE A 125 3.27 13.56 1.26
N GLY A 126 2.85 13.93 0.07
CA GLY A 126 2.47 15.31 -0.20
C GLY A 126 1.25 15.37 -1.14
N ALA A 127 1.54 15.21 -2.43
CA ALA A 127 0.48 15.26 -3.42
C ALA A 127 -0.28 13.93 -3.40
N LEU A 128 -1.42 13.96 -2.74
CA LEU A 128 -2.25 12.77 -2.64
C LEU A 128 -2.75 12.38 -4.03
N LYS A 129 -3.67 13.18 -4.55
CA LYS A 129 -4.23 12.92 -5.87
C LYS A 129 -3.58 13.88 -6.88
N MET A 1 -5.83 9.45 18.68
CA MET A 1 -4.55 9.84 18.11
C MET A 1 -3.65 10.49 19.16
N SER A 2 -3.05 9.65 19.98
CA SER A 2 -2.17 10.13 21.03
C SER A 2 -0.78 10.42 20.46
N LEU A 3 -0.35 9.55 19.57
CA LEU A 3 0.96 9.70 18.95
C LEU A 3 0.90 9.15 17.52
N ALA A 4 2.07 8.97 16.94
CA ALA A 4 2.17 8.45 15.58
C ALA A 4 1.43 7.11 15.49
N GLU A 5 1.25 6.50 16.66
CA GLU A 5 0.56 5.22 16.73
C GLU A 5 -0.55 5.17 15.68
N LYS A 6 -1.39 6.20 15.69
CA LYS A 6 -2.51 6.27 14.76
C LYS A 6 -2.05 5.76 13.40
N ILE A 7 -0.80 6.05 13.06
CA ILE A 7 -0.24 5.62 11.80
C ILE A 7 -0.01 4.11 11.83
N LYS A 8 -0.26 3.47 10.70
CA LYS A 8 -0.09 2.04 10.59
C LYS A 8 0.26 1.68 9.14
N VAL A 9 1.15 0.71 9.00
CA VAL A 9 1.59 0.26 7.69
C VAL A 9 1.39 -1.24 7.58
N LEU A 10 0.89 -1.66 6.42
CA LEU A 10 0.65 -3.07 6.18
C LEU A 10 1.50 -3.52 4.98
N ILE A 11 2.38 -4.48 5.25
CA ILE A 11 3.24 -5.01 4.21
C ILE A 11 2.90 -6.47 3.96
N VAL A 12 1.97 -6.68 3.04
CA VAL A 12 1.54 -8.03 2.69
C VAL A 12 1.70 -8.24 1.19
N ASP A 13 2.21 -9.41 0.84
CA ASP A 13 2.42 -9.75 -0.56
C ASP A 13 2.22 -11.25 -0.76
N ASP A 14 2.20 -11.66 -2.02
CA ASP A 14 2.03 -13.07 -2.34
C ASP A 14 3.36 -13.81 -2.14
N GLN A 15 4.43 -13.02 -2.09
CA GLN A 15 5.75 -13.58 -1.90
C GLN A 15 6.58 -12.68 -0.98
N VAL A 16 7.25 -13.32 -0.03
CA VAL A 16 8.07 -12.60 0.93
C VAL A 16 8.99 -11.63 0.17
N THR A 17 9.70 -12.18 -0.80
CA THR A 17 10.60 -11.39 -1.62
C THR A 17 9.99 -10.02 -1.92
N SER A 18 8.78 -10.06 -2.44
CA SER A 18 8.06 -8.84 -2.77
C SER A 18 7.79 -8.03 -1.51
N ARG A 19 7.16 -8.67 -0.54
CA ARG A 19 6.84 -8.03 0.71
C ARG A 19 8.11 -7.63 1.45
N LEU A 20 8.82 -8.63 1.94
CA LEU A 20 10.06 -8.39 2.67
C LEU A 20 10.85 -7.28 1.97
N LEU A 21 10.68 -7.22 0.65
CA LEU A 21 11.37 -6.21 -0.14
C LEU A 21 10.83 -4.83 0.23
N LEU A 22 9.51 -4.71 0.18
CA LEU A 22 8.87 -3.44 0.51
C LEU A 22 9.02 -3.18 2.01
N GLY A 23 8.74 -4.21 2.80
CA GLY A 23 8.83 -4.09 4.24
C GLY A 23 10.23 -3.65 4.66
N ASP A 24 11.21 -4.07 3.87
CA ASP A 24 12.60 -3.72 4.16
C ASP A 24 12.85 -2.26 3.78
N ALA A 25 12.42 -1.90 2.59
CA ALA A 25 12.57 -0.54 2.11
C ALA A 25 11.71 0.40 2.95
N LEU A 26 10.49 -0.04 3.19
CA LEU A 26 9.56 0.75 3.98
C LEU A 26 10.18 1.06 5.34
N GLN A 27 10.70 0.01 5.97
CA GLN A 27 11.34 0.16 7.27
C GLN A 27 12.52 1.12 7.19
N GLN A 28 13.15 1.14 6.03
CA GLN A 28 14.29 2.00 5.81
C GLN A 28 13.83 3.46 5.64
N LEU A 29 12.52 3.61 5.50
CA LEU A 29 11.95 4.93 5.34
C LEU A 29 11.71 5.56 6.71
N GLY A 30 11.09 4.77 7.59
CA GLY A 30 10.80 5.23 8.93
C GLY A 30 9.29 5.22 9.20
N PHE A 31 8.71 4.03 9.11
CA PHE A 31 7.29 3.88 9.34
C PHE A 31 6.96 3.93 10.83
N LYS A 32 5.67 3.95 11.12
CA LYS A 32 5.21 4.00 12.49
C LYS A 32 5.14 2.57 13.07
N GLN A 33 4.27 1.78 12.45
CA GLN A 33 4.10 0.40 12.89
C GLN A 33 3.85 -0.51 11.68
N ILE A 34 4.93 -1.14 11.22
CA ILE A 34 4.84 -2.04 10.07
C ILE A 34 4.14 -3.32 10.50
N THR A 35 3.29 -3.82 9.60
CA THR A 35 2.54 -5.04 9.87
C THR A 35 2.45 -5.89 8.59
N ALA A 36 3.06 -7.06 8.67
CA ALA A 36 3.04 -7.98 7.53
C ALA A 36 1.93 -9.02 7.73
N ALA A 37 1.34 -9.43 6.61
CA ALA A 37 0.28 -10.41 6.66
C ALA A 37 0.55 -11.50 5.61
N GLY A 38 -0.38 -12.43 5.51
CA GLY A 38 -0.25 -13.52 4.57
C GLY A 38 -0.20 -13.01 3.12
N ASP A 39 -1.24 -12.28 2.76
CA ASP A 39 -1.32 -11.72 1.42
C ASP A 39 -2.64 -10.94 1.28
N GLY A 40 -2.72 -10.19 0.19
CA GLY A 40 -3.91 -9.40 -0.07
C GLY A 40 -4.77 -9.24 1.19
N GLU A 41 -5.94 -9.86 1.16
CA GLU A 41 -6.84 -9.80 2.29
C GLU A 41 -6.12 -10.17 3.59
N GLN A 42 -5.45 -11.32 3.55
CA GLN A 42 -4.71 -11.79 4.70
C GLN A 42 -4.03 -10.62 5.41
N GLY A 43 -3.72 -9.60 4.63
CA GLY A 43 -3.06 -8.42 5.17
C GLY A 43 -4.02 -7.22 5.20
N MET A 44 -4.74 -7.05 4.09
CA MET A 44 -5.68 -5.95 3.98
C MET A 44 -6.70 -5.99 5.13
N LYS A 45 -7.27 -7.17 5.33
CA LYS A 45 -8.26 -7.35 6.39
C LYS A 45 -7.64 -6.96 7.73
N ILE A 46 -6.35 -7.26 7.87
CA ILE A 46 -5.63 -6.95 9.09
C ILE A 46 -5.67 -5.45 9.32
N MET A 47 -5.42 -4.70 8.25
CA MET A 47 -5.43 -3.25 8.33
C MET A 47 -6.84 -2.72 8.64
N ALA A 48 -7.82 -3.44 8.13
CA ALA A 48 -9.22 -3.06 8.34
C ALA A 48 -9.53 -3.13 9.83
N GLN A 49 -9.15 -4.24 10.44
CA GLN A 49 -9.39 -4.44 11.86
C GLN A 49 -8.62 -3.42 12.68
N ASN A 50 -7.30 -3.50 12.59
CA ASN A 50 -6.43 -2.59 13.32
C ASN A 50 -6.36 -1.27 12.56
N PRO A 51 -5.50 -0.36 13.09
CA PRO A 51 -5.32 0.95 12.48
C PRO A 51 -4.49 0.86 11.20
N HIS A 52 -4.86 1.68 10.23
CA HIS A 52 -4.17 1.70 8.95
C HIS A 52 -3.95 3.14 8.51
N HIS A 53 -2.82 3.37 7.86
CA HIS A 53 -2.47 4.70 7.38
C HIS A 53 -1.81 4.59 6.01
N LEU A 54 -0.95 3.58 5.88
CA LEU A 54 -0.25 3.36 4.63
C LEU A 54 -0.16 1.85 4.36
N VAL A 55 -0.88 1.43 3.33
CA VAL A 55 -0.89 0.02 2.96
C VAL A 55 0.12 -0.21 1.84
N ILE A 56 0.86 -1.30 1.97
CA ILE A 56 1.86 -1.65 0.98
C ILE A 56 1.82 -3.16 0.72
N SER A 57 1.56 -3.50 -0.52
CA SER A 57 1.48 -4.90 -0.92
C SER A 57 2.10 -5.08 -2.31
N ASP A 58 2.00 -6.31 -2.80
CA ASP A 58 2.53 -6.64 -4.12
C ASP A 58 1.48 -6.31 -5.18
N PHE A 59 1.95 -6.22 -6.42
CA PHE A 59 1.07 -5.92 -7.53
C PHE A 59 0.31 -7.17 -7.99
N ASN A 60 0.79 -8.32 -7.52
CA ASN A 60 0.16 -9.58 -7.87
C ASN A 60 -1.36 -9.46 -7.72
N MET A 61 -2.05 -10.53 -8.07
CA MET A 61 -3.50 -10.55 -7.99
C MET A 61 -3.96 -11.46 -6.84
N PRO A 62 -3.67 -11.01 -5.59
CA PRO A 62 -4.04 -11.77 -4.41
C PRO A 62 -5.55 -11.66 -4.15
N LYS A 63 -5.92 -11.93 -2.90
CA LYS A 63 -7.31 -11.85 -2.51
C LYS A 63 -7.83 -10.42 -2.71
N MET A 64 -6.91 -9.47 -2.56
CA MET A 64 -7.26 -8.07 -2.72
C MET A 64 -6.06 -7.27 -3.21
N ASP A 65 -6.22 -6.65 -4.38
CA ASP A 65 -5.16 -5.85 -4.96
C ASP A 65 -5.66 -4.42 -5.14
N GLY A 66 -4.73 -3.55 -5.52
CA GLY A 66 -5.06 -2.15 -5.73
C GLY A 66 -6.53 -1.99 -6.14
N LEU A 67 -6.99 -2.93 -6.94
CA LEU A 67 -8.37 -2.92 -7.41
C LEU A 67 -9.30 -3.26 -6.25
N GLY A 68 -9.16 -4.49 -5.76
CA GLY A 68 -9.99 -4.95 -4.66
C GLY A 68 -9.75 -4.10 -3.41
N LEU A 69 -8.49 -3.79 -3.17
CA LEU A 69 -8.12 -3.00 -2.01
C LEU A 69 -8.91 -1.68 -2.02
N LEU A 70 -8.90 -1.04 -3.18
CA LEU A 70 -9.61 0.22 -3.34
C LEU A 70 -11.09 0.01 -3.00
N GLN A 71 -11.76 -0.73 -3.87
CA GLN A 71 -13.17 -1.01 -3.68
C GLN A 71 -13.45 -1.34 -2.21
N ALA A 72 -12.46 -1.95 -1.57
CA ALA A 72 -12.58 -2.33 -0.17
C ALA A 72 -12.70 -1.06 0.68
N VAL A 73 -11.78 -0.14 0.45
CA VAL A 73 -11.78 1.10 1.19
C VAL A 73 -13.12 1.82 0.99
N ARG A 74 -13.50 1.95 -0.27
CA ARG A 74 -14.75 2.61 -0.61
C ARG A 74 -15.83 2.25 0.41
N ALA A 75 -15.70 1.05 0.96
CA ALA A 75 -16.66 0.58 1.95
C ALA A 75 -16.28 1.13 3.32
N ASN A 76 -15.04 0.91 3.70
CA ASN A 76 -14.55 1.39 4.99
C ASN A 76 -13.86 2.73 4.79
N PRO A 77 -14.35 3.75 5.55
CA PRO A 77 -13.79 5.09 5.48
C PRO A 77 -12.44 5.16 6.20
N ALA A 78 -12.15 4.11 6.95
CA ALA A 78 -10.91 4.04 7.68
C ALA A 78 -9.73 3.93 6.70
N THR A 79 -9.91 3.06 5.72
CA THR A 79 -8.89 2.85 4.71
C THR A 79 -9.11 3.79 3.51
N LYS A 80 -10.36 4.23 3.39
CA LYS A 80 -10.72 5.12 2.30
C LYS A 80 -9.86 6.38 2.37
N LYS A 81 -9.31 6.63 3.55
CA LYS A 81 -8.46 7.78 3.77
C LYS A 81 -7.00 7.33 3.86
N ALA A 82 -6.80 6.04 3.65
CA ALA A 82 -5.46 5.48 3.70
C ALA A 82 -4.97 5.22 2.28
N ALA A 83 -3.64 5.22 2.14
CA ALA A 83 -3.02 4.99 0.84
C ALA A 83 -2.66 3.51 0.71
N PHE A 84 -2.26 3.15 -0.50
CA PHE A 84 -1.88 1.77 -0.77
C PHE A 84 -0.83 1.70 -1.89
N ILE A 85 0.20 0.89 -1.64
CA ILE A 85 1.27 0.74 -2.62
C ILE A 85 1.18 -0.66 -3.23
N ILE A 86 1.22 -0.68 -4.56
CA ILE A 86 1.14 -1.95 -5.28
C ILE A 86 2.32 -2.03 -6.26
N LEU A 87 3.27 -2.88 -5.91
CA LEU A 87 4.45 -3.07 -6.76
C LEU A 87 4.66 -4.56 -7.00
N THR A 88 5.46 -4.86 -8.01
CA THR A 88 5.75 -6.23 -8.37
C THR A 88 7.25 -6.41 -8.63
N ALA A 89 7.63 -7.65 -8.85
CA ALA A 89 9.03 -7.97 -9.12
C ALA A 89 9.49 -7.21 -10.35
N GLN A 90 8.51 -6.69 -11.09
CA GLN A 90 8.81 -5.94 -12.31
C GLN A 90 8.32 -4.50 -12.16
N GLY A 91 7.05 -4.31 -12.47
CA GLY A 91 6.46 -2.99 -12.38
C GLY A 91 5.19 -2.90 -13.23
N ASP A 92 4.17 -2.28 -12.65
CA ASP A 92 2.90 -2.12 -13.34
C ASP A 92 2.32 -0.75 -13.02
N ARG A 93 2.87 0.26 -13.68
CA ARG A 93 2.41 1.62 -13.47
C ARG A 93 0.91 1.73 -13.76
N ALA A 94 0.48 0.98 -14.76
CA ALA A 94 -0.92 0.99 -15.15
C ALA A 94 -1.77 0.41 -14.01
N LEU A 95 -1.23 -0.63 -13.39
CA LEU A 95 -1.92 -1.28 -12.28
C LEU A 95 -2.17 -0.26 -11.17
N VAL A 96 -1.11 0.46 -10.82
CA VAL A 96 -1.20 1.46 -9.78
C VAL A 96 -2.10 2.60 -10.26
N GLN A 97 -1.69 3.22 -11.35
CA GLN A 97 -2.45 4.33 -11.91
C GLN A 97 -3.92 3.94 -12.06
N LYS A 98 -4.15 2.65 -12.27
CA LYS A 98 -5.50 2.14 -12.43
C LYS A 98 -6.24 2.26 -11.10
N ALA A 99 -5.58 1.77 -10.04
CA ALA A 99 -6.16 1.82 -8.72
C ALA A 99 -6.58 3.26 -8.39
N ALA A 100 -5.62 4.16 -8.57
CA ALA A 100 -5.86 5.57 -8.30
C ALA A 100 -7.10 6.02 -9.08
N ALA A 101 -7.17 5.58 -10.32
CA ALA A 101 -8.29 5.94 -11.17
C ALA A 101 -9.57 5.27 -10.64
N LEU A 102 -9.46 3.98 -10.37
CA LEU A 102 -10.59 3.23 -9.85
C LEU A 102 -11.34 4.09 -8.83
N GLY A 103 -10.58 4.71 -7.94
CA GLY A 103 -11.15 5.55 -6.91
C GLY A 103 -10.48 5.32 -5.56
N ALA A 104 -9.15 5.31 -5.60
CA ALA A 104 -8.36 5.10 -4.39
C ALA A 104 -7.95 6.46 -3.82
N ASN A 105 -7.64 6.45 -2.54
CA ASN A 105 -7.23 7.66 -1.86
C ASN A 105 -5.84 8.06 -2.33
N ASN A 106 -4.93 7.08 -2.30
CA ASN A 106 -3.57 7.31 -2.72
C ASN A 106 -2.87 5.96 -2.93
N VAL A 107 -2.50 5.71 -4.18
CA VAL A 107 -1.83 4.48 -4.52
C VAL A 107 -0.54 4.79 -5.27
N LEU A 108 0.55 4.18 -4.81
CA LEU A 108 1.85 4.39 -5.43
C LEU A 108 2.42 3.04 -5.88
N ALA A 109 3.16 3.08 -6.98
CA ALA A 109 3.76 1.88 -7.52
C ALA A 109 5.26 1.87 -7.20
N LYS A 110 5.88 0.74 -7.49
CA LYS A 110 7.31 0.59 -7.24
C LYS A 110 7.96 -0.13 -8.43
N PRO A 111 7.89 0.54 -9.61
CA PRO A 111 8.47 -0.03 -10.81
C PRO A 111 9.99 0.09 -10.80
N PHE A 112 10.57 -0.03 -11.99
CA PHE A 112 12.01 0.07 -12.12
C PHE A 112 12.45 1.51 -12.38
N THR A 113 11.57 2.43 -12.05
CA THR A 113 11.83 3.85 -12.25
C THR A 113 11.77 4.59 -10.92
N ILE A 114 12.93 4.76 -10.31
CA ILE A 114 13.01 5.46 -9.03
C ILE A 114 12.29 6.80 -9.14
N GLU A 115 12.22 7.31 -10.35
CA GLU A 115 11.56 8.57 -10.60
C GLU A 115 10.06 8.46 -10.30
N LYS A 116 9.50 7.33 -10.71
CA LYS A 116 8.08 7.09 -10.48
C LYS A 116 7.85 6.74 -9.00
N MET A 117 8.54 5.69 -8.57
CA MET A 117 8.42 5.25 -7.19
C MET A 117 8.72 6.40 -6.21
N LYS A 118 9.90 6.99 -6.41
CA LYS A 118 10.32 8.10 -5.56
C LYS A 118 9.27 9.21 -5.63
N ALA A 119 9.04 9.69 -6.83
CA ALA A 119 8.07 10.76 -7.05
C ALA A 119 6.71 10.32 -6.48
N ALA A 120 6.44 9.04 -6.62
CA ALA A 120 5.18 8.49 -6.14
C ALA A 120 5.04 8.79 -4.64
N ILE A 121 6.04 8.35 -3.88
CA ILE A 121 6.04 8.56 -2.44
C ILE A 121 5.94 10.06 -2.16
N GLU A 122 6.69 10.83 -2.93
CA GLU A 122 6.70 12.28 -2.77
C GLU A 122 5.28 12.82 -2.90
N ALA A 123 4.42 12.03 -3.53
CA ALA A 123 3.04 12.43 -3.72
C ALA A 123 2.22 12.02 -2.51
N VAL A 124 2.38 10.76 -2.11
CA VAL A 124 1.67 10.24 -0.96
C VAL A 124 2.05 11.04 0.29
N PHE A 125 3.28 11.55 0.28
CA PHE A 125 3.77 12.33 1.39
C PHE A 125 3.50 13.82 1.18
N GLY A 126 3.25 14.18 -0.08
CA GLY A 126 2.97 15.55 -0.43
C GLY A 126 1.76 15.65 -1.36
N ALA A 127 2.03 15.42 -2.65
CA ALA A 127 0.97 15.48 -3.64
C ALA A 127 0.13 14.20 -3.56
N LEU A 128 -1.01 14.33 -2.91
CA LEU A 128 -1.92 13.21 -2.75
C LEU A 128 -2.28 12.65 -4.12
N LYS A 129 -3.02 13.46 -4.87
CA LYS A 129 -3.44 13.05 -6.21
C LYS A 129 -2.27 13.25 -7.18
N MET A 1 -5.39 8.88 18.51
CA MET A 1 -4.19 9.33 17.82
C MET A 1 -3.41 10.33 18.66
N SER A 2 -2.68 9.80 19.63
CA SER A 2 -1.88 10.63 20.51
C SER A 2 -0.55 10.99 19.84
N LEU A 3 -0.03 10.04 19.08
CA LEU A 3 1.22 10.23 18.38
C LEU A 3 1.13 9.60 16.99
N ALA A 4 2.29 9.46 16.36
CA ALA A 4 2.36 8.87 15.04
C ALA A 4 1.65 7.51 15.04
N GLU A 5 1.53 6.95 16.23
CA GLU A 5 0.88 5.67 16.40
C GLU A 5 -0.30 5.54 15.43
N LYS A 6 -1.13 6.58 15.41
CA LYS A 6 -2.28 6.59 14.54
C LYS A 6 -1.89 6.01 13.18
N ILE A 7 -0.70 6.35 12.73
CA ILE A 7 -0.20 5.88 11.45
C ILE A 7 0.05 4.37 11.55
N LYS A 8 -0.21 3.69 10.44
CA LYS A 8 0.00 2.25 10.38
C LYS A 8 0.34 1.85 8.95
N VAL A 9 1.24 0.88 8.84
CA VAL A 9 1.68 0.40 7.54
C VAL A 9 1.47 -1.12 7.47
N LEU A 10 0.96 -1.57 6.34
CA LEU A 10 0.72 -2.99 6.14
C LEU A 10 1.55 -3.48 4.96
N ILE A 11 2.43 -4.43 5.25
CA ILE A 11 3.29 -4.99 4.22
C ILE A 11 2.93 -6.46 4.01
N VAL A 12 2.00 -6.69 3.10
CA VAL A 12 1.56 -8.03 2.79
C VAL A 12 1.70 -8.28 1.29
N ASP A 13 2.20 -9.46 0.97
CA ASP A 13 2.39 -9.84 -0.42
C ASP A 13 2.16 -11.34 -0.58
N ASP A 14 2.14 -11.78 -1.83
CA ASP A 14 1.93 -13.19 -2.13
C ASP A 14 3.24 -13.95 -1.89
N GLN A 15 4.32 -13.19 -1.77
CA GLN A 15 5.63 -13.77 -1.54
C GLN A 15 6.48 -12.86 -0.66
N VAL A 16 7.15 -13.47 0.31
CA VAL A 16 7.99 -12.73 1.22
C VAL A 16 8.92 -11.81 0.42
N THR A 17 9.61 -12.41 -0.54
CA THR A 17 10.52 -11.66 -1.38
C THR A 17 9.94 -10.30 -1.73
N SER A 18 8.73 -10.32 -2.27
CA SER A 18 8.05 -9.10 -2.64
C SER A 18 7.79 -8.25 -1.41
N ARG A 19 7.15 -8.86 -0.42
CA ARG A 19 6.83 -8.17 0.81
C ARG A 19 8.12 -7.76 1.53
N LEU A 20 8.80 -8.76 2.08
CA LEU A 20 10.04 -8.52 2.79
C LEU A 20 10.85 -7.45 2.07
N LEU A 21 10.68 -7.42 0.75
CA LEU A 21 11.39 -6.45 -0.07
C LEU A 21 10.87 -5.05 0.25
N LEU A 22 9.56 -4.90 0.20
CA LEU A 22 8.93 -3.62 0.48
C LEU A 22 9.08 -3.31 1.97
N GLY A 23 8.78 -4.31 2.78
CA GLY A 23 8.88 -4.15 4.23
C GLY A 23 10.29 -3.74 4.65
N ASP A 24 11.25 -4.19 3.86
CA ASP A 24 12.64 -3.87 4.15
C ASP A 24 12.92 -2.41 3.75
N ALA A 25 12.50 -2.07 2.55
CA ALA A 25 12.70 -0.72 2.04
C ALA A 25 11.83 0.26 2.86
N LEU A 26 10.60 -0.15 3.09
CA LEU A 26 9.67 0.67 3.85
C LEU A 26 10.28 0.99 5.20
N GLN A 27 10.80 -0.04 5.85
CA GLN A 27 11.42 0.11 7.15
C GLN A 27 12.63 1.05 7.06
N GLN A 28 13.27 1.03 5.91
CA GLN A 28 14.43 1.88 5.67
C GLN A 28 14.00 3.33 5.47
N LEU A 29 12.70 3.50 5.28
CA LEU A 29 12.14 4.83 5.07
C LEU A 29 11.91 5.50 6.43
N GLY A 30 11.25 4.76 7.31
CA GLY A 30 10.96 5.27 8.64
C GLY A 30 9.46 5.28 8.90
N PHE A 31 8.87 4.09 8.86
CA PHE A 31 7.45 3.95 9.09
C PHE A 31 7.11 4.06 10.58
N LYS A 32 5.82 4.13 10.86
CA LYS A 32 5.36 4.23 12.24
C LYS A 32 5.26 2.84 12.84
N GLN A 33 4.38 2.03 12.26
CA GLN A 33 4.19 0.67 12.73
C GLN A 33 3.93 -0.27 11.55
N ILE A 34 5.00 -0.92 11.11
CA ILE A 34 4.90 -1.85 10.00
C ILE A 34 4.19 -3.12 10.46
N THR A 35 3.35 -3.64 9.57
CA THR A 35 2.60 -4.85 9.88
C THR A 35 2.49 -5.74 8.63
N ALA A 36 3.09 -6.92 8.73
CA ALA A 36 3.06 -7.86 7.63
C ALA A 36 1.95 -8.88 7.86
N ALA A 37 1.39 -9.35 6.76
CA ALA A 37 0.32 -10.33 6.83
C ALA A 37 0.57 -11.44 5.79
N GLY A 38 -0.37 -12.37 5.72
CA GLY A 38 -0.26 -13.48 4.80
C GLY A 38 -0.23 -12.98 3.35
N ASP A 39 -1.27 -12.26 2.98
CA ASP A 39 -1.37 -11.72 1.64
C ASP A 39 -2.70 -10.97 1.50
N GLY A 40 -2.81 -10.23 0.40
CA GLY A 40 -4.01 -9.46 0.13
C GLY A 40 -4.83 -9.27 1.41
N GLU A 41 -5.99 -9.91 1.43
CA GLU A 41 -6.88 -9.83 2.57
C GLU A 41 -6.12 -10.15 3.86
N GLN A 42 -5.46 -11.30 3.84
CA GLN A 42 -4.68 -11.74 4.99
C GLN A 42 -3.99 -10.54 5.66
N GLY A 43 -3.69 -9.54 4.83
CA GLY A 43 -3.03 -8.35 5.33
C GLY A 43 -3.99 -7.16 5.32
N MET A 44 -4.71 -7.01 4.22
CA MET A 44 -5.67 -5.93 4.07
C MET A 44 -6.67 -5.92 5.23
N LYS A 45 -7.26 -7.09 5.45
CA LYS A 45 -8.24 -7.24 6.51
C LYS A 45 -7.62 -6.81 7.84
N ILE A 46 -6.34 -7.12 7.99
CA ILE A 46 -5.61 -6.78 9.20
C ILE A 46 -5.65 -5.26 9.39
N MET A 47 -5.39 -4.55 8.29
CA MET A 47 -5.38 -3.10 8.32
C MET A 47 -6.78 -2.55 8.61
N ALA A 48 -7.78 -3.28 8.13
CA ALA A 48 -9.16 -2.88 8.32
C ALA A 48 -9.49 -2.88 9.82
N GLN A 49 -9.11 -3.98 10.46
CA GLN A 49 -9.35 -4.12 11.89
C GLN A 49 -8.56 -3.08 12.68
N ASN A 50 -7.24 -3.19 12.58
CA ASN A 50 -6.36 -2.26 13.27
C ASN A 50 -6.27 -0.96 12.48
N PRO A 51 -5.40 -0.04 12.98
CA PRO A 51 -5.21 1.24 12.33
C PRO A 51 -4.40 1.10 11.04
N HIS A 52 -4.80 1.87 10.03
CA HIS A 52 -4.12 1.84 8.75
C HIS A 52 -3.91 3.27 8.25
N HIS A 53 -2.77 3.47 7.62
CA HIS A 53 -2.42 4.78 7.09
C HIS A 53 -1.76 4.63 5.71
N LEU A 54 -0.88 3.64 5.64
CA LEU A 54 -0.17 3.38 4.39
C LEU A 54 -0.09 1.86 4.16
N VAL A 55 -0.80 1.41 3.14
CA VAL A 55 -0.83 0.00 2.81
C VAL A 55 0.18 -0.27 1.69
N ILE A 56 0.93 -1.35 1.85
CA ILE A 56 1.93 -1.73 0.87
C ILE A 56 1.87 -3.25 0.64
N SER A 57 1.60 -3.62 -0.59
CA SER A 57 1.51 -5.03 -0.95
C SER A 57 2.09 -5.25 -2.35
N ASP A 58 1.97 -6.48 -2.81
CA ASP A 58 2.47 -6.84 -4.12
C ASP A 58 1.38 -6.63 -5.17
N PHE A 59 1.77 -6.74 -6.43
CA PHE A 59 0.83 -6.56 -7.52
C PHE A 59 0.06 -7.86 -7.80
N ASN A 60 0.56 -8.95 -7.24
CA ASN A 60 -0.06 -10.25 -7.41
C ASN A 60 -1.58 -10.08 -7.32
N MET A 61 -2.28 -11.18 -7.62
CA MET A 61 -3.73 -11.17 -7.57
C MET A 61 -4.24 -11.98 -6.37
N PRO A 62 -3.95 -11.45 -5.15
CA PRO A 62 -4.36 -12.12 -3.93
C PRO A 62 -5.87 -11.93 -3.69
N LYS A 63 -6.26 -12.10 -2.43
CA LYS A 63 -7.66 -11.95 -2.06
C LYS A 63 -8.10 -10.51 -2.32
N MET A 64 -7.14 -9.60 -2.17
CA MET A 64 -7.42 -8.19 -2.39
C MET A 64 -6.16 -7.45 -2.85
N ASP A 65 -6.29 -6.79 -4.00
CA ASP A 65 -5.18 -6.04 -4.55
C ASP A 65 -5.63 -4.60 -4.84
N GLY A 66 -4.66 -3.78 -5.22
CA GLY A 66 -4.95 -2.39 -5.53
C GLY A 66 -6.40 -2.21 -5.98
N LEU A 67 -6.86 -3.17 -6.76
CA LEU A 67 -8.22 -3.14 -7.26
C LEU A 67 -9.20 -3.43 -6.12
N GLY A 68 -9.09 -4.64 -5.59
CA GLY A 68 -9.95 -5.05 -4.50
C GLY A 68 -9.76 -4.14 -3.27
N LEU A 69 -8.51 -3.79 -3.02
CA LEU A 69 -8.18 -2.93 -1.90
C LEU A 69 -8.98 -1.63 -2.01
N LEU A 70 -8.94 -1.04 -3.20
CA LEU A 70 -9.65 0.20 -3.44
C LEU A 70 -11.15 -0.01 -3.16
N GLN A 71 -11.78 -0.78 -4.02
CA GLN A 71 -13.19 -1.06 -3.87
C GLN A 71 -13.52 -1.37 -2.41
N ALA A 72 -12.55 -1.96 -1.73
CA ALA A 72 -12.72 -2.31 -0.34
C ALA A 72 -12.87 -1.04 0.49
N VAL A 73 -11.95 -0.11 0.28
CA VAL A 73 -11.98 1.15 0.99
C VAL A 73 -13.30 1.86 0.72
N ARG A 74 -13.64 1.97 -0.56
CA ARG A 74 -14.87 2.61 -0.96
C ARG A 74 -15.98 2.30 0.04
N ALA A 75 -15.89 1.12 0.63
CA ALA A 75 -16.89 0.68 1.59
C ALA A 75 -16.55 1.28 2.96
N ASN A 76 -15.29 1.09 3.36
CA ASN A 76 -14.83 1.59 4.64
C ASN A 76 -14.05 2.89 4.42
N PRO A 77 -14.51 3.96 5.12
CA PRO A 77 -13.87 5.25 5.01
C PRO A 77 -12.54 5.28 5.77
N ALA A 78 -12.38 4.29 6.64
CA ALA A 78 -11.17 4.19 7.44
C ALA A 78 -9.97 3.98 6.51
N THR A 79 -10.14 3.07 5.57
CA THR A 79 -9.09 2.78 4.61
C THR A 79 -9.20 3.69 3.39
N LYS A 80 -10.40 4.19 3.17
CA LYS A 80 -10.67 5.06 2.05
C LYS A 80 -9.76 6.30 2.15
N LYS A 81 -9.27 6.52 3.35
CA LYS A 81 -8.39 7.66 3.60
C LYS A 81 -6.94 7.19 3.65
N ALA A 82 -6.78 5.87 3.55
CA ALA A 82 -5.46 5.28 3.58
C ALA A 82 -4.98 5.04 2.15
N ALA A 83 -3.66 5.02 1.99
CA ALA A 83 -3.07 4.81 0.68
C ALA A 83 -2.66 3.34 0.54
N PHE A 84 -2.28 2.96 -0.67
CA PHE A 84 -1.86 1.60 -0.95
C PHE A 84 -0.82 1.56 -2.06
N ILE A 85 0.22 0.77 -1.83
CA ILE A 85 1.29 0.63 -2.81
C ILE A 85 1.21 -0.75 -3.44
N ILE A 86 1.31 -0.76 -4.77
CA ILE A 86 1.24 -2.01 -5.52
C ILE A 86 2.47 -2.10 -6.43
N LEU A 87 3.37 -3.01 -6.08
CA LEU A 87 4.58 -3.21 -6.86
C LEU A 87 4.61 -4.66 -7.37
N THR A 88 5.48 -4.88 -8.35
CA THR A 88 5.63 -6.21 -8.93
C THR A 88 7.11 -6.51 -9.18
N ALA A 89 7.36 -7.75 -9.60
CA ALA A 89 8.71 -8.19 -9.88
C ALA A 89 9.30 -7.32 -11.01
N GLN A 90 8.41 -6.62 -11.69
CA GLN A 90 8.83 -5.76 -12.79
C GLN A 90 8.41 -4.31 -12.51
N GLY A 91 7.21 -3.99 -12.94
CA GLY A 91 6.68 -2.65 -12.75
C GLY A 91 5.46 -2.39 -13.65
N ASP A 92 4.43 -1.84 -13.04
CA ASP A 92 3.21 -1.54 -13.78
C ASP A 92 2.65 -0.20 -13.30
N ARG A 93 3.24 0.87 -13.81
CA ARG A 93 2.82 2.21 -13.45
C ARG A 93 1.35 2.41 -13.82
N ALA A 94 0.99 1.91 -14.99
CA ALA A 94 -0.37 2.03 -15.47
C ALA A 94 -1.32 1.32 -14.49
N LEU A 95 -0.86 0.17 -14.01
CA LEU A 95 -1.64 -0.61 -13.07
C LEU A 95 -1.93 0.23 -11.83
N VAL A 96 -0.88 0.83 -11.31
CA VAL A 96 -1.00 1.66 -10.12
C VAL A 96 -1.90 2.86 -10.43
N GLN A 97 -1.44 3.66 -11.37
CA GLN A 97 -2.19 4.84 -11.77
C GLN A 97 -3.65 4.48 -12.05
N LYS A 98 -3.85 3.23 -12.45
CA LYS A 98 -5.19 2.75 -12.75
C LYS A 98 -5.99 2.66 -11.46
N ALA A 99 -5.40 1.98 -10.49
CA ALA A 99 -6.06 1.80 -9.19
C ALA A 99 -6.51 3.16 -8.67
N ALA A 100 -5.54 4.07 -8.56
CA ALA A 100 -5.83 5.40 -8.08
C ALA A 100 -6.93 6.03 -8.95
N ALA A 101 -6.86 5.73 -10.23
CA ALA A 101 -7.84 6.25 -11.17
C ALA A 101 -9.22 5.70 -10.84
N LEU A 102 -9.29 4.37 -10.75
CA LEU A 102 -10.53 3.71 -10.44
C LEU A 102 -11.29 4.52 -9.38
N GLY A 103 -10.63 4.71 -8.24
CA GLY A 103 -11.22 5.44 -7.14
C GLY A 103 -10.46 5.18 -5.84
N ALA A 104 -9.15 5.20 -5.94
CA ALA A 104 -8.30 4.96 -4.78
C ALA A 104 -7.89 6.31 -4.18
N ASN A 105 -7.59 6.28 -2.89
CA ASN A 105 -7.18 7.48 -2.18
C ASN A 105 -5.77 7.86 -2.62
N ASN A 106 -4.88 6.88 -2.58
CA ASN A 106 -3.50 7.10 -2.97
C ASN A 106 -2.80 5.75 -3.16
N VAL A 107 -2.43 5.49 -4.40
CA VAL A 107 -1.76 4.25 -4.74
C VAL A 107 -0.45 4.55 -5.48
N LEU A 108 0.62 3.96 -4.99
CA LEU A 108 1.93 4.16 -5.60
C LEU A 108 2.50 2.81 -6.03
N ALA A 109 3.32 2.85 -7.08
CA ALA A 109 3.93 1.64 -7.60
C ALA A 109 5.43 1.68 -7.32
N LYS A 110 6.08 0.56 -7.59
CA LYS A 110 7.51 0.44 -7.37
C LYS A 110 8.16 -0.19 -8.61
N PRO A 111 8.12 0.58 -9.73
CA PRO A 111 8.69 0.11 -10.98
C PRO A 111 10.23 0.21 -10.94
N PHE A 112 10.83 0.20 -12.12
CA PHE A 112 12.26 0.28 -12.24
C PHE A 112 12.72 1.74 -12.41
N THR A 113 11.84 2.64 -12.02
CA THR A 113 12.13 4.06 -12.14
C THR A 113 12.01 4.74 -10.77
N ILE A 114 13.15 4.88 -10.11
CA ILE A 114 13.18 5.50 -8.80
C ILE A 114 12.46 6.85 -8.86
N GLU A 115 12.45 7.43 -10.06
CA GLU A 115 11.79 8.70 -10.27
C GLU A 115 10.29 8.58 -10.04
N LYS A 116 9.74 7.47 -10.52
CA LYS A 116 8.31 7.22 -10.38
C LYS A 116 8.03 6.79 -8.93
N MET A 117 8.70 5.73 -8.51
CA MET A 117 8.52 5.21 -7.17
C MET A 117 8.79 6.29 -6.13
N LYS A 118 9.96 6.91 -6.24
CA LYS A 118 10.34 7.96 -5.31
C LYS A 118 9.30 9.08 -5.36
N ALA A 119 9.11 9.63 -6.55
CA ALA A 119 8.16 10.70 -6.74
C ALA A 119 6.78 10.24 -6.27
N ALA A 120 6.50 8.96 -6.50
CA ALA A 120 5.23 8.39 -6.10
C ALA A 120 5.02 8.61 -4.61
N ILE A 121 6.00 8.16 -3.83
CA ILE A 121 5.93 8.30 -2.38
C ILE A 121 5.75 9.78 -2.04
N GLU A 122 6.49 10.62 -2.73
CA GLU A 122 6.42 12.05 -2.50
C GLU A 122 4.98 12.55 -2.66
N ALA A 123 4.18 11.74 -3.35
CA ALA A 123 2.79 12.08 -3.58
C ALA A 123 1.94 11.51 -2.44
N VAL A 124 2.28 10.30 -2.04
CA VAL A 124 1.56 9.64 -0.96
C VAL A 124 1.76 10.43 0.34
N PHE A 125 2.93 11.07 0.44
CA PHE A 125 3.25 11.85 1.62
C PHE A 125 2.83 13.31 1.43
N GLY A 126 3.08 13.81 0.23
CA GLY A 126 2.74 15.20 -0.09
C GLY A 126 1.34 15.29 -0.70
N ALA A 127 1.11 14.45 -1.70
CA ALA A 127 -0.17 14.43 -2.38
C ALA A 127 -1.20 13.69 -1.50
N LEU A 128 -1.99 14.48 -0.80
CA LEU A 128 -3.01 13.94 0.08
C LEU A 128 -3.95 13.05 -0.74
N LYS A 129 -4.71 13.70 -1.61
CA LYS A 129 -5.66 13.00 -2.45
C LYS A 129 -4.90 11.99 -3.33
N MET A 1 -4.67 10.70 17.99
CA MET A 1 -3.33 10.18 17.75
C MET A 1 -2.42 10.43 18.95
N SER A 2 -2.47 9.47 19.88
CA SER A 2 -1.66 9.57 21.08
C SER A 2 -0.23 9.08 20.79
N LEU A 3 -0.14 8.04 19.98
CA LEU A 3 1.15 7.47 19.62
C LEU A 3 1.11 7.04 18.16
N ALA A 4 2.12 6.27 17.78
CA ALA A 4 2.22 5.77 16.41
C ALA A 4 0.91 5.08 16.03
N GLU A 5 0.18 4.66 17.06
CA GLU A 5 -1.09 3.98 16.84
C GLU A 5 -1.79 4.54 15.60
N LYS A 6 -1.88 5.87 15.56
CA LYS A 6 -2.52 6.53 14.44
C LYS A 6 -1.90 6.03 13.13
N ILE A 7 -0.59 6.18 13.03
CA ILE A 7 0.12 5.74 11.85
C ILE A 7 0.27 4.22 11.87
N LYS A 8 -0.04 3.62 10.73
CA LYS A 8 0.06 2.17 10.62
C LYS A 8 0.33 1.80 9.16
N VAL A 9 1.29 0.90 8.97
CA VAL A 9 1.66 0.46 7.64
C VAL A 9 1.49 -1.06 7.54
N LEU A 10 0.86 -1.49 6.46
CA LEU A 10 0.62 -2.90 6.24
C LEU A 10 1.44 -3.37 5.04
N ILE A 11 2.33 -4.31 5.30
CA ILE A 11 3.18 -4.85 4.25
C ILE A 11 2.83 -6.33 4.01
N VAL A 12 1.89 -6.54 3.11
CA VAL A 12 1.46 -7.89 2.78
C VAL A 12 1.57 -8.10 1.28
N ASP A 13 2.04 -9.28 0.92
CA ASP A 13 2.21 -9.63 -0.48
C ASP A 13 1.99 -11.14 -0.66
N ASP A 14 1.93 -11.55 -1.92
CA ASP A 14 1.71 -12.95 -2.24
C ASP A 14 3.03 -13.72 -2.04
N GLN A 15 4.09 -12.95 -1.82
CA GLN A 15 5.40 -13.54 -1.62
C GLN A 15 6.26 -12.64 -0.72
N VAL A 16 6.92 -13.27 0.24
CA VAL A 16 7.76 -12.54 1.17
C VAL A 16 8.72 -11.64 0.38
N THR A 17 9.42 -12.26 -0.56
CA THR A 17 10.36 -11.53 -1.38
C THR A 17 9.81 -10.16 -1.75
N SER A 18 8.60 -10.16 -2.29
CA SER A 18 7.95 -8.93 -2.69
C SER A 18 7.67 -8.07 -1.45
N ARG A 19 7.03 -8.67 -0.48
CA ARG A 19 6.70 -7.98 0.76
C ARG A 19 7.98 -7.58 1.50
N LEU A 20 8.64 -8.59 2.05
CA LEU A 20 9.87 -8.35 2.79
C LEU A 20 10.70 -7.29 2.07
N LEU A 21 10.56 -7.27 0.75
CA LEU A 21 11.29 -6.31 -0.06
C LEU A 21 10.77 -4.91 0.23
N LEU A 22 9.46 -4.77 0.14
CA LEU A 22 8.82 -3.49 0.39
C LEU A 22 8.93 -3.15 1.89
N GLY A 23 8.65 -4.15 2.70
CA GLY A 23 8.70 -3.98 4.15
C GLY A 23 10.09 -3.50 4.58
N ASP A 24 11.10 -3.93 3.84
CA ASP A 24 12.46 -3.55 4.14
C ASP A 24 12.70 -2.10 3.70
N ALA A 25 12.25 -1.80 2.49
CA ALA A 25 12.40 -0.48 1.93
C ALA A 25 11.51 0.51 2.72
N LEU A 26 10.27 0.10 2.91
CA LEU A 26 9.32 0.92 3.64
C LEU A 26 9.88 1.25 5.01
N GLN A 27 10.27 0.19 5.73
CA GLN A 27 10.83 0.35 7.06
C GLN A 27 12.08 1.23 7.01
N GLN A 28 12.79 1.12 5.90
CA GLN A 28 14.01 1.89 5.72
C GLN A 28 13.67 3.33 5.34
N LEU A 29 12.41 3.53 4.99
CA LEU A 29 11.94 4.84 4.60
C LEU A 29 11.70 5.70 5.84
N GLY A 30 10.97 5.11 6.79
CA GLY A 30 10.66 5.80 8.02
C GLY A 30 9.20 5.59 8.42
N PHE A 31 8.79 4.33 8.40
CA PHE A 31 7.42 3.98 8.76
C PHE A 31 7.21 4.04 10.27
N LYS A 32 5.96 4.17 10.66
CA LYS A 32 5.60 4.24 12.07
C LYS A 32 5.56 2.82 12.64
N GLN A 33 4.63 2.04 12.12
CA GLN A 33 4.47 0.66 12.58
C GLN A 33 4.23 -0.27 11.39
N ILE A 34 5.23 -1.09 11.12
CA ILE A 34 5.15 -2.03 10.01
C ILE A 34 4.38 -3.27 10.46
N THR A 35 3.44 -3.67 9.61
CA THR A 35 2.63 -4.84 9.90
C THR A 35 2.45 -5.70 8.64
N ALA A 36 3.03 -6.89 8.70
CA ALA A 36 2.95 -7.82 7.58
C ALA A 36 1.82 -8.82 7.84
N ALA A 37 1.28 -9.34 6.74
CA ALA A 37 0.20 -10.31 6.83
C ALA A 37 0.43 -11.43 5.82
N GLY A 38 -0.50 -12.36 5.78
CA GLY A 38 -0.42 -13.48 4.86
C GLY A 38 -0.36 -12.99 3.41
N ASP A 39 -1.36 -12.22 3.04
CA ASP A 39 -1.45 -11.69 1.70
C ASP A 39 -2.73 -10.86 1.55
N GLY A 40 -2.80 -10.12 0.45
CA GLY A 40 -3.95 -9.28 0.19
C GLY A 40 -4.82 -9.14 1.44
N GLU A 41 -5.99 -9.78 1.39
CA GLU A 41 -6.91 -9.74 2.51
C GLU A 41 -6.19 -10.08 3.81
N GLN A 42 -5.51 -11.21 3.80
CA GLN A 42 -4.78 -11.67 4.97
C GLN A 42 -4.10 -10.49 5.66
N GLY A 43 -3.78 -9.47 4.86
CA GLY A 43 -3.14 -8.28 5.38
C GLY A 43 -4.10 -7.11 5.42
N MET A 44 -4.87 -6.98 4.35
CA MET A 44 -5.84 -5.89 4.24
C MET A 44 -6.80 -5.91 5.43
N LYS A 45 -7.37 -7.08 5.68
CA LYS A 45 -8.30 -7.24 6.79
C LYS A 45 -7.62 -6.82 8.09
N ILE A 46 -6.34 -7.13 8.19
CA ILE A 46 -5.57 -6.80 9.36
C ILE A 46 -5.60 -5.27 9.57
N MET A 47 -5.42 -4.56 8.47
CA MET A 47 -5.42 -3.10 8.51
C MET A 47 -6.82 -2.57 8.82
N ALA A 48 -7.82 -3.29 8.34
CA ALA A 48 -9.20 -2.90 8.56
C ALA A 48 -9.51 -2.94 10.05
N GLN A 49 -9.12 -4.05 10.67
CA GLN A 49 -9.34 -4.21 12.10
C GLN A 49 -8.53 -3.20 12.90
N ASN A 50 -7.22 -3.29 12.76
CA ASN A 50 -6.33 -2.39 13.46
C ASN A 50 -6.26 -1.06 12.70
N PRO A 51 -5.39 -0.15 13.20
CA PRO A 51 -5.22 1.16 12.59
C PRO A 51 -4.41 1.06 11.30
N HIS A 52 -4.83 1.85 10.31
CA HIS A 52 -4.16 1.85 9.03
C HIS A 52 -3.93 3.30 8.58
N HIS A 53 -2.77 3.52 7.96
CA HIS A 53 -2.43 4.84 7.47
C HIS A 53 -1.87 4.74 6.05
N LEU A 54 -1.10 3.67 5.83
CA LEU A 54 -0.49 3.44 4.53
C LEU A 54 -0.35 1.94 4.31
N VAL A 55 -1.01 1.48 3.25
CA VAL A 55 -0.96 0.06 2.90
C VAL A 55 0.08 -0.16 1.81
N ILE A 56 0.82 -1.26 1.95
CA ILE A 56 1.84 -1.60 0.98
C ILE A 56 1.80 -3.10 0.70
N SER A 57 1.55 -3.43 -0.56
CA SER A 57 1.48 -4.83 -0.96
C SER A 57 2.10 -4.99 -2.35
N ASP A 58 2.01 -6.22 -2.86
CA ASP A 58 2.55 -6.52 -4.17
C ASP A 58 1.47 -6.33 -5.22
N PHE A 59 1.88 -6.42 -6.48
CA PHE A 59 0.96 -6.26 -7.59
C PHE A 59 0.18 -7.54 -7.84
N ASN A 60 0.68 -8.63 -7.28
CA ASN A 60 0.04 -9.93 -7.44
C ASN A 60 -1.47 -9.76 -7.33
N MET A 61 -2.17 -10.84 -7.66
CA MET A 61 -3.62 -10.82 -7.59
C MET A 61 -4.14 -11.66 -6.43
N PRO A 62 -3.87 -11.17 -5.19
CA PRO A 62 -4.29 -11.87 -3.99
C PRO A 62 -5.80 -11.70 -3.76
N LYS A 63 -6.21 -11.94 -2.53
CA LYS A 63 -7.60 -11.82 -2.17
C LYS A 63 -8.08 -10.37 -2.42
N MET A 64 -7.15 -9.45 -2.25
CA MET A 64 -7.45 -8.04 -2.46
C MET A 64 -6.22 -7.29 -2.97
N ASP A 65 -6.34 -6.75 -4.17
CA ASP A 65 -5.25 -6.00 -4.78
C ASP A 65 -5.71 -4.56 -5.03
N GLY A 66 -4.75 -3.74 -5.42
CA GLY A 66 -5.03 -2.34 -5.70
C GLY A 66 -6.49 -2.15 -6.10
N LEU A 67 -7.00 -3.09 -6.88
CA LEU A 67 -8.38 -3.04 -7.34
C LEU A 67 -9.31 -3.36 -6.16
N GLY A 68 -9.19 -4.59 -5.67
CA GLY A 68 -10.02 -5.03 -4.56
C GLY A 68 -9.78 -4.15 -3.32
N LEU A 69 -8.52 -3.84 -3.09
CA LEU A 69 -8.16 -3.01 -1.95
C LEU A 69 -8.93 -1.70 -2.01
N LEU A 70 -8.92 -1.09 -3.18
CA LEU A 70 -9.62 0.16 -3.39
C LEU A 70 -11.10 -0.02 -3.04
N GLN A 71 -11.78 -0.78 -3.88
CA GLN A 71 -13.19 -1.04 -3.69
C GLN A 71 -13.47 -1.34 -2.21
N ALA A 72 -12.49 -1.95 -1.57
CA ALA A 72 -12.62 -2.30 -0.16
C ALA A 72 -12.76 -1.02 0.67
N VAL A 73 -11.83 -0.09 0.43
CA VAL A 73 -11.83 1.17 1.14
C VAL A 73 -13.17 1.88 0.90
N ARG A 74 -13.52 2.00 -0.37
CA ARG A 74 -14.76 2.65 -0.76
C ARG A 74 -15.87 2.29 0.23
N ALA A 75 -15.76 1.10 0.79
CA ALA A 75 -16.74 0.63 1.75
C ALA A 75 -16.42 1.20 3.13
N ASN A 76 -15.16 1.05 3.53
CA ASN A 76 -14.72 1.55 4.82
C ASN A 76 -13.99 2.88 4.62
N PRO A 77 -14.49 3.92 5.34
CA PRO A 77 -13.89 5.24 5.25
C PRO A 77 -12.56 5.30 6.01
N ALA A 78 -12.35 4.30 6.85
CA ALA A 78 -11.14 4.22 7.64
C ALA A 78 -9.94 4.04 6.70
N THR A 79 -10.11 3.15 5.75
CA THR A 79 -9.05 2.87 4.78
C THR A 79 -9.20 3.78 3.55
N LYS A 80 -10.42 4.25 3.36
CA LYS A 80 -10.72 5.12 2.23
C LYS A 80 -9.81 6.35 2.29
N LYS A 81 -9.31 6.61 3.49
CA LYS A 81 -8.43 7.76 3.70
C LYS A 81 -6.98 7.27 3.75
N ALA A 82 -6.82 5.96 3.63
CA ALA A 82 -5.50 5.36 3.66
C ALA A 82 -5.02 5.11 2.23
N ALA A 83 -3.70 5.12 2.07
CA ALA A 83 -3.10 4.91 0.76
C ALA A 83 -2.69 3.44 0.63
N PHE A 84 -2.29 3.08 -0.58
CA PHE A 84 -1.87 1.71 -0.86
C PHE A 84 -0.78 1.67 -1.92
N ILE A 85 0.22 0.85 -1.68
CA ILE A 85 1.32 0.71 -2.61
C ILE A 85 1.27 -0.68 -3.26
N ILE A 86 1.37 -0.67 -4.59
CA ILE A 86 1.32 -1.92 -5.34
C ILE A 86 2.51 -1.96 -6.31
N LEU A 87 3.45 -2.83 -5.99
CA LEU A 87 4.65 -2.97 -6.81
C LEU A 87 4.83 -4.45 -7.18
N THR A 88 5.77 -4.70 -8.07
CA THR A 88 6.05 -6.05 -8.51
C THR A 88 7.56 -6.25 -8.70
N ALA A 89 7.92 -7.49 -9.00
CA ALA A 89 9.32 -7.82 -9.22
C ALA A 89 9.87 -6.99 -10.39
N GLN A 90 8.94 -6.43 -11.15
CA GLN A 90 9.30 -5.62 -12.30
C GLN A 90 8.74 -4.21 -12.15
N GLY A 91 7.50 -4.05 -12.60
CA GLY A 91 6.84 -2.76 -12.53
C GLY A 91 5.54 -2.76 -13.34
N ASP A 92 4.51 -2.19 -12.74
CA ASP A 92 3.21 -2.12 -13.38
C ASP A 92 2.58 -0.76 -13.09
N ARG A 93 3.04 0.24 -13.83
CA ARG A 93 2.54 1.59 -13.66
C ARG A 93 1.03 1.63 -13.95
N ALA A 94 0.63 0.83 -14.94
CA ALA A 94 -0.76 0.77 -15.33
C ALA A 94 -1.59 0.20 -14.18
N LEU A 95 -1.01 -0.81 -13.53
CA LEU A 95 -1.67 -1.45 -12.41
C LEU A 95 -1.97 -0.41 -11.32
N VAL A 96 -0.93 0.32 -10.94
CA VAL A 96 -1.06 1.35 -9.93
C VAL A 96 -1.98 2.45 -10.44
N GLN A 97 -1.57 3.05 -11.55
CA GLN A 97 -2.35 4.12 -12.15
C GLN A 97 -3.82 3.70 -12.27
N LYS A 98 -4.03 2.41 -12.44
CA LYS A 98 -5.36 1.87 -12.56
C LYS A 98 -6.10 2.03 -11.23
N ALA A 99 -5.45 1.57 -10.17
CA ALA A 99 -6.02 1.67 -8.84
C ALA A 99 -6.45 3.10 -8.56
N ALA A 100 -5.51 4.02 -8.81
CA ALA A 100 -5.77 5.43 -8.58
C ALA A 100 -7.02 5.84 -9.36
N ALA A 101 -7.11 5.37 -10.60
CA ALA A 101 -8.24 5.68 -11.45
C ALA A 101 -9.49 5.01 -10.88
N LEU A 102 -9.36 3.74 -10.57
CA LEU A 102 -10.47 2.97 -10.02
C LEU A 102 -11.23 3.84 -9.03
N GLY A 103 -10.47 4.50 -8.16
CA GLY A 103 -11.06 5.36 -7.15
C GLY A 103 -10.39 5.17 -5.79
N ALA A 104 -9.07 5.15 -5.82
CA ALA A 104 -8.29 4.98 -4.61
C ALA A 104 -7.88 6.35 -4.06
N ASN A 105 -7.59 6.38 -2.76
CA ASN A 105 -7.20 7.61 -2.11
C ASN A 105 -5.79 8.00 -2.57
N ASN A 106 -4.90 7.02 -2.51
CA ASN A 106 -3.51 7.25 -2.91
C ASN A 106 -2.81 5.91 -3.09
N VAL A 107 -2.43 5.64 -4.33
CA VAL A 107 -1.75 4.39 -4.65
C VAL A 107 -0.48 4.70 -5.44
N LEU A 108 0.63 4.16 -4.96
CA LEU A 108 1.91 4.38 -5.60
C LEU A 108 2.53 3.02 -5.94
N ALA A 109 3.25 3.00 -7.06
CA ALA A 109 3.90 1.78 -7.51
C ALA A 109 5.40 1.88 -7.26
N LYS A 110 6.09 0.77 -7.49
CA LYS A 110 7.53 0.72 -7.31
C LYS A 110 8.18 0.07 -8.53
N PRO A 111 8.07 0.77 -9.69
CA PRO A 111 8.64 0.28 -10.92
C PRO A 111 10.17 0.44 -10.93
N PHE A 112 10.73 0.36 -12.13
CA PHE A 112 12.17 0.50 -12.29
C PHE A 112 12.55 1.96 -12.51
N THR A 113 11.64 2.86 -12.12
CA THR A 113 11.88 4.28 -12.28
C THR A 113 11.81 4.98 -10.92
N ILE A 114 12.97 5.12 -10.30
CA ILE A 114 13.06 5.76 -9.00
C ILE A 114 12.35 7.12 -9.07
N GLU A 115 12.37 7.71 -10.25
CA GLU A 115 11.74 9.00 -10.46
C GLU A 115 10.23 8.90 -10.22
N LYS A 116 9.66 7.81 -10.71
CA LYS A 116 8.23 7.58 -10.56
C LYS A 116 7.94 7.14 -9.12
N MET A 117 8.58 6.06 -8.72
CA MET A 117 8.40 5.54 -7.38
C MET A 117 8.68 6.60 -6.33
N LYS A 118 9.86 7.19 -6.43
CA LYS A 118 10.27 8.22 -5.49
C LYS A 118 9.25 9.36 -5.53
N ALA A 119 9.07 9.92 -6.72
CA ALA A 119 8.12 11.01 -6.89
C ALA A 119 6.74 10.57 -6.42
N ALA A 120 6.45 9.30 -6.65
CA ALA A 120 5.17 8.74 -6.25
C ALA A 120 4.99 8.91 -4.73
N ILE A 121 5.95 8.39 -3.99
CA ILE A 121 5.91 8.50 -2.55
C ILE A 121 5.85 9.97 -2.14
N GLU A 122 6.66 10.77 -2.82
CA GLU A 122 6.71 12.20 -2.53
C GLU A 122 5.31 12.81 -2.65
N ALA A 123 4.45 12.10 -3.37
CA ALA A 123 3.09 12.56 -3.57
C ALA A 123 2.21 12.06 -2.43
N VAL A 124 2.33 10.76 -2.15
CA VAL A 124 1.56 10.15 -1.10
C VAL A 124 1.91 10.81 0.24
N PHE A 125 3.15 11.25 0.33
CA PHE A 125 3.61 11.91 1.54
C PHE A 125 3.36 13.41 1.49
N GLY A 126 2.99 13.87 0.30
CA GLY A 126 2.72 15.29 0.09
C GLY A 126 1.57 15.48 -0.90
N ALA A 127 1.92 15.39 -2.18
CA ALA A 127 0.94 15.56 -3.23
C ALA A 127 0.11 14.27 -3.36
N LEU A 128 -1.08 14.32 -2.78
CA LEU A 128 -1.96 13.17 -2.82
C LEU A 128 -2.22 12.78 -4.29
N LYS A 129 -2.97 13.64 -4.97
CA LYS A 129 -3.29 13.39 -6.37
C LYS A 129 -2.02 12.99 -7.12
N MET A 1 -4.16 7.39 16.81
CA MET A 1 -4.09 8.24 17.99
C MET A 1 -3.32 9.53 17.71
N SER A 2 -2.80 10.12 18.78
CA SER A 2 -2.03 11.35 18.66
C SER A 2 -0.58 11.02 18.32
N LEU A 3 -0.22 9.76 18.49
CA LEU A 3 1.13 9.31 18.21
C LEU A 3 1.12 8.43 16.95
N ALA A 4 2.23 7.76 16.73
CA ALA A 4 2.37 6.90 15.57
C ALA A 4 1.18 5.92 15.52
N GLU A 5 0.57 5.73 16.69
CA GLU A 5 -0.56 4.84 16.80
C GLU A 5 -1.46 4.98 15.57
N LYS A 6 -1.86 6.21 15.30
CA LYS A 6 -2.72 6.49 14.16
C LYS A 6 -2.05 5.97 12.89
N ILE A 7 -0.78 6.33 12.72
CA ILE A 7 -0.03 5.92 11.55
C ILE A 7 0.20 4.41 11.62
N LYS A 8 -0.09 3.75 10.50
CA LYS A 8 0.08 2.32 10.41
C LYS A 8 0.39 1.93 8.97
N VAL A 9 1.32 1.00 8.82
CA VAL A 9 1.72 0.54 7.50
C VAL A 9 1.57 -0.98 7.43
N LEU A 10 0.95 -1.43 6.35
CA LEU A 10 0.73 -2.86 6.15
C LEU A 10 1.56 -3.33 4.96
N ILE A 11 2.44 -4.28 5.23
CA ILE A 11 3.29 -4.83 4.19
C ILE A 11 2.96 -6.31 3.98
N VAL A 12 2.02 -6.55 3.08
CA VAL A 12 1.60 -7.91 2.78
C VAL A 12 1.74 -8.16 1.28
N ASP A 13 2.25 -9.35 0.96
CA ASP A 13 2.44 -9.73 -0.43
C ASP A 13 2.21 -11.24 -0.58
N ASP A 14 2.20 -11.68 -1.83
CA ASP A 14 2.00 -13.09 -2.12
C ASP A 14 3.31 -13.85 -1.89
N GLN A 15 4.39 -13.09 -1.83
CA GLN A 15 5.70 -13.67 -1.62
C GLN A 15 6.53 -12.79 -0.67
N VAL A 16 7.12 -13.45 0.32
CA VAL A 16 7.94 -12.74 1.29
C VAL A 16 8.96 -11.85 0.56
N THR A 17 9.68 -12.48 -0.36
CA THR A 17 10.68 -11.77 -1.14
C THR A 17 10.17 -10.38 -1.52
N SER A 18 8.99 -10.38 -2.13
CA SER A 18 8.37 -9.13 -2.56
C SER A 18 8.07 -8.24 -1.34
N ARG A 19 7.37 -8.84 -0.38
CA ARG A 19 7.00 -8.13 0.83
C ARG A 19 8.26 -7.76 1.62
N LEU A 20 8.86 -8.78 2.22
CA LEU A 20 10.06 -8.58 3.01
C LEU A 20 10.95 -7.54 2.33
N LEU A 21 10.87 -7.51 1.01
CA LEU A 21 11.65 -6.57 0.23
C LEU A 21 11.14 -5.15 0.48
N LEU A 22 9.83 -5.00 0.32
CA LEU A 22 9.20 -3.70 0.52
C LEU A 22 9.22 -3.36 2.02
N GLY A 23 8.80 -4.33 2.83
CA GLY A 23 8.77 -4.15 4.26
C GLY A 23 10.13 -3.69 4.79
N ASP A 24 11.18 -4.16 4.13
CA ASP A 24 12.53 -3.81 4.52
C ASP A 24 12.82 -2.38 4.07
N ALA A 25 12.49 -2.10 2.82
CA ALA A 25 12.71 -0.78 2.26
C ALA A 25 11.81 0.23 2.96
N LEU A 26 10.55 -0.14 3.10
CA LEU A 26 9.57 0.72 3.75
C LEU A 26 10.08 1.09 5.14
N GLN A 27 10.43 0.06 5.91
CA GLN A 27 10.93 0.26 7.25
C GLN A 27 12.19 1.14 7.23
N GLN A 28 12.94 0.99 6.16
CA GLN A 28 14.18 1.75 5.99
C GLN A 28 13.85 3.18 5.56
N LEU A 29 12.60 3.38 5.18
CA LEU A 29 12.16 4.70 4.74
C LEU A 29 11.89 5.58 5.96
N GLY A 30 11.13 5.03 6.89
CA GLY A 30 10.78 5.74 8.11
C GLY A 30 9.31 5.57 8.46
N PHE A 31 8.88 4.32 8.45
CA PHE A 31 7.49 4.00 8.77
C PHE A 31 7.25 4.05 10.27
N LYS A 32 5.98 4.22 10.63
CA LYS A 32 5.60 4.29 12.02
C LYS A 32 5.51 2.87 12.60
N GLN A 33 4.58 2.10 12.07
CA GLN A 33 4.38 0.73 12.52
C GLN A 33 4.18 -0.19 11.33
N ILE A 34 5.16 -1.06 11.12
CA ILE A 34 5.09 -2.00 10.01
C ILE A 34 4.31 -3.23 10.45
N THR A 35 3.42 -3.67 9.57
CA THR A 35 2.60 -4.84 9.85
C THR A 35 2.48 -5.72 8.60
N ALA A 36 3.08 -6.90 8.70
CA ALA A 36 3.05 -7.85 7.60
C ALA A 36 1.93 -8.85 7.82
N ALA A 37 1.41 -9.36 6.71
CA ALA A 37 0.33 -10.33 6.76
C ALA A 37 0.57 -11.43 5.74
N GLY A 38 -0.37 -12.35 5.66
CA GLY A 38 -0.27 -13.46 4.72
C GLY A 38 -0.24 -12.95 3.27
N ASP A 39 -1.26 -12.20 2.92
CA ASP A 39 -1.36 -11.64 1.58
C ASP A 39 -2.68 -10.87 1.46
N GLY A 40 -2.79 -10.13 0.36
CA GLY A 40 -3.99 -9.34 0.10
C GLY A 40 -4.80 -9.17 1.37
N GLU A 41 -5.96 -9.81 1.39
CA GLU A 41 -6.85 -9.73 2.54
C GLU A 41 -6.09 -10.07 3.82
N GLN A 42 -5.43 -11.22 3.79
CA GLN A 42 -4.67 -11.67 4.94
C GLN A 42 -3.97 -10.49 5.62
N GLY A 43 -3.67 -9.48 4.80
CA GLY A 43 -3.00 -8.29 5.31
C GLY A 43 -3.96 -7.10 5.33
N MET A 44 -4.69 -6.94 4.24
CA MET A 44 -5.65 -5.86 4.12
C MET A 44 -6.64 -5.87 5.29
N LYS A 45 -7.23 -7.04 5.50
CA LYS A 45 -8.20 -7.20 6.58
C LYS A 45 -7.55 -6.79 7.91
N ILE A 46 -6.27 -7.13 8.04
CA ILE A 46 -5.54 -6.81 9.24
C ILE A 46 -5.55 -5.28 9.46
N MET A 47 -5.32 -4.57 8.37
CA MET A 47 -5.31 -3.11 8.42
C MET A 47 -6.71 -2.57 8.73
N ALA A 48 -7.71 -3.28 8.24
CA ALA A 48 -9.09 -2.88 8.46
C ALA A 48 -9.39 -2.89 9.97
N GLN A 49 -9.01 -3.99 10.60
CA GLN A 49 -9.22 -4.16 12.02
C GLN A 49 -8.42 -3.12 12.80
N ASN A 50 -7.10 -3.22 12.69
CA ASN A 50 -6.21 -2.31 13.37
C ASN A 50 -6.15 -0.99 12.59
N PRO A 51 -5.28 -0.07 13.10
CA PRO A 51 -5.11 1.23 12.45
C PRO A 51 -4.30 1.11 11.16
N HIS A 52 -4.69 1.90 10.18
CA HIS A 52 -4.01 1.88 8.90
C HIS A 52 -3.83 3.33 8.39
N HIS A 53 -2.71 3.56 7.75
CA HIS A 53 -2.40 4.88 7.22
C HIS A 53 -1.81 4.74 5.81
N LEU A 54 -0.99 3.73 5.65
CA LEU A 54 -0.35 3.48 4.38
C LEU A 54 -0.23 1.96 4.15
N VAL A 55 -0.93 1.49 3.13
CA VAL A 55 -0.91 0.08 2.81
C VAL A 55 0.09 -0.16 1.68
N ILE A 56 0.86 -1.23 1.84
CA ILE A 56 1.86 -1.59 0.85
C ILE A 56 1.86 -3.11 0.65
N SER A 57 1.58 -3.51 -0.58
CA SER A 57 1.54 -4.92 -0.92
C SER A 57 2.09 -5.14 -2.32
N ASP A 58 2.02 -6.38 -2.77
CA ASP A 58 2.51 -6.74 -4.09
C ASP A 58 1.41 -6.46 -5.13
N PHE A 59 1.81 -6.52 -6.39
CA PHE A 59 0.88 -6.29 -7.48
C PHE A 59 0.07 -7.55 -7.81
N ASN A 60 0.57 -8.67 -7.29
CA ASN A 60 -0.09 -9.95 -7.52
C ASN A 60 -1.60 -9.77 -7.38
N MET A 61 -2.32 -10.83 -7.71
CA MET A 61 -3.78 -10.80 -7.62
C MET A 61 -4.28 -11.66 -6.46
N PRO A 62 -3.96 -11.20 -5.22
CA PRO A 62 -4.36 -11.92 -4.03
C PRO A 62 -5.86 -11.74 -3.76
N LYS A 63 -6.24 -11.97 -2.51
CA LYS A 63 -7.63 -11.82 -2.11
C LYS A 63 -8.07 -10.39 -2.34
N MET A 64 -7.13 -9.47 -2.19
CA MET A 64 -7.41 -8.06 -2.38
C MET A 64 -6.16 -7.31 -2.84
N ASP A 65 -6.30 -6.65 -3.99
CA ASP A 65 -5.19 -5.90 -4.55
C ASP A 65 -5.64 -4.46 -4.80
N GLY A 66 -4.68 -3.61 -5.14
CA GLY A 66 -4.96 -2.22 -5.42
C GLY A 66 -6.40 -2.04 -5.90
N LEU A 67 -6.84 -2.98 -6.71
CA LEU A 67 -8.18 -2.95 -7.26
C LEU A 67 -9.19 -3.28 -6.16
N GLY A 68 -9.09 -4.50 -5.65
CA GLY A 68 -9.98 -4.95 -4.60
C GLY A 68 -9.82 -4.08 -3.35
N LEU A 69 -8.58 -3.74 -3.05
CA LEU A 69 -8.29 -2.92 -1.88
C LEU A 69 -9.10 -1.63 -1.96
N LEU A 70 -9.06 -1.00 -3.13
CA LEU A 70 -9.79 0.24 -3.35
C LEU A 70 -11.27 0.01 -3.04
N GLN A 71 -11.91 -0.77 -3.90
CA GLN A 71 -13.32 -1.07 -3.72
C GLN A 71 -13.62 -1.39 -2.26
N ALA A 72 -12.64 -1.99 -1.61
CA ALA A 72 -12.78 -2.37 -0.21
C ALA A 72 -12.92 -1.10 0.64
N VAL A 73 -12.01 -0.17 0.41
CA VAL A 73 -12.02 1.09 1.13
C VAL A 73 -13.35 1.81 0.88
N ARG A 74 -13.68 1.94 -0.39
CA ARG A 74 -14.92 2.60 -0.77
C ARG A 74 -16.04 2.24 0.20
N ALA A 75 -15.94 1.04 0.75
CA ALA A 75 -16.93 0.57 1.70
C ALA A 75 -16.61 1.12 3.09
N ASN A 76 -15.36 0.97 3.48
CA ASN A 76 -14.91 1.44 4.78
C ASN A 76 -14.15 2.75 4.60
N PRO A 77 -14.64 3.81 5.31
CA PRO A 77 -14.00 5.12 5.23
C PRO A 77 -12.70 5.15 6.02
N ALA A 78 -12.51 4.11 6.83
CA ALA A 78 -11.32 4.00 7.65
C ALA A 78 -10.10 3.85 6.74
N THR A 79 -10.22 2.93 5.79
CA THR A 79 -9.13 2.68 4.86
C THR A 79 -9.24 3.61 3.65
N LYS A 80 -10.46 4.09 3.42
CA LYS A 80 -10.71 4.98 2.30
C LYS A 80 -9.82 6.21 2.42
N LYS A 81 -9.32 6.43 3.64
CA LYS A 81 -8.46 7.56 3.90
C LYS A 81 -7.00 7.09 3.90
N ALA A 82 -6.83 5.78 3.78
CA ALA A 82 -5.50 5.19 3.77
C ALA A 82 -5.05 4.99 2.33
N ALA A 83 -3.74 5.00 2.14
CA ALA A 83 -3.17 4.81 0.81
C ALA A 83 -2.78 3.35 0.63
N PHE A 84 -2.40 3.03 -0.60
CA PHE A 84 -2.00 1.66 -0.92
C PHE A 84 -0.96 1.65 -2.05
N ILE A 85 0.07 0.85 -1.86
CA ILE A 85 1.13 0.74 -2.84
C ILE A 85 1.11 -0.66 -3.45
N ILE A 86 1.18 -0.70 -4.77
CA ILE A 86 1.17 -1.96 -5.49
C ILE A 86 2.40 -2.05 -6.38
N LEU A 87 3.32 -2.93 -6.01
CA LEU A 87 4.54 -3.11 -6.76
C LEU A 87 4.62 -4.57 -7.25
N THR A 88 5.46 -4.77 -8.24
CA THR A 88 5.65 -6.11 -8.81
C THR A 88 7.13 -6.39 -9.03
N ALA A 89 7.41 -7.63 -9.45
CA ALA A 89 8.77 -8.04 -9.70
C ALA A 89 9.36 -7.18 -10.82
N GLN A 90 8.48 -6.48 -11.52
CA GLN A 90 8.90 -5.61 -12.60
C GLN A 90 8.41 -4.18 -12.36
N GLY A 91 7.20 -3.91 -12.82
CA GLY A 91 6.62 -2.59 -12.66
C GLY A 91 5.36 -2.43 -13.52
N ASP A 92 4.33 -1.87 -12.91
CA ASP A 92 3.07 -1.66 -13.60
C ASP A 92 2.49 -0.31 -13.21
N ARG A 93 3.04 0.73 -13.81
CA ARG A 93 2.59 2.09 -13.53
C ARG A 93 1.11 2.24 -13.86
N ALA A 94 0.70 1.56 -14.94
CA ALA A 94 -0.67 1.61 -15.38
C ALA A 94 -1.56 0.95 -14.32
N LEU A 95 -1.07 -0.15 -13.77
CA LEU A 95 -1.80 -0.87 -12.75
C LEU A 95 -2.08 0.05 -11.57
N VAL A 96 -1.02 0.72 -11.11
CA VAL A 96 -1.13 1.63 -9.99
C VAL A 96 -2.06 2.79 -10.38
N GLN A 97 -1.65 3.50 -11.41
CA GLN A 97 -2.43 4.64 -11.90
C GLN A 97 -3.89 4.24 -12.08
N LYS A 98 -4.09 2.95 -12.35
CA LYS A 98 -5.44 2.43 -12.54
C LYS A 98 -6.18 2.45 -11.21
N ALA A 99 -5.53 1.93 -10.19
CA ALA A 99 -6.12 1.88 -8.86
C ALA A 99 -6.53 3.30 -8.44
N ALA A 100 -5.56 4.21 -8.54
CA ALA A 100 -5.80 5.59 -8.17
C ALA A 100 -7.01 6.12 -8.94
N ALA A 101 -6.99 5.88 -10.24
CA ALA A 101 -8.07 6.31 -11.10
C ALA A 101 -9.37 5.60 -10.71
N LEU A 102 -9.23 4.30 -10.49
CA LEU A 102 -10.39 3.49 -10.10
C LEU A 102 -11.22 4.27 -9.07
N GLY A 103 -10.55 4.71 -8.02
CA GLY A 103 -11.22 5.46 -6.97
C GLY A 103 -10.51 5.26 -5.63
N ALA A 104 -9.20 5.22 -5.69
CA ALA A 104 -8.40 5.03 -4.49
C ALA A 104 -7.97 6.39 -3.93
N ASN A 105 -7.67 6.40 -2.64
CA ASN A 105 -7.25 7.63 -1.99
C ASN A 105 -5.85 8.02 -2.47
N ASN A 106 -4.97 7.04 -2.44
CA ASN A 106 -3.59 7.25 -2.88
C ASN A 106 -2.90 5.90 -3.08
N VAL A 107 -2.50 5.66 -4.32
CA VAL A 107 -1.84 4.42 -4.66
C VAL A 107 -0.52 4.73 -5.39
N LEU A 108 0.55 4.13 -4.90
CA LEU A 108 1.86 4.33 -5.49
C LEU A 108 2.42 2.99 -5.95
N ALA A 109 3.18 3.04 -7.02
CA ALA A 109 3.79 1.84 -7.57
C ALA A 109 5.29 1.84 -7.28
N LYS A 110 5.93 0.71 -7.57
CA LYS A 110 7.35 0.58 -7.34
C LYS A 110 8.01 -0.05 -8.58
N PRO A 111 7.95 0.70 -9.71
CA PRO A 111 8.53 0.23 -10.95
C PRO A 111 10.06 0.32 -10.91
N PHE A 112 10.66 0.30 -12.10
CA PHE A 112 12.10 0.38 -12.21
C PHE A 112 12.55 1.84 -12.40
N THR A 113 11.68 2.75 -12.00
CA THR A 113 11.98 4.16 -12.13
C THR A 113 11.86 4.85 -10.76
N ILE A 114 12.99 4.98 -10.09
CA ILE A 114 13.03 5.61 -8.79
C ILE A 114 12.31 6.96 -8.85
N GLU A 115 12.31 7.53 -10.05
CA GLU A 115 11.66 8.81 -10.27
C GLU A 115 10.16 8.71 -10.00
N LYS A 116 9.58 7.62 -10.48
CA LYS A 116 8.16 7.39 -10.30
C LYS A 116 7.90 6.94 -8.87
N MET A 117 8.56 5.88 -8.47
CA MET A 117 8.41 5.34 -7.13
C MET A 117 8.70 6.42 -6.08
N LYS A 118 9.87 7.03 -6.20
CA LYS A 118 10.28 8.06 -5.28
C LYS A 118 9.24 9.19 -5.30
N ALA A 119 9.06 9.76 -6.48
CA ALA A 119 8.11 10.83 -6.66
C ALA A 119 6.73 10.39 -6.16
N ALA A 120 6.45 9.11 -6.37
CA ALA A 120 5.18 8.54 -5.95
C ALA A 120 5.01 8.74 -4.44
N ILE A 121 6.00 8.24 -3.71
CA ILE A 121 5.98 8.37 -2.26
C ILE A 121 5.86 9.83 -1.86
N GLU A 122 6.62 10.66 -2.58
CA GLU A 122 6.61 12.09 -2.31
C GLU A 122 5.18 12.64 -2.40
N ALA A 123 4.34 11.89 -3.08
CA ALA A 123 2.94 12.28 -3.26
C ALA A 123 2.13 11.76 -2.08
N VAL A 124 2.30 10.48 -1.80
CA VAL A 124 1.59 9.85 -0.70
C VAL A 124 1.94 10.55 0.61
N PHE A 125 3.16 11.05 0.67
CA PHE A 125 3.63 11.74 1.86
C PHE A 125 3.30 13.24 1.78
N GLY A 126 2.88 13.66 0.59
CA GLY A 126 2.54 15.05 0.37
C GLY A 126 1.35 15.17 -0.59
N ALA A 127 1.65 15.05 -1.87
CA ALA A 127 0.62 15.15 -2.90
C ALA A 127 -0.14 13.83 -2.97
N LEU A 128 -1.31 13.83 -2.34
CA LEU A 128 -2.15 12.64 -2.33
C LEU A 128 -2.38 12.17 -3.76
N LYS A 129 -3.06 13.00 -4.52
CA LYS A 129 -3.35 12.67 -5.91
C LYS A 129 -2.05 12.26 -6.62
N MET A 1 -6.28 10.05 18.19
CA MET A 1 -5.49 8.93 18.67
C MET A 1 -4.73 9.29 19.94
N SER A 2 -4.11 8.28 20.53
CA SER A 2 -3.35 8.47 21.76
C SER A 2 -1.94 8.98 21.44
N LEU A 3 -1.35 8.37 20.41
CA LEU A 3 -0.01 8.74 19.99
C LEU A 3 0.10 8.55 18.48
N ALA A 4 1.34 8.57 18.01
CA ALA A 4 1.61 8.41 16.59
C ALA A 4 0.94 7.12 16.10
N GLU A 5 0.66 6.24 17.04
CA GLU A 5 0.03 4.97 16.73
C GLU A 5 -0.94 5.14 15.55
N LYS A 6 -1.67 6.24 15.59
CA LYS A 6 -2.63 6.53 14.52
C LYS A 6 -2.06 6.06 13.19
N ILE A 7 -0.75 6.17 13.06
CA ILE A 7 -0.08 5.76 11.84
C ILE A 7 0.13 4.25 11.86
N LYS A 8 -0.15 3.63 10.72
CA LYS A 8 0.00 2.19 10.60
C LYS A 8 0.33 1.84 9.14
N VAL A 9 1.24 0.89 8.99
CA VAL A 9 1.65 0.46 7.66
C VAL A 9 1.50 -1.06 7.55
N LEU A 10 0.92 -1.49 6.44
CA LEU A 10 0.70 -2.90 6.20
C LEU A 10 1.54 -3.35 5.00
N ILE A 11 2.40 -4.34 5.25
CA ILE A 11 3.26 -4.86 4.20
C ILE A 11 2.92 -6.33 3.95
N VAL A 12 1.99 -6.56 3.05
CA VAL A 12 1.57 -7.91 2.72
C VAL A 12 1.72 -8.13 1.21
N ASP A 13 2.24 -9.30 0.87
CA ASP A 13 2.44 -9.65 -0.53
C ASP A 13 2.25 -11.15 -0.71
N ASP A 14 2.24 -11.57 -1.97
CA ASP A 14 2.05 -12.97 -2.29
C ASP A 14 3.37 -13.72 -2.05
N GLN A 15 4.45 -12.95 -1.98
CA GLN A 15 5.76 -13.51 -1.76
C GLN A 15 6.58 -12.61 -0.84
N VAL A 16 7.24 -13.25 0.13
CA VAL A 16 8.05 -12.51 1.08
C VAL A 16 9.01 -11.57 0.32
N THR A 17 9.72 -12.16 -0.62
CA THR A 17 10.66 -11.40 -1.43
C THR A 17 10.09 -10.02 -1.77
N SER A 18 8.88 -10.05 -2.33
CA SER A 18 8.21 -8.82 -2.71
C SER A 18 7.91 -7.98 -1.47
N ARG A 19 7.26 -8.63 -0.51
CA ARG A 19 6.91 -7.95 0.74
C ARG A 19 8.18 -7.55 1.50
N LEU A 20 8.84 -8.55 2.04
CA LEU A 20 10.06 -8.32 2.79
C LEU A 20 10.88 -7.23 2.10
N LEU A 21 10.75 -7.18 0.79
CA LEU A 21 11.46 -6.20 -0.01
C LEU A 21 10.93 -4.80 0.31
N LEU A 22 9.63 -4.67 0.22
CA LEU A 22 8.98 -3.39 0.49
C LEU A 22 9.05 -3.11 1.99
N GLY A 23 8.73 -4.13 2.77
CA GLY A 23 8.75 -3.99 4.22
C GLY A 23 10.14 -3.56 4.71
N ASP A 24 11.15 -3.98 3.95
CA ASP A 24 12.52 -3.65 4.30
C ASP A 24 12.80 -2.19 3.93
N ALA A 25 12.38 -1.83 2.73
CA ALA A 25 12.59 -0.47 2.24
C ALA A 25 11.69 0.48 3.04
N LEU A 26 10.43 0.08 3.17
CA LEU A 26 9.46 0.89 3.90
C LEU A 26 9.99 1.15 5.32
N GLN A 27 10.39 0.07 5.98
CA GLN A 27 10.91 0.17 7.32
C GLN A 27 12.18 1.04 7.34
N GLN A 28 12.92 0.96 6.26
CA GLN A 28 14.15 1.72 6.12
C GLN A 28 13.83 3.19 5.81
N LEU A 29 12.58 3.43 5.47
CA LEU A 29 12.13 4.77 5.15
C LEU A 29 11.88 5.55 6.44
N GLY A 30 11.15 4.92 7.34
CA GLY A 30 10.83 5.55 8.62
C GLY A 30 9.33 5.42 8.94
N PHE A 31 8.84 4.20 8.84
CA PHE A 31 7.44 3.94 9.11
C PHE A 31 7.17 3.95 10.62
N LYS A 32 5.89 4.08 10.94
CA LYS A 32 5.48 4.11 12.34
C LYS A 32 5.40 2.67 12.87
N GLN A 33 4.48 1.91 12.29
CA GLN A 33 4.29 0.53 12.70
C GLN A 33 4.09 -0.35 11.47
N ILE A 34 5.07 -1.21 11.23
CA ILE A 34 5.02 -2.12 10.10
C ILE A 34 4.25 -3.38 10.49
N THR A 35 3.34 -3.77 9.61
CA THR A 35 2.53 -4.96 9.86
C THR A 35 2.43 -5.81 8.60
N ALA A 36 3.04 -6.99 8.66
CA ALA A 36 3.03 -7.90 7.53
C ALA A 36 1.92 -8.94 7.73
N ALA A 37 1.39 -9.40 6.61
CA ALA A 37 0.32 -10.39 6.64
C ALA A 37 0.58 -11.46 5.57
N GLY A 38 -0.35 -12.39 5.48
CA GLY A 38 -0.23 -13.47 4.51
C GLY A 38 -0.19 -12.92 3.08
N ASP A 39 -1.23 -12.18 2.73
CA ASP A 39 -1.32 -11.59 1.41
C ASP A 39 -2.64 -10.83 1.28
N GLY A 40 -2.74 -10.05 0.21
CA GLY A 40 -3.94 -9.28 -0.03
C GLY A 40 -4.78 -9.13 1.24
N GLU A 41 -5.94 -9.76 1.23
CA GLU A 41 -6.83 -9.72 2.37
C GLU A 41 -6.08 -10.09 3.65
N GLN A 42 -5.42 -11.24 3.60
CA GLN A 42 -4.67 -11.72 4.73
C GLN A 42 -3.97 -10.55 5.45
N GLY A 43 -3.67 -9.52 4.67
CA GLY A 43 -3.02 -8.34 5.22
C GLY A 43 -3.98 -7.15 5.26
N MET A 44 -4.70 -6.98 4.16
CA MET A 44 -5.66 -5.89 4.06
C MET A 44 -6.66 -5.94 5.21
N LYS A 45 -7.24 -7.11 5.40
CA LYS A 45 -8.22 -7.30 6.46
C LYS A 45 -7.60 -6.92 7.80
N ILE A 46 -6.32 -7.25 7.94
CA ILE A 46 -5.60 -6.96 9.16
C ILE A 46 -5.61 -5.44 9.41
N MET A 47 -5.37 -4.70 8.34
CA MET A 47 -5.36 -3.25 8.43
C MET A 47 -6.76 -2.71 8.73
N ALA A 48 -7.75 -3.42 8.23
CA ALA A 48 -9.13 -3.02 8.45
C ALA A 48 -9.45 -3.07 9.94
N GLN A 49 -9.07 -4.18 10.56
CA GLN A 49 -9.30 -4.37 11.98
C GLN A 49 -8.52 -3.34 12.79
N ASN A 50 -7.20 -3.42 12.68
CA ASN A 50 -6.34 -2.50 13.39
C ASN A 50 -6.25 -1.18 12.61
N PRO A 51 -5.40 -0.26 13.14
CA PRO A 51 -5.22 1.04 12.52
C PRO A 51 -4.37 0.92 11.25
N HIS A 52 -4.73 1.72 10.26
CA HIS A 52 -4.01 1.72 9.00
C HIS A 52 -3.83 3.16 8.51
N HIS A 53 -2.72 3.38 7.80
CA HIS A 53 -2.42 4.70 7.28
C HIS A 53 -1.81 4.56 5.88
N LEU A 54 -0.81 3.70 5.79
CA LEU A 54 -0.13 3.47 4.52
C LEU A 54 -0.06 1.97 4.25
N VAL A 55 -0.82 1.54 3.25
CA VAL A 55 -0.85 0.14 2.88
C VAL A 55 0.15 -0.12 1.76
N ILE A 56 0.91 -1.19 1.91
CA ILE A 56 1.91 -1.56 0.92
C ILE A 56 1.86 -3.06 0.67
N SER A 57 1.58 -3.41 -0.57
CA SER A 57 1.50 -4.81 -0.95
C SER A 57 2.12 -5.02 -2.34
N ASP A 58 2.00 -6.25 -2.82
CA ASP A 58 2.53 -6.59 -4.13
C ASP A 58 1.48 -6.27 -5.20
N PHE A 59 1.95 -6.21 -6.44
CA PHE A 59 1.06 -5.93 -7.56
C PHE A 59 0.29 -7.18 -7.98
N ASN A 60 0.76 -8.32 -7.49
CA ASN A 60 0.13 -9.59 -7.80
C ASN A 60 -1.39 -9.44 -7.66
N MET A 61 -2.10 -10.52 -8.00
CA MET A 61 -3.54 -10.52 -7.92
C MET A 61 -4.02 -11.40 -6.76
N PRO A 62 -3.72 -10.94 -5.52
CA PRO A 62 -4.11 -11.67 -4.33
C PRO A 62 -5.62 -11.54 -4.07
N LYS A 63 -6.00 -11.82 -2.83
CA LYS A 63 -7.39 -11.73 -2.44
C LYS A 63 -7.90 -10.30 -2.67
N MET A 64 -6.98 -9.35 -2.50
CA MET A 64 -7.32 -7.95 -2.69
C MET A 64 -6.11 -7.16 -3.20
N ASP A 65 -6.27 -6.61 -4.40
CA ASP A 65 -5.21 -5.85 -5.01
C ASP A 65 -5.69 -4.40 -5.21
N GLY A 66 -4.76 -3.55 -5.63
CA GLY A 66 -5.07 -2.16 -5.85
C GLY A 66 -6.54 -1.97 -6.20
N LEU A 67 -7.06 -2.90 -6.97
CA LEU A 67 -8.45 -2.86 -7.38
C LEU A 67 -9.35 -3.20 -6.18
N GLY A 68 -9.19 -4.43 -5.70
CA GLY A 68 -9.98 -4.89 -4.56
C GLY A 68 -9.70 -4.02 -3.33
N LEU A 69 -8.43 -3.70 -3.14
CA LEU A 69 -8.02 -2.88 -2.01
C LEU A 69 -8.81 -1.57 -2.02
N LEU A 70 -8.84 -0.95 -3.19
CA LEU A 70 -9.55 0.31 -3.35
C LEU A 70 -11.02 0.11 -2.95
N GLN A 71 -11.73 -0.64 -3.78
CA GLN A 71 -13.14 -0.91 -3.53
C GLN A 71 -13.36 -1.22 -2.04
N ALA A 72 -12.35 -1.82 -1.43
CA ALA A 72 -12.43 -2.17 -0.02
C ALA A 72 -12.52 -0.89 0.81
N VAL A 73 -11.61 0.02 0.53
CA VAL A 73 -11.58 1.29 1.24
C VAL A 73 -12.92 2.00 1.06
N ARG A 74 -13.33 2.12 -0.19
CA ARG A 74 -14.59 2.77 -0.51
C ARG A 74 -15.65 2.41 0.54
N ALA A 75 -15.50 1.22 1.10
CA ALA A 75 -16.44 0.75 2.11
C ALA A 75 -16.02 1.31 3.48
N ASN A 76 -14.77 1.06 3.82
CA ASN A 76 -14.24 1.52 5.09
C ASN A 76 -13.53 2.86 4.89
N PRO A 77 -14.00 3.87 5.67
CA PRO A 77 -13.43 5.21 5.59
C PRO A 77 -12.06 5.27 6.27
N ALA A 78 -11.79 4.23 7.05
CA ALA A 78 -10.51 4.15 7.76
C ALA A 78 -9.38 4.00 6.74
N THR A 79 -9.59 3.13 5.78
CA THR A 79 -8.60 2.89 4.74
C THR A 79 -8.83 3.83 3.56
N LYS A 80 -10.06 4.31 3.46
CA LYS A 80 -10.41 5.22 2.37
C LYS A 80 -9.53 6.47 2.46
N LYS A 81 -9.05 6.74 3.66
CA LYS A 81 -8.20 7.90 3.90
C LYS A 81 -6.73 7.45 3.90
N ALA A 82 -6.54 6.15 3.76
CA ALA A 82 -5.21 5.58 3.76
C ALA A 82 -4.78 5.31 2.31
N ALA A 83 -3.47 5.33 2.10
CA ALA A 83 -2.93 5.08 0.77
C ALA A 83 -2.57 3.60 0.64
N PHE A 84 -2.21 3.22 -0.57
CA PHE A 84 -1.85 1.83 -0.85
C PHE A 84 -0.81 1.76 -1.98
N ILE A 85 0.21 0.95 -1.74
CA ILE A 85 1.27 0.78 -2.71
C ILE A 85 1.17 -0.63 -3.32
N ILE A 86 1.20 -0.67 -4.65
CA ILE A 86 1.12 -1.93 -5.36
C ILE A 86 2.29 -2.05 -6.33
N LEU A 87 3.25 -2.89 -5.97
CA LEU A 87 4.42 -3.10 -6.80
C LEU A 87 4.63 -4.61 -7.01
N THR A 88 5.41 -4.92 -8.04
CA THR A 88 5.70 -6.30 -8.36
C THR A 88 7.19 -6.48 -8.65
N ALA A 89 7.58 -7.74 -8.85
CA ALA A 89 8.96 -8.06 -9.13
C ALA A 89 9.38 -7.35 -10.43
N GLN A 90 8.39 -6.85 -11.15
CA GLN A 90 8.64 -6.16 -12.39
C GLN A 90 8.21 -4.69 -12.28
N GLY A 91 6.94 -4.46 -12.54
CA GLY A 91 6.39 -3.12 -12.46
C GLY A 91 5.13 -2.99 -13.33
N ASP A 92 4.11 -2.37 -12.75
CA ASP A 92 2.85 -2.18 -13.45
C ASP A 92 2.29 -0.80 -13.12
N ARG A 93 2.87 0.21 -13.77
CA ARG A 93 2.44 1.58 -13.55
C ARG A 93 0.95 1.73 -13.85
N ALA A 94 0.50 0.97 -14.84
CA ALA A 94 -0.90 1.00 -15.23
C ALA A 94 -1.75 0.42 -14.10
N LEU A 95 -1.23 -0.63 -13.49
CA LEU A 95 -1.94 -1.28 -12.39
C LEU A 95 -2.17 -0.27 -11.27
N VAL A 96 -1.10 0.43 -10.90
CA VAL A 96 -1.18 1.42 -9.85
C VAL A 96 -2.06 2.58 -10.31
N GLN A 97 -1.63 3.21 -11.40
CA GLN A 97 -2.37 4.33 -11.96
C GLN A 97 -3.85 3.98 -12.10
N LYS A 98 -4.10 2.69 -12.34
CA LYS A 98 -5.46 2.21 -12.50
C LYS A 98 -6.20 2.33 -11.17
N ALA A 99 -5.57 1.81 -10.13
CA ALA A 99 -6.16 1.84 -8.80
C ALA A 99 -6.55 3.29 -8.46
N ALA A 100 -5.59 4.18 -8.65
CA ALA A 100 -5.83 5.59 -8.37
C ALA A 100 -7.07 6.06 -9.13
N ALA A 101 -7.16 5.65 -10.38
CA ALA A 101 -8.29 6.02 -11.21
C ALA A 101 -9.55 5.33 -10.69
N LEU A 102 -9.41 4.05 -10.41
CA LEU A 102 -10.53 3.27 -9.90
C LEU A 102 -11.30 4.11 -8.88
N GLY A 103 -10.54 4.75 -8.00
CA GLY A 103 -11.14 5.58 -6.97
C GLY A 103 -10.43 5.37 -5.62
N ALA A 104 -9.11 5.35 -5.68
CA ALA A 104 -8.31 5.17 -4.49
C ALA A 104 -7.88 6.54 -3.95
N ASN A 105 -7.56 6.55 -2.67
CA ASN A 105 -7.12 7.79 -2.03
C ASN A 105 -5.72 8.16 -2.52
N ASN A 106 -4.83 7.17 -2.49
CA ASN A 106 -3.48 7.38 -2.93
C ASN A 106 -2.79 6.02 -3.12
N VAL A 107 -2.44 5.73 -4.36
CA VAL A 107 -1.79 4.47 -4.68
C VAL A 107 -0.49 4.76 -5.45
N LEU A 108 0.58 4.15 -4.97
CA LEU A 108 1.88 4.33 -5.60
C LEU A 108 2.44 2.97 -6.02
N ALA A 109 3.21 2.98 -7.09
CA ALA A 109 3.80 1.76 -7.61
C ALA A 109 5.30 1.77 -7.30
N LYS A 110 5.93 0.64 -7.59
CA LYS A 110 7.35 0.50 -7.36
C LYS A 110 7.99 -0.22 -8.55
N PRO A 111 7.90 0.42 -9.73
CA PRO A 111 8.47 -0.14 -10.95
C PRO A 111 9.99 -0.02 -10.96
N PHE A 112 10.56 -0.14 -12.15
CA PHE A 112 11.99 -0.05 -12.31
C PHE A 112 12.43 1.39 -12.58
N THR A 113 11.54 2.31 -12.24
CA THR A 113 11.82 3.73 -12.45
C THR A 113 11.74 4.48 -11.11
N ILE A 114 12.89 4.67 -10.51
CA ILE A 114 12.97 5.37 -9.23
C ILE A 114 12.25 6.71 -9.35
N GLU A 115 12.19 7.22 -10.58
CA GLU A 115 11.53 8.49 -10.84
C GLU A 115 10.04 8.37 -10.54
N LYS A 116 9.47 7.23 -10.92
CA LYS A 116 8.06 6.99 -10.70
C LYS A 116 7.82 6.67 -9.22
N MET A 117 8.50 5.63 -8.76
CA MET A 117 8.37 5.21 -7.36
C MET A 117 8.69 6.37 -6.42
N LYS A 118 9.86 6.95 -6.62
CA LYS A 118 10.29 8.06 -5.79
C LYS A 118 9.26 9.18 -5.85
N ALA A 119 9.03 9.65 -7.07
CA ALA A 119 8.06 10.72 -7.29
C ALA A 119 6.70 10.30 -6.73
N ALA A 120 6.41 9.01 -6.86
CA ALA A 120 5.15 8.47 -6.37
C ALA A 120 5.04 8.75 -4.87
N ILE A 121 6.04 8.29 -4.13
CA ILE A 121 6.05 8.49 -2.69
C ILE A 121 5.97 9.99 -2.39
N GLU A 122 6.71 10.76 -3.17
CA GLU A 122 6.72 12.20 -3.00
C GLU A 122 5.31 12.77 -3.09
N ALA A 123 4.44 11.98 -3.70
CA ALA A 123 3.05 12.40 -3.87
C ALA A 123 2.25 11.98 -2.63
N VAL A 124 2.44 10.73 -2.24
CA VAL A 124 1.75 10.20 -1.07
C VAL A 124 2.12 11.02 0.17
N PHE A 125 3.37 11.46 0.19
CA PHE A 125 3.87 12.25 1.30
C PHE A 125 3.57 13.74 1.08
N GLY A 126 3.11 14.04 -0.12
CA GLY A 126 2.78 15.42 -0.47
C GLY A 126 1.56 15.48 -1.39
N ALA A 127 1.82 15.28 -2.67
CA ALA A 127 0.75 15.31 -3.66
C ALA A 127 -0.02 13.99 -3.61
N LEU A 128 -1.16 14.03 -2.93
CA LEU A 128 -2.00 12.86 -2.80
C LEU A 128 -2.38 12.36 -4.19
N LYS A 129 -3.21 13.14 -4.86
CA LYS A 129 -3.67 12.79 -6.19
C LYS A 129 -3.93 11.28 -6.26
N MET A 1 -2.92 10.32 16.63
CA MET A 1 -3.79 10.21 17.80
C MET A 1 -2.99 10.37 19.09
N SER A 2 -3.07 9.34 19.92
CA SER A 2 -2.36 9.35 21.20
C SER A 2 -0.90 8.94 20.98
N LEU A 3 -0.71 7.94 20.14
CA LEU A 3 0.62 7.44 19.84
C LEU A 3 0.70 7.03 18.38
N ALA A 4 1.76 6.30 18.05
CA ALA A 4 1.96 5.85 16.69
C ALA A 4 0.69 5.14 16.20
N GLU A 5 -0.10 4.69 17.16
CA GLU A 5 -1.34 3.99 16.83
C GLU A 5 -1.95 4.56 15.56
N LYS A 6 -2.07 5.88 15.53
CA LYS A 6 -2.63 6.56 14.37
C LYS A 6 -1.95 6.05 13.11
N ILE A 7 -0.65 6.27 13.04
CA ILE A 7 0.14 5.85 11.90
C ILE A 7 0.26 4.32 11.92
N LYS A 8 -0.05 3.72 10.77
CA LYS A 8 0.01 2.29 10.63
C LYS A 8 0.34 1.93 9.18
N VAL A 9 1.23 0.97 9.02
CA VAL A 9 1.64 0.53 7.70
C VAL A 9 1.47 -0.99 7.60
N LEU A 10 0.92 -1.43 6.48
CA LEU A 10 0.70 -2.84 6.26
C LEU A 10 1.54 -3.30 5.06
N ILE A 11 2.39 -4.29 5.31
CA ILE A 11 3.26 -4.81 4.27
C ILE A 11 2.93 -6.29 4.05
N VAL A 12 2.00 -6.53 3.13
CA VAL A 12 1.59 -7.88 2.81
C VAL A 12 1.73 -8.12 1.31
N ASP A 13 2.25 -9.29 0.97
CA ASP A 13 2.45 -9.65 -0.43
C ASP A 13 2.26 -11.16 -0.59
N ASP A 14 2.25 -11.59 -1.85
CA ASP A 14 2.08 -13.00 -2.15
C ASP A 14 3.40 -13.73 -1.93
N GLN A 15 4.46 -12.94 -1.83
CA GLN A 15 5.78 -13.50 -1.61
C GLN A 15 6.60 -12.59 -0.69
N VAL A 16 7.25 -13.21 0.28
CA VAL A 16 8.07 -12.48 1.23
C VAL A 16 9.01 -11.55 0.47
N THR A 17 9.73 -12.15 -0.48
CA THR A 17 10.67 -11.39 -1.29
C THR A 17 10.08 -10.02 -1.65
N SER A 18 8.89 -10.05 -2.21
CA SER A 18 8.21 -8.83 -2.60
C SER A 18 7.91 -7.98 -1.37
N ARG A 19 7.26 -8.61 -0.41
CA ARG A 19 6.90 -7.92 0.82
C ARG A 19 8.17 -7.51 1.59
N LEU A 20 8.84 -8.49 2.14
CA LEU A 20 10.05 -8.25 2.90
C LEU A 20 10.87 -7.17 2.19
N LEU A 21 10.74 -7.14 0.87
CA LEU A 21 11.46 -6.17 0.07
C LEU A 21 10.92 -4.77 0.37
N LEU A 22 9.61 -4.65 0.27
CA LEU A 22 8.95 -3.37 0.51
C LEU A 22 9.01 -3.06 2.00
N GLY A 23 8.71 -4.07 2.81
CA GLY A 23 8.73 -3.91 4.25
C GLY A 23 10.10 -3.44 4.73
N ASP A 24 11.12 -3.86 4.00
CA ASP A 24 12.49 -3.49 4.34
C ASP A 24 12.73 -2.04 3.93
N ALA A 25 12.33 -1.72 2.71
CA ALA A 25 12.50 -0.37 2.19
C ALA A 25 11.59 0.59 2.96
N LEU A 26 10.34 0.17 3.12
CA LEU A 26 9.36 0.97 3.83
C LEU A 26 9.89 1.29 5.24
N GLN A 27 10.28 0.23 5.93
CA GLN A 27 10.80 0.38 7.28
C GLN A 27 12.05 1.28 7.28
N GLN A 28 12.79 1.21 6.18
CA GLN A 28 13.99 2.01 6.04
C GLN A 28 13.63 3.45 5.65
N LEU A 29 12.36 3.64 5.29
CA LEU A 29 11.88 4.94 4.90
C LEU A 29 11.63 5.79 6.15
N GLY A 30 10.92 5.20 7.10
CA GLY A 30 10.62 5.88 8.35
C GLY A 30 9.15 5.67 8.74
N PHE A 31 8.73 4.42 8.68
CA PHE A 31 7.36 4.07 9.02
C PHE A 31 7.16 4.07 10.54
N LYS A 32 5.91 4.20 10.95
CA LYS A 32 5.57 4.21 12.36
C LYS A 32 5.51 2.77 12.88
N GLN A 33 4.55 2.03 12.35
CA GLN A 33 4.36 0.64 12.74
C GLN A 33 4.15 -0.23 11.50
N ILE A 34 5.11 -1.12 11.28
CA ILE A 34 5.04 -2.02 10.14
C ILE A 34 4.27 -3.28 10.55
N THR A 35 3.35 -3.68 9.68
CA THR A 35 2.55 -4.87 9.94
C THR A 35 2.45 -5.72 8.68
N ALA A 36 3.06 -6.91 8.76
CA ALA A 36 3.05 -7.83 7.63
C ALA A 36 1.94 -8.87 7.85
N ALA A 37 1.39 -9.34 6.73
CA ALA A 37 0.33 -10.32 6.79
C ALA A 37 0.61 -11.41 5.73
N GLY A 38 -0.32 -12.35 5.65
CA GLY A 38 -0.20 -13.44 4.69
C GLY A 38 -0.15 -12.91 3.26
N ASP A 39 -1.20 -12.17 2.90
CA ASP A 39 -1.29 -11.60 1.56
C ASP A 39 -2.62 -10.86 1.43
N GLY A 40 -2.73 -10.11 0.35
CA GLY A 40 -3.94 -9.34 0.09
C GLY A 40 -4.77 -9.17 1.36
N GLU A 41 -5.93 -9.81 1.37
CA GLU A 41 -6.82 -9.74 2.51
C GLU A 41 -6.07 -10.10 3.79
N GLN A 42 -5.40 -11.24 3.75
CA GLN A 42 -4.64 -11.71 4.90
C GLN A 42 -3.95 -10.53 5.59
N GLY A 43 -3.65 -9.51 4.80
CA GLY A 43 -3.00 -8.32 5.32
C GLY A 43 -3.97 -7.14 5.35
N MET A 44 -4.69 -6.97 4.25
CA MET A 44 -5.65 -5.88 4.13
C MET A 44 -6.65 -5.92 5.28
N LYS A 45 -7.23 -7.09 5.49
CA LYS A 45 -8.21 -7.27 6.55
C LYS A 45 -7.58 -6.86 7.89
N ILE A 46 -6.31 -7.20 8.03
CA ILE A 46 -5.59 -6.87 9.25
C ILE A 46 -5.62 -5.36 9.47
N MET A 47 -5.38 -4.63 8.39
CA MET A 47 -5.38 -3.18 8.45
C MET A 47 -6.78 -2.63 8.73
N ALA A 48 -7.77 -3.35 8.23
CA ALA A 48 -9.15 -2.95 8.43
C ALA A 48 -9.48 -2.99 9.92
N GLN A 49 -9.10 -4.08 10.56
CA GLN A 49 -9.34 -4.25 11.98
C GLN A 49 -8.57 -3.19 12.78
N ASN A 50 -7.26 -3.26 12.70
CA ASN A 50 -6.40 -2.32 13.40
C ASN A 50 -6.32 -1.02 12.60
N PRO A 51 -5.48 -0.08 13.11
CA PRO A 51 -5.30 1.20 12.46
C PRO A 51 -4.44 1.06 11.20
N HIS A 52 -4.83 1.81 10.18
CA HIS A 52 -4.10 1.79 8.92
C HIS A 52 -3.92 3.21 8.40
N HIS A 53 -2.78 3.44 7.76
CA HIS A 53 -2.46 4.75 7.21
C HIS A 53 -1.86 4.59 5.82
N LEU A 54 -0.83 3.74 5.75
CA LEU A 54 -0.16 3.49 4.49
C LEU A 54 -0.09 1.98 4.25
N VAL A 55 -0.84 1.54 3.25
CA VAL A 55 -0.87 0.13 2.89
C VAL A 55 0.12 -0.13 1.77
N ILE A 56 0.91 -1.19 1.94
CA ILE A 56 1.89 -1.56 0.94
C ILE A 56 1.84 -3.07 0.71
N SER A 57 1.56 -3.44 -0.54
CA SER A 57 1.48 -4.84 -0.89
C SER A 57 2.08 -5.06 -2.29
N ASP A 58 1.96 -6.29 -2.77
CA ASP A 58 2.49 -6.64 -4.07
C ASP A 58 1.43 -6.36 -5.13
N PHE A 59 1.87 -6.33 -6.38
CA PHE A 59 0.96 -6.09 -7.49
C PHE A 59 0.22 -7.35 -7.89
N ASN A 60 0.71 -8.48 -7.39
CA ASN A 60 0.10 -9.76 -7.68
C ASN A 60 -1.41 -9.65 -7.54
N MET A 61 -2.09 -10.73 -7.87
CA MET A 61 -3.54 -10.78 -7.79
C MET A 61 -4.00 -11.63 -6.61
N PRO A 62 -3.72 -11.12 -5.38
CA PRO A 62 -4.09 -11.84 -4.17
C PRO A 62 -5.60 -11.70 -3.91
N LYS A 63 -5.96 -11.93 -2.66
CA LYS A 63 -7.36 -11.85 -2.26
C LYS A 63 -7.87 -10.42 -2.50
N MET A 64 -6.95 -9.48 -2.34
CA MET A 64 -7.29 -8.07 -2.54
C MET A 64 -6.09 -7.28 -3.04
N ASP A 65 -6.26 -6.66 -4.19
CA ASP A 65 -5.19 -5.87 -4.79
C ASP A 65 -5.71 -4.45 -5.04
N GLY A 66 -4.78 -3.59 -5.43
CA GLY A 66 -5.12 -2.20 -5.70
C GLY A 66 -6.58 -2.07 -6.11
N LEU A 67 -7.05 -3.05 -6.87
CA LEU A 67 -8.43 -3.04 -7.33
C LEU A 67 -9.36 -3.37 -6.15
N GLY A 68 -9.20 -4.57 -5.64
CA GLY A 68 -10.02 -5.01 -4.52
C GLY A 68 -9.79 -4.13 -3.29
N LEU A 69 -8.53 -3.76 -3.10
CA LEU A 69 -8.15 -2.92 -1.97
C LEU A 69 -8.97 -1.63 -2.02
N LEU A 70 -9.00 -1.02 -3.19
CA LEU A 70 -9.73 0.22 -3.38
C LEU A 70 -11.20 0.00 -3.01
N GLN A 71 -11.87 -0.77 -3.84
CA GLN A 71 -13.28 -1.07 -3.60
C GLN A 71 -13.52 -1.38 -2.12
N ALA A 72 -12.51 -1.98 -1.52
CA ALA A 72 -12.59 -2.34 -0.11
C ALA A 72 -12.70 -1.06 0.74
N VAL A 73 -11.81 -0.13 0.46
CA VAL A 73 -11.80 1.13 1.19
C VAL A 73 -13.14 1.84 0.98
N ARG A 74 -13.53 1.96 -0.27
CA ARG A 74 -14.78 2.62 -0.61
C ARG A 74 -15.86 2.26 0.42
N ALA A 75 -15.72 1.07 0.97
CA ALA A 75 -16.67 0.60 1.98
C ALA A 75 -16.27 1.15 3.35
N ASN A 76 -15.02 0.94 3.70
CA ASN A 76 -14.51 1.41 4.98
C ASN A 76 -13.77 2.73 4.77
N PRO A 77 -14.24 3.77 5.52
CA PRO A 77 -13.64 5.09 5.42
C PRO A 77 -12.28 5.13 6.14
N ALA A 78 -12.04 4.09 6.93
CA ALA A 78 -10.80 3.99 7.66
C ALA A 78 -9.63 3.88 6.68
N THR A 79 -9.81 3.02 5.70
CA THR A 79 -8.77 2.81 4.70
C THR A 79 -9.00 3.75 3.50
N LYS A 80 -10.25 4.18 3.36
CA LYS A 80 -10.61 5.07 2.27
C LYS A 80 -9.76 6.34 2.35
N LYS A 81 -9.22 6.58 3.54
CA LYS A 81 -8.39 7.75 3.76
C LYS A 81 -6.92 7.33 3.80
N ALA A 82 -6.71 6.03 3.65
CA ALA A 82 -5.36 5.49 3.66
C ALA A 82 -4.90 5.22 2.23
N ALA A 83 -3.60 5.24 2.03
CA ALA A 83 -3.03 5.00 0.72
C ALA A 83 -2.64 3.52 0.60
N PHE A 84 -2.27 3.14 -0.61
CA PHE A 84 -1.88 1.76 -0.86
C PHE A 84 -0.84 1.70 -1.99
N ILE A 85 0.20 0.89 -1.74
CA ILE A 85 1.26 0.73 -2.72
C ILE A 85 1.18 -0.67 -3.33
N ILE A 86 1.21 -0.72 -4.65
CA ILE A 86 1.15 -1.98 -5.36
C ILE A 86 2.30 -2.06 -6.35
N LEU A 87 3.26 -2.92 -6.02
CA LEU A 87 4.42 -3.11 -6.87
C LEU A 87 4.62 -4.61 -7.16
N THR A 88 5.44 -4.89 -8.15
CA THR A 88 5.71 -6.26 -8.53
C THR A 88 7.20 -6.44 -8.85
N ALA A 89 7.56 -7.68 -9.10
CA ALA A 89 8.95 -8.01 -9.42
C ALA A 89 9.35 -7.27 -10.69
N GLN A 90 8.35 -6.74 -11.39
CA GLN A 90 8.59 -6.01 -12.62
C GLN A 90 8.17 -4.55 -12.45
N GLY A 91 6.90 -4.30 -12.70
CA GLY A 91 6.36 -2.95 -12.59
C GLY A 91 5.12 -2.78 -13.47
N ASP A 92 4.11 -2.15 -12.89
CA ASP A 92 2.87 -1.92 -13.59
C ASP A 92 2.32 -0.54 -13.22
N ARG A 93 2.89 0.48 -13.85
CA ARG A 93 2.48 1.85 -13.59
C ARG A 93 1.00 2.02 -13.91
N ALA A 94 0.57 1.33 -14.96
CA ALA A 94 -0.82 1.41 -15.39
C ALA A 94 -1.71 0.79 -14.30
N LEU A 95 -1.22 -0.30 -13.73
CA LEU A 95 -1.96 -1.00 -12.69
C LEU A 95 -2.20 -0.04 -11.53
N VAL A 96 -1.13 0.64 -11.13
CA VAL A 96 -1.22 1.58 -10.02
C VAL A 96 -2.13 2.74 -10.41
N GLN A 97 -1.73 3.44 -11.46
CA GLN A 97 -2.50 4.57 -11.95
C GLN A 97 -3.97 4.17 -12.15
N LYS A 98 -4.16 2.89 -12.41
CA LYS A 98 -5.50 2.36 -12.61
C LYS A 98 -6.26 2.38 -11.28
N ALA A 99 -5.62 1.84 -10.26
CA ALA A 99 -6.21 1.79 -8.94
C ALA A 99 -6.60 3.21 -8.50
N ALA A 100 -5.62 4.10 -8.56
CA ALA A 100 -5.84 5.49 -8.17
C ALA A 100 -7.03 6.04 -8.96
N ALA A 101 -7.00 5.81 -10.26
CA ALA A 101 -8.06 6.28 -11.13
C ALA A 101 -9.37 5.61 -10.73
N LEU A 102 -9.29 4.30 -10.53
CA LEU A 102 -10.46 3.52 -10.15
C LEU A 102 -11.28 4.31 -9.13
N GLY A 103 -10.59 4.72 -8.07
CA GLY A 103 -11.24 5.47 -7.01
C GLY A 103 -10.54 5.24 -5.66
N ALA A 104 -9.22 5.21 -5.71
CA ALA A 104 -8.42 5.01 -4.53
C ALA A 104 -7.99 6.37 -3.96
N ASN A 105 -7.70 6.37 -2.67
CA ASN A 105 -7.28 7.58 -2.00
C ASN A 105 -5.88 7.98 -2.48
N ASN A 106 -4.98 7.00 -2.46
CA ASN A 106 -3.61 7.23 -2.89
C ASN A 106 -2.92 5.88 -3.09
N VAL A 107 -2.55 5.63 -4.33
CA VAL A 107 -1.88 4.39 -4.68
C VAL A 107 -0.58 4.70 -5.44
N LEU A 108 0.51 4.12 -4.97
CA LEU A 108 1.80 4.33 -5.60
C LEU A 108 2.38 2.98 -6.03
N ALA A 109 3.13 3.01 -7.12
CA ALA A 109 3.74 1.80 -7.64
C ALA A 109 5.23 1.81 -7.29
N LYS A 110 5.87 0.68 -7.55
CA LYS A 110 7.29 0.54 -7.28
C LYS A 110 7.96 -0.19 -8.45
N PRO A 111 7.93 0.47 -9.63
CA PRO A 111 8.54 -0.09 -10.83
C PRO A 111 10.06 0.01 -10.77
N PHE A 112 10.67 -0.12 -11.94
CA PHE A 112 12.12 -0.04 -12.04
C PHE A 112 12.58 1.40 -12.28
N THR A 113 11.69 2.32 -11.97
CA THR A 113 11.99 3.74 -12.15
C THR A 113 11.87 4.48 -10.82
N ILE A 114 13.02 4.66 -10.18
CA ILE A 114 13.06 5.35 -8.90
C ILE A 114 12.33 6.70 -9.03
N GLU A 115 12.35 7.22 -10.26
CA GLU A 115 11.70 8.49 -10.54
C GLU A 115 10.20 8.39 -10.29
N LYS A 116 9.64 7.26 -10.72
CA LYS A 116 8.21 7.03 -10.56
C LYS A 116 7.91 6.69 -9.10
N MET A 117 8.56 5.64 -8.62
CA MET A 117 8.38 5.22 -7.24
C MET A 117 8.66 6.36 -6.26
N LYS A 118 9.85 6.93 -6.40
CA LYS A 118 10.26 8.03 -5.54
C LYS A 118 9.22 9.15 -5.64
N ALA A 119 9.04 9.64 -6.86
CA ALA A 119 8.09 10.71 -7.11
C ALA A 119 6.72 10.30 -6.60
N ALA A 120 6.42 9.01 -6.76
CA ALA A 120 5.14 8.48 -6.32
C ALA A 120 4.97 8.74 -4.83
N ILE A 121 5.93 8.26 -4.06
CA ILE A 121 5.90 8.43 -2.61
C ILE A 121 5.86 9.93 -2.29
N GLU A 122 6.66 10.69 -3.02
CA GLU A 122 6.73 12.13 -2.83
C GLU A 122 5.33 12.75 -2.96
N ALA A 123 4.46 12.00 -3.62
CA ALA A 123 3.09 12.46 -3.82
C ALA A 123 2.23 12.03 -2.65
N VAL A 124 2.37 10.76 -2.28
CA VAL A 124 1.61 10.21 -1.18
C VAL A 124 1.95 10.99 0.10
N PHE A 125 3.21 11.38 0.20
CA PHE A 125 3.68 12.13 1.35
C PHE A 125 3.44 13.63 1.17
N GLY A 126 3.08 13.99 -0.05
CA GLY A 126 2.83 15.39 -0.36
C GLY A 126 1.65 15.53 -1.33
N ALA A 127 1.95 15.38 -2.61
CA ALA A 127 0.93 15.47 -3.64
C ALA A 127 0.10 14.18 -3.67
N LEU A 128 -1.06 14.26 -3.03
CA LEU A 128 -1.95 13.10 -2.97
C LEU A 128 -2.14 12.53 -4.38
N LYS A 129 -2.74 13.36 -5.24
CA LYS A 129 -2.99 12.95 -6.61
C LYS A 129 -1.84 13.46 -7.50
N MET A 1 -3.71 9.05 17.29
CA MET A 1 -3.26 10.39 17.65
C MET A 1 -2.39 10.34 18.91
N SER A 2 -2.78 9.49 19.84
CA SER A 2 -2.05 9.35 21.08
C SER A 2 -0.62 8.86 20.80
N LEU A 3 -0.54 7.91 19.88
CA LEU A 3 0.75 7.36 19.51
C LEU A 3 0.76 7.03 18.01
N ALA A 4 1.75 6.26 17.61
CA ALA A 4 1.87 5.87 16.21
C ALA A 4 0.56 5.23 15.74
N GLU A 5 -0.19 4.75 16.71
CA GLU A 5 -1.48 4.12 16.41
C GLU A 5 -2.11 4.76 15.18
N LYS A 6 -2.13 6.08 15.19
CA LYS A 6 -2.71 6.83 14.08
C LYS A 6 -2.12 6.30 12.76
N ILE A 7 -0.81 6.42 12.65
CA ILE A 7 -0.12 5.96 11.46
C ILE A 7 0.11 4.46 11.55
N LYS A 8 -0.17 3.78 10.44
CA LYS A 8 -0.01 2.34 10.38
C LYS A 8 0.26 1.92 8.94
N VAL A 9 1.32 1.14 8.77
CA VAL A 9 1.69 0.67 7.45
C VAL A 9 1.55 -0.85 7.39
N LEU A 10 0.98 -1.32 6.30
CA LEU A 10 0.77 -2.74 6.10
C LEU A 10 1.58 -3.22 4.90
N ILE A 11 2.48 -4.16 5.17
CA ILE A 11 3.33 -4.71 4.12
C ILE A 11 3.01 -6.19 3.94
N VAL A 12 2.06 -6.45 3.05
CA VAL A 12 1.65 -7.82 2.77
C VAL A 12 1.78 -8.09 1.27
N ASP A 13 2.27 -9.28 0.96
CA ASP A 13 2.46 -9.67 -0.43
C ASP A 13 2.24 -11.17 -0.56
N ASP A 14 2.20 -11.64 -1.80
CA ASP A 14 2.00 -13.05 -2.08
C ASP A 14 3.32 -13.79 -1.85
N GLN A 15 4.40 -13.02 -1.81
CA GLN A 15 5.72 -13.59 -1.60
C GLN A 15 6.57 -12.66 -0.72
N VAL A 16 7.22 -13.28 0.26
CA VAL A 16 8.07 -12.53 1.18
C VAL A 16 9.00 -11.62 0.38
N THR A 17 9.71 -12.24 -0.55
CA THR A 17 10.65 -11.51 -1.40
C THR A 17 10.07 -10.14 -1.76
N SER A 18 8.86 -10.17 -2.31
CA SER A 18 8.18 -8.95 -2.71
C SER A 18 7.91 -8.07 -1.48
N ARG A 19 7.27 -8.67 -0.50
CA ARG A 19 6.95 -7.96 0.73
C ARG A 19 8.23 -7.56 1.46
N LEU A 20 8.88 -8.56 2.03
CA LEU A 20 10.12 -8.33 2.75
C LEU A 20 10.95 -7.27 2.03
N LEU A 21 10.80 -7.24 0.71
CA LEU A 21 11.52 -6.29 -0.10
C LEU A 21 11.00 -4.87 0.19
N LEU A 22 9.68 -4.73 0.10
CA LEU A 22 9.05 -3.46 0.35
C LEU A 22 9.12 -3.13 1.84
N GLY A 23 8.77 -4.14 2.64
CA GLY A 23 8.78 -3.98 4.09
C GLY A 23 10.18 -3.58 4.57
N ASP A 24 11.18 -4.05 3.85
CA ASP A 24 12.56 -3.75 4.19
C ASP A 24 12.88 -2.31 3.82
N ALA A 25 12.51 -1.95 2.61
CA ALA A 25 12.75 -0.60 2.11
C ALA A 25 11.86 0.38 2.87
N LEU A 26 10.59 0.01 3.01
CA LEU A 26 9.64 0.84 3.72
C LEU A 26 10.15 1.11 5.13
N GLN A 27 10.49 0.03 5.82
CA GLN A 27 10.99 0.13 7.17
C GLN A 27 12.27 0.99 7.20
N GLN A 28 13.02 0.90 6.12
CA GLN A 28 14.26 1.65 6.01
C GLN A 28 13.96 3.14 5.75
N LEU A 29 12.72 3.39 5.36
CA LEU A 29 12.29 4.75 5.08
C LEU A 29 12.13 5.52 6.39
N GLY A 30 11.44 4.88 7.33
CA GLY A 30 11.20 5.49 8.63
C GLY A 30 9.71 5.67 8.89
N PHE A 31 8.97 4.58 8.73
CA PHE A 31 7.54 4.62 8.93
C PHE A 31 7.20 4.66 10.43
N LYS A 32 5.91 4.69 10.70
CA LYS A 32 5.44 4.74 12.08
C LYS A 32 5.40 3.31 12.65
N GLN A 33 4.52 2.51 12.08
CA GLN A 33 4.36 1.14 12.51
C GLN A 33 4.11 0.22 11.31
N ILE A 34 5.10 -0.62 11.02
CA ILE A 34 4.99 -1.54 9.91
C ILE A 34 4.29 -2.81 10.37
N THR A 35 3.46 -3.35 9.50
CA THR A 35 2.72 -4.56 9.80
C THR A 35 2.62 -5.46 8.56
N ALA A 36 3.25 -6.62 8.66
CA ALA A 36 3.24 -7.56 7.56
C ALA A 36 2.16 -8.62 7.80
N ALA A 37 1.59 -9.11 6.71
CA ALA A 37 0.54 -10.11 6.79
C ALA A 37 0.82 -11.21 5.77
N GLY A 38 -0.10 -12.17 5.71
CA GLY A 38 0.04 -13.28 4.78
C GLY A 38 0.02 -12.78 3.33
N ASP A 39 -1.05 -12.09 2.98
CA ASP A 39 -1.19 -11.56 1.64
C ASP A 39 -2.53 -10.82 1.52
N GLY A 40 -2.68 -10.10 0.42
CA GLY A 40 -3.89 -9.34 0.18
C GLY A 40 -4.70 -9.18 1.47
N GLU A 41 -5.86 -9.84 1.49
CA GLU A 41 -6.73 -9.78 2.65
C GLU A 41 -5.94 -10.11 3.92
N GLN A 42 -5.25 -11.24 3.88
CA GLN A 42 -4.46 -11.67 5.01
C GLN A 42 -3.79 -10.46 5.68
N GLY A 43 -3.53 -9.45 4.88
CA GLY A 43 -2.89 -8.24 5.38
C GLY A 43 -3.87 -7.07 5.40
N MET A 44 -4.62 -6.94 4.30
CA MET A 44 -5.59 -5.87 4.18
C MET A 44 -6.58 -5.90 5.35
N LYS A 45 -7.13 -7.08 5.59
CA LYS A 45 -8.09 -7.25 6.67
C LYS A 45 -7.46 -6.82 7.99
N ILE A 46 -6.18 -7.12 8.12
CA ILE A 46 -5.44 -6.77 9.32
C ILE A 46 -5.48 -5.25 9.50
N MET A 47 -5.28 -4.54 8.40
CA MET A 47 -5.28 -3.09 8.44
C MET A 47 -6.70 -2.56 8.72
N ALA A 48 -7.68 -3.31 8.25
CA ALA A 48 -9.07 -2.93 8.45
C ALA A 48 -9.38 -2.92 9.95
N GLN A 49 -8.98 -4.00 10.61
CA GLN A 49 -9.21 -4.14 12.04
C GLN A 49 -8.46 -3.04 12.80
N ASN A 50 -7.14 -3.10 12.69
CA ASN A 50 -6.30 -2.12 13.36
C ASN A 50 -6.27 -0.83 12.54
N PRO A 51 -5.42 0.13 13.01
CA PRO A 51 -5.29 1.40 12.33
C PRO A 51 -4.46 1.26 11.05
N HIS A 52 -4.87 2.00 10.03
CA HIS A 52 -4.18 1.96 8.75
C HIS A 52 -4.09 3.37 8.17
N HIS A 53 -2.92 3.70 7.67
CA HIS A 53 -2.69 5.02 7.08
C HIS A 53 -2.00 4.87 5.73
N LEU A 54 -1.19 3.82 5.62
CA LEU A 54 -0.47 3.55 4.39
C LEU A 54 -0.38 2.04 4.18
N VAL A 55 -0.95 1.60 3.08
CA VAL A 55 -0.94 0.18 2.74
C VAL A 55 0.06 -0.07 1.62
N ILE A 56 0.84 -1.14 1.79
CA ILE A 56 1.84 -1.50 0.80
C ILE A 56 1.85 -3.01 0.61
N SER A 57 1.55 -3.43 -0.60
CA SER A 57 1.52 -4.85 -0.93
C SER A 57 2.08 -5.08 -2.33
N ASP A 58 2.02 -6.34 -2.75
CA ASP A 58 2.51 -6.70 -4.07
C ASP A 58 1.44 -6.40 -5.12
N PHE A 59 1.86 -6.38 -6.37
CA PHE A 59 0.94 -6.11 -7.46
C PHE A 59 0.16 -7.36 -7.85
N ASN A 60 0.65 -8.50 -7.35
CA ASN A 60 0.00 -9.77 -7.63
C ASN A 60 -1.51 -9.63 -7.47
N MET A 61 -2.22 -10.70 -7.79
CA MET A 61 -3.66 -10.70 -7.68
C MET A 61 -4.12 -11.58 -6.51
N PRO A 62 -3.81 -11.10 -5.27
CA PRO A 62 -4.18 -11.82 -4.07
C PRO A 62 -5.67 -11.67 -3.78
N LYS A 63 -6.02 -11.91 -2.53
CA LYS A 63 -7.42 -11.80 -2.11
C LYS A 63 -7.90 -10.37 -2.34
N MET A 64 -6.99 -9.43 -2.13
CA MET A 64 -7.31 -8.02 -2.30
C MET A 64 -6.10 -7.24 -2.83
N ASP A 65 -6.29 -6.63 -3.98
CA ASP A 65 -5.22 -5.86 -4.60
C ASP A 65 -5.72 -4.43 -4.85
N GLY A 66 -4.78 -3.57 -5.24
CA GLY A 66 -5.12 -2.18 -5.52
C GLY A 66 -6.55 -2.05 -6.00
N LEU A 67 -6.99 -3.04 -6.76
CA LEU A 67 -8.34 -3.05 -7.29
C LEU A 67 -9.33 -3.34 -6.16
N GLY A 68 -9.20 -4.55 -5.61
CA GLY A 68 -10.08 -4.97 -4.53
C GLY A 68 -9.90 -4.07 -3.31
N LEU A 69 -8.65 -3.70 -3.05
CA LEU A 69 -8.34 -2.84 -1.92
C LEU A 69 -9.14 -1.55 -2.03
N LEU A 70 -9.11 -0.96 -3.21
CA LEU A 70 -9.83 0.28 -3.46
C LEU A 70 -11.31 0.07 -3.13
N GLN A 71 -11.97 -0.71 -3.98
CA GLN A 71 -13.38 -1.00 -3.79
C GLN A 71 -13.67 -1.30 -2.31
N ALA A 72 -12.69 -1.90 -1.66
CA ALA A 72 -12.82 -2.25 -0.26
C ALA A 72 -12.94 -0.97 0.57
N VAL A 73 -12.01 -0.05 0.33
CA VAL A 73 -12.00 1.21 1.04
C VAL A 73 -13.33 1.93 0.81
N ARG A 74 -13.70 2.05 -0.46
CA ARG A 74 -14.94 2.72 -0.82
C ARG A 74 -16.04 2.36 0.18
N ALA A 75 -15.93 1.18 0.75
CA ALA A 75 -16.90 0.72 1.72
C ALA A 75 -16.49 1.19 3.11
N ASN A 76 -15.22 0.98 3.43
CA ASN A 76 -14.69 1.39 4.72
C ASN A 76 -13.92 2.70 4.56
N PRO A 77 -14.41 3.74 5.30
CA PRO A 77 -13.79 5.04 5.25
C PRO A 77 -12.47 5.06 6.04
N ALA A 78 -12.29 4.03 6.85
CA ALA A 78 -11.09 3.91 7.65
C ALA A 78 -9.87 3.78 6.73
N THR A 79 -10.01 2.92 5.73
CA THR A 79 -8.94 2.71 4.78
C THR A 79 -9.08 3.67 3.58
N LYS A 80 -10.31 4.13 3.39
CA LYS A 80 -10.58 5.04 2.29
C LYS A 80 -9.71 6.30 2.45
N LYS A 81 -9.25 6.51 3.67
CA LYS A 81 -8.40 7.66 3.96
C LYS A 81 -6.93 7.23 3.93
N ALA A 82 -6.74 5.93 3.78
CA ALA A 82 -5.39 5.38 3.72
C ALA A 82 -5.01 5.12 2.27
N ALA A 83 -3.70 5.12 2.02
CA ALA A 83 -3.19 4.90 0.69
C ALA A 83 -2.80 3.42 0.54
N PHE A 84 -2.47 3.05 -0.70
CA PHE A 84 -2.07 1.68 -0.98
C PHE A 84 -1.04 1.63 -2.11
N ILE A 85 0.00 0.85 -1.89
CA ILE A 85 1.05 0.70 -2.88
C ILE A 85 0.99 -0.71 -3.47
N ILE A 86 1.06 -0.75 -4.80
CA ILE A 86 1.02 -2.03 -5.51
C ILE A 86 2.21 -2.11 -6.44
N LEU A 87 3.16 -2.97 -6.08
CA LEU A 87 4.36 -3.16 -6.88
C LEU A 87 4.55 -4.65 -7.15
N THR A 88 5.34 -4.93 -8.17
CA THR A 88 5.62 -6.32 -8.54
C THR A 88 7.12 -6.51 -8.80
N ALA A 89 7.49 -7.76 -9.03
CA ALA A 89 8.87 -8.09 -9.30
C ALA A 89 9.35 -7.33 -10.54
N GLN A 90 8.39 -6.79 -11.26
CA GLN A 90 8.69 -6.03 -12.47
C GLN A 90 8.28 -4.57 -12.30
N GLY A 91 7.01 -4.31 -12.57
CA GLY A 91 6.48 -2.96 -12.45
C GLY A 91 5.27 -2.76 -13.37
N ASP A 92 4.24 -2.15 -12.81
CA ASP A 92 3.02 -1.90 -13.56
C ASP A 92 2.46 -0.52 -13.19
N ARG A 93 3.07 0.50 -13.76
CA ARG A 93 2.65 1.87 -13.51
C ARG A 93 1.17 2.05 -13.86
N ALA A 94 0.77 1.38 -14.93
CA ALA A 94 -0.62 1.46 -15.39
C ALA A 94 -1.52 0.84 -14.32
N LEU A 95 -1.06 -0.26 -13.77
CA LEU A 95 -1.83 -0.97 -12.75
C LEU A 95 -2.09 -0.02 -11.57
N VAL A 96 -1.02 0.65 -11.14
CA VAL A 96 -1.13 1.58 -10.04
C VAL A 96 -2.04 2.75 -10.44
N GLN A 97 -1.62 3.43 -11.49
CA GLN A 97 -2.38 4.57 -11.99
C GLN A 97 -3.85 4.18 -12.20
N LYS A 98 -4.05 2.90 -12.45
CA LYS A 98 -5.40 2.38 -12.67
C LYS A 98 -6.16 2.41 -11.34
N ALA A 99 -5.52 1.88 -10.31
CA ALA A 99 -6.13 1.84 -8.99
C ALA A 99 -6.54 3.26 -8.57
N ALA A 100 -5.57 4.16 -8.67
CA ALA A 100 -5.82 5.54 -8.30
C ALA A 100 -7.01 6.08 -9.09
N ALA A 101 -6.98 5.84 -10.40
CA ALA A 101 -8.05 6.28 -11.28
C ALA A 101 -9.34 5.57 -10.88
N LEU A 102 -9.22 4.27 -10.64
CA LEU A 102 -10.38 3.48 -10.26
C LEU A 102 -11.22 4.25 -9.24
N GLY A 103 -10.55 4.69 -8.19
CA GLY A 103 -11.23 5.44 -7.14
C GLY A 103 -10.53 5.24 -5.79
N ALA A 104 -9.21 5.21 -5.84
CA ALA A 104 -8.42 5.02 -4.64
C ALA A 104 -8.02 6.38 -4.08
N ASN A 105 -7.71 6.40 -2.78
CA ASN A 105 -7.31 7.63 -2.13
C ASN A 105 -5.90 8.01 -2.59
N ASN A 106 -5.01 7.03 -2.54
CA ASN A 106 -3.64 7.24 -2.95
C ASN A 106 -2.95 5.88 -3.16
N VAL A 107 -2.56 5.64 -4.40
CA VAL A 107 -1.90 4.39 -4.74
C VAL A 107 -0.57 4.70 -5.43
N LEU A 108 0.48 4.07 -4.94
CA LEU A 108 1.80 4.26 -5.51
C LEU A 108 2.36 2.92 -5.97
N ALA A 109 3.16 2.96 -7.03
CA ALA A 109 3.76 1.76 -7.57
C ALA A 109 5.25 1.75 -7.24
N LYS A 110 5.88 0.62 -7.53
CA LYS A 110 7.30 0.46 -7.26
C LYS A 110 7.97 -0.23 -8.45
N PRO A 111 7.92 0.46 -9.62
CA PRO A 111 8.51 -0.08 -10.83
C PRO A 111 10.03 0.02 -10.79
N PHE A 112 10.64 -0.05 -11.97
CA PHE A 112 12.08 0.03 -12.08
C PHE A 112 12.53 1.47 -12.31
N THR A 113 11.65 2.40 -11.95
CA THR A 113 11.93 3.81 -12.10
C THR A 113 11.83 4.52 -10.75
N ILE A 114 12.98 4.70 -10.12
CA ILE A 114 13.03 5.36 -8.83
C ILE A 114 12.30 6.70 -8.92
N GLU A 115 12.27 7.24 -10.13
CA GLU A 115 11.60 8.52 -10.36
C GLU A 115 10.11 8.40 -10.09
N LYS A 116 9.55 7.27 -10.51
CA LYS A 116 8.13 7.01 -10.32
C LYS A 116 7.88 6.65 -8.85
N MET A 117 8.56 5.60 -8.42
CA MET A 117 8.42 5.13 -7.05
C MET A 117 8.71 6.26 -6.06
N LYS A 118 9.88 6.87 -6.23
CA LYS A 118 10.30 7.96 -5.35
C LYS A 118 9.25 9.07 -5.41
N ALA A 119 9.04 9.58 -6.62
CA ALA A 119 8.08 10.64 -6.83
C ALA A 119 6.71 10.19 -6.29
N ALA A 120 6.43 8.91 -6.46
CA ALA A 120 5.17 8.36 -6.01
C ALA A 120 5.03 8.60 -4.50
N ILE A 121 6.02 8.14 -3.75
CA ILE A 121 6.00 8.30 -2.31
C ILE A 121 5.90 9.79 -1.97
N GLU A 122 6.65 10.59 -2.71
CA GLU A 122 6.65 12.02 -2.51
C GLU A 122 5.23 12.58 -2.60
N ALA A 123 4.37 11.80 -3.25
CA ALA A 123 2.98 12.19 -3.43
C ALA A 123 2.17 11.73 -2.21
N VAL A 124 2.34 10.47 -1.87
CA VAL A 124 1.64 9.89 -0.74
C VAL A 124 2.01 10.64 0.53
N PHE A 125 3.24 11.14 0.55
CA PHE A 125 3.74 11.89 1.69
C PHE A 125 3.42 13.38 1.55
N GLY A 126 3.02 13.75 0.34
CA GLY A 126 2.69 15.14 0.07
C GLY A 126 1.48 15.24 -0.88
N ALA A 127 1.77 15.05 -2.16
CA ALA A 127 0.74 15.11 -3.18
C ALA A 127 -0.06 13.81 -3.17
N LEU A 128 -1.22 13.87 -2.52
CA LEU A 128 -2.08 12.70 -2.43
C LEU A 128 -2.56 12.32 -3.82
N LYS A 129 -3.50 13.10 -4.33
CA LYS A 129 -4.06 12.86 -5.66
C LYS A 129 -3.22 13.60 -6.70
N MET A 1 -1.98 4.95 19.00
CA MET A 1 -1.15 6.12 18.72
C MET A 1 -1.38 7.21 19.77
N SER A 2 -0.60 8.29 19.63
CA SER A 2 -0.70 9.39 20.55
C SER A 2 -1.85 10.32 20.14
N LEU A 3 -2.05 10.42 18.83
CA LEU A 3 -3.11 11.26 18.29
C LEU A 3 -3.73 10.57 17.08
N ALA A 4 -4.48 11.35 16.31
CA ALA A 4 -5.13 10.84 15.12
C ALA A 4 -4.09 10.13 14.25
N GLU A 5 -2.84 10.49 14.46
CA GLU A 5 -1.75 9.90 13.70
C GLU A 5 -2.10 8.47 13.28
N LYS A 6 -2.32 7.63 14.29
CA LYS A 6 -2.66 6.24 14.04
C LYS A 6 -1.86 5.73 12.84
N ILE A 7 -0.56 6.00 12.88
CA ILE A 7 0.32 5.56 11.81
C ILE A 7 0.43 4.04 11.83
N LYS A 8 0.21 3.44 10.67
CA LYS A 8 0.28 2.00 10.54
C LYS A 8 0.60 1.64 9.09
N VAL A 9 1.49 0.67 8.94
CA VAL A 9 1.89 0.22 7.61
C VAL A 9 1.70 -1.30 7.52
N LEU A 10 1.05 -1.71 6.45
CA LEU A 10 0.80 -3.13 6.22
C LEU A 10 1.62 -3.60 5.02
N ILE A 11 2.50 -4.56 5.28
CA ILE A 11 3.34 -5.11 4.23
C ILE A 11 2.96 -6.57 4.00
N VAL A 12 2.03 -6.76 3.07
CA VAL A 12 1.57 -8.10 2.74
C VAL A 12 1.72 -8.32 1.23
N ASP A 13 2.22 -9.50 0.89
CA ASP A 13 2.41 -9.85 -0.51
C ASP A 13 2.16 -11.35 -0.69
N ASP A 14 2.14 -11.76 -1.95
CA ASP A 14 1.91 -13.15 -2.28
C ASP A 14 3.20 -13.95 -2.04
N GLN A 15 4.27 -13.22 -1.78
CA GLN A 15 5.56 -13.83 -1.54
C GLN A 15 6.42 -12.93 -0.65
N VAL A 16 7.07 -13.56 0.32
CA VAL A 16 7.92 -12.82 1.24
C VAL A 16 8.88 -11.94 0.45
N THR A 17 9.57 -12.57 -0.50
CA THR A 17 10.52 -11.84 -1.34
C THR A 17 9.97 -10.46 -1.69
N SER A 18 8.77 -10.47 -2.24
CA SER A 18 8.11 -9.23 -2.64
C SER A 18 7.84 -8.35 -1.40
N ARG A 19 7.21 -8.96 -0.42
CA ARG A 19 6.88 -8.26 0.81
C ARG A 19 8.16 -7.88 1.55
N LEU A 20 8.81 -8.89 2.11
CA LEU A 20 10.05 -8.66 2.84
C LEU A 20 10.88 -7.60 2.12
N LEU A 21 10.75 -7.59 0.81
CA LEU A 21 11.48 -6.63 -0.01
C LEU A 21 10.98 -5.21 0.29
N LEU A 22 9.67 -5.06 0.20
CA LEU A 22 9.05 -3.77 0.47
C LEU A 22 9.15 -3.45 1.96
N GLY A 23 8.83 -4.46 2.77
CA GLY A 23 8.88 -4.30 4.21
C GLY A 23 10.27 -3.84 4.67
N ASP A 24 11.27 -4.28 3.92
CA ASP A 24 12.65 -3.91 4.23
C ASP A 24 12.91 -2.47 3.80
N ALA A 25 12.48 -2.16 2.58
CA ALA A 25 12.66 -0.82 2.05
C ALA A 25 11.78 0.16 2.83
N LEU A 26 10.53 -0.23 3.02
CA LEU A 26 9.59 0.60 3.74
C LEU A 26 10.16 0.91 5.13
N GLN A 27 10.52 -0.15 5.84
CA GLN A 27 11.08 -0.01 7.18
C GLN A 27 12.34 0.86 7.13
N GLN A 28 13.06 0.74 6.03
CA GLN A 28 14.28 1.51 5.85
C GLN A 28 13.95 2.96 5.50
N LEU A 29 12.69 3.19 5.18
CA LEU A 29 12.23 4.53 4.83
C LEU A 29 11.99 5.33 6.10
N GLY A 30 11.26 4.72 7.02
CA GLY A 30 10.95 5.37 8.29
C GLY A 30 9.47 5.18 8.65
N PHE A 31 9.04 3.93 8.61
CA PHE A 31 7.67 3.60 8.93
C PHE A 31 7.44 3.63 10.44
N LYS A 32 6.17 3.78 10.81
CA LYS A 32 5.80 3.82 12.22
C LYS A 32 5.72 2.40 12.76
N GLN A 33 4.78 1.65 12.22
CA GLN A 33 4.59 0.27 12.64
C GLN A 33 4.38 -0.64 11.42
N ILE A 34 5.36 -1.50 11.19
CA ILE A 34 5.30 -2.42 10.06
C ILE A 34 4.51 -3.67 10.48
N THR A 35 3.58 -4.04 9.62
CA THR A 35 2.76 -5.21 9.88
C THR A 35 2.58 -6.04 8.60
N ALA A 36 3.14 -7.24 8.65
CA ALA A 36 3.06 -8.13 7.50
C ALA A 36 1.92 -9.14 7.71
N ALA A 37 1.37 -9.61 6.61
CA ALA A 37 0.28 -10.57 6.67
C ALA A 37 0.50 -11.65 5.61
N GLY A 38 -0.46 -12.57 5.54
CA GLY A 38 -0.38 -13.65 4.58
C GLY A 38 -0.34 -13.11 3.14
N ASP A 39 -1.36 -12.33 2.81
CA ASP A 39 -1.46 -11.75 1.48
C ASP A 39 -2.76 -10.95 1.37
N GLY A 40 -2.85 -10.18 0.30
CA GLY A 40 -4.03 -9.36 0.07
C GLY A 40 -4.85 -9.20 1.35
N GLU A 41 -6.02 -9.82 1.36
CA GLU A 41 -6.90 -9.75 2.51
C GLU A 41 -6.14 -10.13 3.79
N GLN A 42 -5.50 -11.28 3.73
CA GLN A 42 -4.74 -11.77 4.87
C GLN A 42 -4.02 -10.61 5.56
N GLY A 43 -3.71 -9.60 4.76
CA GLY A 43 -3.02 -8.43 5.29
C GLY A 43 -3.95 -7.22 5.33
N MET A 44 -4.68 -7.04 4.23
CA MET A 44 -5.62 -5.93 4.13
C MET A 44 -6.61 -5.94 5.30
N LYS A 45 -7.22 -7.10 5.51
CA LYS A 45 -8.19 -7.26 6.58
C LYS A 45 -7.53 -6.89 7.91
N ILE A 46 -6.26 -7.21 8.02
CA ILE A 46 -5.51 -6.92 9.23
C ILE A 46 -5.52 -5.41 9.47
N MET A 47 -5.28 -4.67 8.39
CA MET A 47 -5.25 -3.22 8.48
C MET A 47 -6.64 -2.67 8.83
N ALA A 48 -7.65 -3.35 8.34
CA ALA A 48 -9.03 -2.94 8.59
C ALA A 48 -9.30 -3.02 10.10
N GLN A 49 -8.94 -4.15 10.68
CA GLN A 49 -9.15 -4.36 12.10
C GLN A 49 -8.31 -3.37 12.91
N ASN A 50 -7.00 -3.50 12.78
CA ASN A 50 -6.08 -2.62 13.48
C ASN A 50 -6.00 -1.28 12.75
N PRO A 51 -5.10 -0.42 13.27
CA PRO A 51 -4.91 0.90 12.68
C PRO A 51 -4.12 0.82 11.37
N HIS A 52 -4.55 1.62 10.41
CA HIS A 52 -3.90 1.63 9.11
C HIS A 52 -3.68 3.08 8.67
N HIS A 53 -2.58 3.28 7.94
CA HIS A 53 -2.25 4.61 7.45
C HIS A 53 -1.65 4.50 6.04
N LEU A 54 -0.85 3.47 5.85
CA LEU A 54 -0.22 3.24 4.56
C LEU A 54 -0.11 1.73 4.31
N VAL A 55 -0.82 1.29 3.28
CA VAL A 55 -0.81 -0.12 2.92
C VAL A 55 0.23 -0.36 1.82
N ILE A 56 0.97 -1.45 1.96
CA ILE A 56 1.99 -1.80 0.99
C ILE A 56 1.95 -3.31 0.74
N SER A 57 1.66 -3.65 -0.50
CA SER A 57 1.59 -5.06 -0.89
C SER A 57 2.15 -5.24 -2.30
N ASP A 58 2.05 -6.46 -2.80
CA ASP A 58 2.55 -6.78 -4.12
C ASP A 58 1.44 -6.52 -5.15
N PHE A 59 1.82 -6.60 -6.42
CA PHE A 59 0.87 -6.38 -7.49
C PHE A 59 0.08 -7.65 -7.81
N ASN A 60 0.56 -8.76 -7.26
CA ASN A 60 -0.09 -10.04 -7.47
C ASN A 60 -1.61 -9.84 -7.36
N MET A 61 -2.33 -10.92 -7.69
CA MET A 61 -3.77 -10.88 -7.62
C MET A 61 -4.30 -11.72 -6.46
N PRO A 62 -4.01 -11.23 -5.23
CA PRO A 62 -4.44 -11.93 -4.02
C PRO A 62 -5.93 -11.73 -3.78
N LYS A 63 -6.33 -11.93 -2.53
CA LYS A 63 -7.74 -11.78 -2.16
C LYS A 63 -8.16 -10.33 -2.40
N MET A 64 -7.20 -9.43 -2.24
CA MET A 64 -7.47 -8.02 -2.43
C MET A 64 -6.22 -7.28 -2.92
N ASP A 65 -6.35 -6.66 -4.08
CA ASP A 65 -5.24 -5.92 -4.66
C ASP A 65 -5.68 -4.48 -4.92
N GLY A 66 -4.69 -3.66 -5.29
CA GLY A 66 -4.96 -2.26 -5.56
C GLY A 66 -6.42 -2.05 -5.97
N LEU A 67 -6.92 -2.97 -6.76
CA LEU A 67 -8.30 -2.90 -7.24
C LEU A 67 -9.24 -3.23 -6.08
N GLY A 68 -9.14 -4.47 -5.61
CA GLY A 68 -9.98 -4.92 -4.51
C GLY A 68 -9.75 -4.07 -3.26
N LEU A 69 -8.49 -3.74 -3.02
CA LEU A 69 -8.13 -2.93 -1.87
C LEU A 69 -8.93 -1.63 -1.90
N LEU A 70 -8.94 -1.00 -3.06
CA LEU A 70 -9.66 0.25 -3.23
C LEU A 70 -11.13 0.04 -2.87
N GLN A 71 -11.80 -0.73 -3.70
CA GLN A 71 -13.21 -1.01 -3.48
C GLN A 71 -13.47 -1.34 -2.01
N ALA A 72 -12.46 -1.94 -1.39
CA ALA A 72 -12.56 -2.30 0.01
C ALA A 72 -12.69 -1.04 0.86
N VAL A 73 -11.79 -0.10 0.61
CA VAL A 73 -11.79 1.16 1.33
C VAL A 73 -13.16 1.83 1.17
N ARG A 74 -13.60 1.91 -0.07
CA ARG A 74 -14.87 2.53 -0.37
C ARG A 74 -15.91 2.17 0.69
N ALA A 75 -15.72 0.98 1.27
CA ALA A 75 -16.63 0.51 2.30
C ALA A 75 -16.19 1.06 3.65
N ASN A 76 -14.92 0.85 3.96
CA ASN A 76 -14.37 1.32 5.23
C ASN A 76 -13.72 2.69 5.00
N PRO A 77 -14.20 3.69 5.80
CA PRO A 77 -13.68 5.04 5.69
C PRO A 77 -12.29 5.14 6.34
N ALA A 78 -11.96 4.12 7.12
CA ALA A 78 -10.68 4.08 7.80
C ALA A 78 -9.56 3.95 6.77
N THR A 79 -9.77 3.02 5.84
CA THR A 79 -8.79 2.79 4.79
C THR A 79 -9.04 3.72 3.60
N LYS A 80 -10.28 4.19 3.51
CA LYS A 80 -10.66 5.09 2.44
C LYS A 80 -9.73 6.30 2.43
N LYS A 81 -9.20 6.60 3.60
CA LYS A 81 -8.30 7.73 3.75
C LYS A 81 -6.85 7.22 3.84
N ALA A 82 -6.72 5.91 3.65
CA ALA A 82 -5.41 5.29 3.70
C ALA A 82 -4.89 5.06 2.28
N ALA A 83 -3.57 5.06 2.16
CA ALA A 83 -2.94 4.87 0.86
C ALA A 83 -2.55 3.40 0.71
N PHE A 84 -2.13 3.05 -0.49
CA PHE A 84 -1.71 1.68 -0.79
C PHE A 84 -0.63 1.64 -1.86
N ILE A 85 0.35 0.79 -1.64
CA ILE A 85 1.45 0.65 -2.58
C ILE A 85 1.33 -0.70 -3.29
N ILE A 86 1.46 -0.65 -4.61
CA ILE A 86 1.38 -1.86 -5.42
C ILE A 86 2.60 -1.94 -6.32
N LEU A 87 3.46 -2.90 -6.01
CA LEU A 87 4.68 -3.10 -6.79
C LEU A 87 4.71 -4.53 -7.32
N THR A 88 5.57 -4.75 -8.30
CA THR A 88 5.71 -6.07 -8.91
C THR A 88 7.18 -6.38 -9.19
N ALA A 89 7.41 -7.60 -9.63
CA ALA A 89 8.77 -8.04 -9.93
C ALA A 89 9.35 -7.16 -11.04
N GLN A 90 8.46 -6.43 -11.70
CA GLN A 90 8.86 -5.55 -12.77
C GLN A 90 8.38 -4.12 -12.51
N GLY A 91 7.16 -3.85 -12.95
CA GLY A 91 6.58 -2.54 -12.76
C GLY A 91 5.30 -2.38 -13.58
N ASP A 92 4.28 -1.81 -12.94
CA ASP A 92 3.00 -1.61 -13.60
C ASP A 92 2.43 -0.24 -13.18
N ARG A 93 2.95 0.79 -13.82
CA ARG A 93 2.51 2.14 -13.52
C ARG A 93 1.01 2.30 -13.84
N ALA A 94 0.60 1.60 -14.89
CA ALA A 94 -0.79 1.65 -15.32
C ALA A 94 -1.67 1.00 -14.24
N LEU A 95 -1.18 -0.13 -13.73
CA LEU A 95 -1.91 -0.85 -12.70
C LEU A 95 -2.13 0.06 -11.49
N VAL A 96 -1.04 0.70 -11.07
CA VAL A 96 -1.10 1.60 -9.93
C VAL A 96 -2.01 2.78 -10.26
N GLN A 97 -1.65 3.49 -11.32
CA GLN A 97 -2.44 4.64 -11.75
C GLN A 97 -3.91 4.24 -11.92
N LYS A 98 -4.12 2.97 -12.20
CA LYS A 98 -5.46 2.45 -12.38
C LYS A 98 -6.19 2.45 -11.04
N ALA A 99 -5.52 1.91 -10.03
CA ALA A 99 -6.10 1.83 -8.70
C ALA A 99 -6.47 3.24 -8.24
N ALA A 100 -5.49 4.13 -8.30
CA ALA A 100 -5.71 5.51 -7.89
C ALA A 100 -6.89 6.09 -8.66
N ALA A 101 -6.88 5.86 -9.96
CA ALA A 101 -7.95 6.36 -10.82
C ALA A 101 -9.27 5.70 -10.42
N LEU A 102 -9.20 4.39 -10.24
CA LEU A 102 -10.38 3.62 -9.84
C LEU A 102 -11.16 4.40 -8.80
N GLY A 103 -10.46 4.80 -7.75
CA GLY A 103 -11.07 5.55 -6.67
C GLY A 103 -10.32 5.33 -5.35
N ALA A 104 -9.01 5.26 -5.46
CA ALA A 104 -8.17 5.05 -4.28
C ALA A 104 -7.74 6.40 -3.73
N ASN A 105 -7.41 6.39 -2.44
CA ASN A 105 -6.97 7.62 -1.78
C ASN A 105 -5.58 8.00 -2.29
N ASN A 106 -4.69 7.02 -2.29
CA ASN A 106 -3.33 7.25 -2.75
C ASN A 106 -2.63 5.90 -2.96
N VAL A 107 -2.28 5.65 -4.21
CA VAL A 107 -1.62 4.40 -4.56
C VAL A 107 -0.35 4.71 -5.36
N LEU A 108 0.75 4.13 -4.92
CA LEU A 108 2.02 4.34 -5.59
C LEU A 108 2.60 2.98 -6.01
N ALA A 109 3.33 3.00 -7.11
CA ALA A 109 3.94 1.79 -7.62
C ALA A 109 5.45 1.81 -7.36
N LYS A 110 6.10 0.70 -7.65
CA LYS A 110 7.53 0.59 -7.44
C LYS A 110 8.18 -0.03 -8.68
N PRO A 111 8.08 0.72 -9.81
CA PRO A 111 8.65 0.26 -11.07
C PRO A 111 10.17 0.39 -11.06
N PHE A 112 10.74 0.40 -12.26
CA PHE A 112 12.18 0.52 -12.40
C PHE A 112 12.58 1.97 -12.63
N THR A 113 11.68 2.87 -12.26
CA THR A 113 11.94 4.29 -12.42
C THR A 113 11.86 5.00 -11.07
N ILE A 114 13.03 5.17 -10.46
CA ILE A 114 13.12 5.82 -9.17
C ILE A 114 12.38 7.16 -9.23
N GLU A 115 12.33 7.72 -10.43
CA GLU A 115 11.65 8.99 -10.64
C GLU A 115 10.16 8.85 -10.36
N LYS A 116 9.60 7.74 -10.82
CA LYS A 116 8.18 7.47 -10.62
C LYS A 116 7.95 7.07 -9.16
N MET A 117 8.64 6.01 -8.75
CA MET A 117 8.50 5.52 -7.39
C MET A 117 8.79 6.62 -6.38
N LYS A 118 9.96 7.22 -6.52
CA LYS A 118 10.37 8.29 -5.63
C LYS A 118 9.32 9.40 -5.65
N ALA A 119 9.09 9.93 -6.84
CA ALA A 119 8.11 11.00 -7.01
C ALA A 119 6.76 10.52 -6.49
N ALA A 120 6.50 9.24 -6.68
CA ALA A 120 5.24 8.66 -6.23
C ALA A 120 5.10 8.87 -4.72
N ILE A 121 6.10 8.39 -4.00
CA ILE A 121 6.10 8.51 -2.55
C ILE A 121 5.99 9.98 -2.17
N GLU A 122 6.71 10.81 -2.90
CA GLU A 122 6.71 12.24 -2.65
C GLU A 122 5.27 12.78 -2.73
N ALA A 123 4.42 12.02 -3.38
CA ALA A 123 3.02 12.40 -3.52
C ALA A 123 2.23 11.89 -2.32
N VAL A 124 2.43 10.62 -2.02
CA VAL A 124 1.74 9.99 -0.92
C VAL A 124 2.11 10.72 0.39
N PHE A 125 3.34 11.20 0.42
CA PHE A 125 3.83 11.91 1.59
C PHE A 125 3.50 13.41 1.50
N GLY A 126 3.04 13.82 0.32
CA GLY A 126 2.68 15.20 0.10
C GLY A 126 1.46 15.30 -0.83
N ALA A 127 1.72 15.17 -2.12
CA ALA A 127 0.67 15.25 -3.12
C ALA A 127 -0.11 13.93 -3.13
N LEU A 128 -1.25 13.94 -2.45
CA LEU A 128 -2.09 12.76 -2.38
C LEU A 128 -2.44 12.30 -3.80
N LYS A 129 -3.23 13.12 -4.48
CA LYS A 129 -3.64 12.82 -5.83
C LYS A 129 -2.42 12.79 -6.74
N MET A 1 -6.33 9.09 17.66
CA MET A 1 -4.99 9.61 17.45
C MET A 1 -4.34 9.98 18.79
N SER A 2 -4.17 8.96 19.63
CA SER A 2 -3.57 9.16 20.93
C SER A 2 -2.05 9.15 20.81
N LEU A 3 -1.55 8.24 19.97
CA LEU A 3 -0.13 8.12 19.76
C LEU A 3 0.13 7.81 18.28
N ALA A 4 1.36 7.40 18.01
CA ALA A 4 1.76 7.06 16.65
C ALA A 4 0.76 6.05 16.07
N GLU A 5 0.06 5.37 16.96
CA GLU A 5 -0.92 4.39 16.56
C GLU A 5 -1.66 4.84 15.30
N LYS A 6 -2.12 6.10 15.36
CA LYS A 6 -2.85 6.67 14.24
C LYS A 6 -2.19 6.22 12.93
N ILE A 7 -0.87 6.16 12.95
CA ILE A 7 -0.12 5.75 11.78
C ILE A 7 0.08 4.23 11.82
N LYS A 8 -0.21 3.59 10.69
CA LYS A 8 -0.07 2.15 10.58
C LYS A 8 0.30 1.78 9.14
N VAL A 9 1.19 0.80 9.02
CA VAL A 9 1.62 0.36 7.71
C VAL A 9 1.43 -1.16 7.60
N LEU A 10 0.95 -1.59 6.46
CA LEU A 10 0.72 -3.01 6.22
C LEU A 10 1.57 -3.46 5.03
N ILE A 11 2.42 -4.43 5.29
CA ILE A 11 3.29 -4.96 4.25
C ILE A 11 2.94 -6.43 4.00
N VAL A 12 2.01 -6.64 3.08
CA VAL A 12 1.58 -7.98 2.74
C VAL A 12 1.73 -8.20 1.23
N ASP A 13 2.24 -9.37 0.88
CA ASP A 13 2.46 -9.71 -0.52
C ASP A 13 2.27 -11.21 -0.69
N ASP A 14 2.24 -11.63 -1.96
CA ASP A 14 2.06 -13.03 -2.29
C ASP A 14 3.40 -13.76 -2.09
N GLN A 15 4.46 -12.97 -2.02
CA GLN A 15 5.80 -13.53 -1.82
C GLN A 15 6.61 -12.63 -0.90
N VAL A 16 7.29 -13.28 0.05
CA VAL A 16 8.11 -12.55 1.00
C VAL A 16 9.03 -11.59 0.24
N THR A 17 9.73 -12.14 -0.74
CA THR A 17 10.64 -11.35 -1.55
C THR A 17 10.04 -9.97 -1.84
N SER A 18 8.83 -10.01 -2.38
CA SER A 18 8.13 -8.78 -2.72
C SER A 18 7.85 -7.97 -1.46
N ARG A 19 7.21 -8.62 -0.49
CA ARG A 19 6.89 -7.97 0.76
C ARG A 19 8.16 -7.58 1.51
N LEU A 20 8.85 -8.59 2.02
CA LEU A 20 10.09 -8.36 2.74
C LEU A 20 10.90 -7.26 2.05
N LEU A 21 10.73 -7.18 0.73
CA LEU A 21 11.43 -6.19 -0.05
C LEU A 21 10.90 -4.80 0.32
N LEU A 22 9.58 -4.66 0.27
CA LEU A 22 8.95 -3.40 0.59
C LEU A 22 9.09 -3.14 2.10
N GLY A 23 8.79 -4.17 2.87
CA GLY A 23 8.88 -4.06 4.32
C GLY A 23 10.29 -3.63 4.75
N ASP A 24 11.27 -4.04 3.96
CA ASP A 24 12.65 -3.71 4.24
C ASP A 24 12.90 -2.24 3.91
N ALA A 25 12.50 -1.87 2.70
CA ALA A 25 12.68 -0.50 2.24
C ALA A 25 11.81 0.44 3.09
N LEU A 26 10.58 0.01 3.30
CA LEU A 26 9.63 0.79 4.10
C LEU A 26 10.25 1.07 5.47
N GLN A 27 10.75 0.01 6.09
CA GLN A 27 11.37 0.13 7.40
C GLN A 27 12.56 1.08 7.35
N GLN A 28 13.21 1.11 6.19
CA GLN A 28 14.36 1.97 5.99
C GLN A 28 13.91 3.43 5.83
N LEU A 29 12.62 3.60 5.63
CA LEU A 29 12.05 4.92 5.45
C LEU A 29 11.79 5.55 6.83
N GLY A 30 11.15 4.76 7.68
CA GLY A 30 10.83 5.22 9.02
C GLY A 30 9.32 5.21 9.27
N PHE A 31 8.75 4.02 9.18
CA PHE A 31 7.33 3.86 9.39
C PHE A 31 6.98 3.92 10.87
N LYS A 32 5.67 3.96 11.15
CA LYS A 32 5.20 4.03 12.52
C LYS A 32 5.12 2.60 13.09
N GLN A 33 4.25 1.81 12.47
CA GLN A 33 4.07 0.43 12.90
C GLN A 33 3.83 -0.48 11.69
N ILE A 34 4.91 -1.12 11.26
CA ILE A 34 4.84 -2.02 10.11
C ILE A 34 4.12 -3.30 10.53
N THR A 35 3.27 -3.78 9.62
CA THR A 35 2.52 -5.00 9.88
C THR A 35 2.43 -5.85 8.62
N ALA A 36 3.05 -7.02 8.70
CA ALA A 36 3.05 -7.94 7.56
C ALA A 36 1.95 -8.99 7.75
N ALA A 37 1.38 -9.40 6.63
CA ALA A 37 0.32 -10.39 6.67
C ALA A 37 0.59 -11.47 5.61
N GLY A 38 -0.35 -12.40 5.50
CA GLY A 38 -0.21 -13.48 4.54
C GLY A 38 -0.17 -12.93 3.10
N ASP A 39 -1.21 -12.21 2.75
CA ASP A 39 -1.30 -11.63 1.42
C ASP A 39 -2.63 -10.89 1.28
N GLY A 40 -2.74 -10.12 0.20
CA GLY A 40 -3.95 -9.37 -0.06
C GLY A 40 -4.78 -9.19 1.21
N GLU A 41 -5.95 -9.82 1.21
CA GLU A 41 -6.84 -9.75 2.35
C GLU A 41 -6.09 -10.12 3.64
N GLN A 42 -5.43 -11.28 3.60
CA GLN A 42 -4.68 -11.75 4.74
C GLN A 42 -3.99 -10.58 5.44
N GLY A 43 -3.68 -9.56 4.66
CA GLY A 43 -3.03 -8.38 5.21
C GLY A 43 -3.98 -7.19 5.23
N MET A 44 -4.70 -7.01 4.12
CA MET A 44 -5.64 -5.93 4.01
C MET A 44 -6.67 -5.96 5.15
N LYS A 45 -7.25 -7.12 5.34
CA LYS A 45 -8.24 -7.30 6.39
C LYS A 45 -7.63 -6.92 7.74
N ILE A 46 -6.35 -7.24 7.89
CA ILE A 46 -5.63 -6.93 9.12
C ILE A 46 -5.66 -5.42 9.35
N MET A 47 -5.39 -4.69 8.28
CA MET A 47 -5.38 -3.23 8.36
C MET A 47 -6.79 -2.69 8.64
N ALA A 48 -7.78 -3.40 8.11
CA ALA A 48 -9.16 -3.01 8.29
C ALA A 48 -9.51 -3.05 9.79
N GLN A 49 -9.14 -4.14 10.42
CA GLN A 49 -9.39 -4.32 11.84
C GLN A 49 -8.62 -3.28 12.65
N ASN A 50 -7.31 -3.36 12.56
CA ASN A 50 -6.44 -2.43 13.27
C ASN A 50 -6.36 -1.12 12.50
N PRO A 51 -5.53 -0.18 13.05
CA PRO A 51 -5.35 1.11 12.41
C PRO A 51 -4.46 1.01 11.18
N HIS A 52 -4.77 1.82 10.18
CA HIS A 52 -4.01 1.82 8.94
C HIS A 52 -3.79 3.26 8.48
N HIS A 53 -2.65 3.47 7.83
CA HIS A 53 -2.32 4.79 7.33
C HIS A 53 -1.65 4.67 5.95
N LEU A 54 -0.80 3.66 5.84
CA LEU A 54 -0.09 3.43 4.59
C LEU A 54 -0.03 1.91 4.33
N VAL A 55 -0.76 1.49 3.30
CA VAL A 55 -0.80 0.09 2.93
C VAL A 55 0.21 -0.16 1.81
N ILE A 56 0.96 -1.25 1.97
CA ILE A 56 1.96 -1.62 0.98
C ILE A 56 1.89 -3.12 0.73
N SER A 57 1.64 -3.48 -0.52
CA SER A 57 1.55 -4.87 -0.90
C SER A 57 2.17 -5.08 -2.30
N ASP A 58 2.06 -6.30 -2.78
CA ASP A 58 2.59 -6.63 -4.09
C ASP A 58 1.56 -6.29 -5.16
N PHE A 59 2.05 -6.22 -6.40
CA PHE A 59 1.18 -5.90 -7.52
C PHE A 59 0.39 -7.13 -7.98
N ASN A 60 0.84 -8.28 -7.51
CA ASN A 60 0.19 -9.54 -7.85
C ASN A 60 -1.32 -9.38 -7.68
N MET A 61 -2.03 -10.44 -8.05
CA MET A 61 -3.48 -10.44 -7.94
C MET A 61 -3.95 -11.35 -6.80
N PRO A 62 -3.66 -10.91 -5.55
CA PRO A 62 -4.04 -11.68 -4.38
C PRO A 62 -5.54 -11.55 -4.11
N LYS A 63 -5.92 -11.85 -2.88
CA LYS A 63 -7.32 -11.77 -2.48
C LYS A 63 -7.83 -10.35 -2.69
N MET A 64 -6.92 -9.40 -2.51
CA MET A 64 -7.26 -7.99 -2.68
C MET A 64 -6.06 -7.19 -3.19
N ASP A 65 -6.24 -6.61 -4.38
CA ASP A 65 -5.18 -5.82 -4.98
C ASP A 65 -5.67 -4.39 -5.16
N GLY A 66 -4.75 -3.53 -5.57
CA GLY A 66 -5.07 -2.13 -5.80
C GLY A 66 -6.56 -1.95 -6.12
N LEU A 67 -7.07 -2.90 -6.89
CA LEU A 67 -8.47 -2.86 -7.29
C LEU A 67 -9.35 -3.20 -6.08
N GLY A 68 -9.19 -4.43 -5.61
CA GLY A 68 -9.96 -4.90 -4.46
C GLY A 68 -9.68 -4.03 -3.24
N LEU A 69 -8.41 -3.70 -3.06
CA LEU A 69 -7.99 -2.89 -1.93
C LEU A 69 -8.78 -1.58 -1.93
N LEU A 70 -8.84 -0.96 -3.11
CA LEU A 70 -9.55 0.29 -3.26
C LEU A 70 -11.00 0.10 -2.84
N GLN A 71 -11.73 -0.65 -3.65
CA GLN A 71 -13.13 -0.92 -3.37
C GLN A 71 -13.34 -1.22 -1.89
N ALA A 72 -12.30 -1.82 -1.30
CA ALA A 72 -12.35 -2.18 0.11
C ALA A 72 -12.43 -0.89 0.95
N VAL A 73 -11.52 0.03 0.64
CA VAL A 73 -11.48 1.30 1.35
C VAL A 73 -12.82 2.01 1.19
N ARG A 74 -13.26 2.12 -0.06
CA ARG A 74 -14.52 2.78 -0.35
C ARG A 74 -15.56 2.45 0.72
N ALA A 75 -15.42 1.26 1.29
CA ALA A 75 -16.34 0.81 2.32
C ALA A 75 -15.82 1.27 3.69
N ASN A 76 -14.54 1.01 3.92
CA ASN A 76 -13.92 1.40 5.18
C ASN A 76 -13.43 2.84 5.08
N PRO A 77 -14.01 3.71 5.96
CA PRO A 77 -13.63 5.11 5.98
C PRO A 77 -12.26 5.31 6.63
N ALA A 78 -11.79 4.25 7.27
CA ALA A 78 -10.49 4.30 7.93
C ALA A 78 -9.38 4.29 6.89
N THR A 79 -9.51 3.36 5.94
CA THR A 79 -8.53 3.24 4.88
C THR A 79 -8.88 4.19 3.72
N LYS A 80 -10.12 4.66 3.73
CA LYS A 80 -10.58 5.57 2.70
C LYS A 80 -9.58 6.72 2.55
N LYS A 81 -8.91 7.03 3.66
CA LYS A 81 -7.92 8.10 3.67
C LYS A 81 -6.52 7.49 3.65
N ALA A 82 -6.48 6.17 3.83
CA ALA A 82 -5.22 5.46 3.84
C ALA A 82 -4.78 5.20 2.40
N ALA A 83 -3.46 5.25 2.20
CA ALA A 83 -2.90 5.03 0.88
C ALA A 83 -2.54 3.55 0.72
N PHE A 84 -2.16 3.18 -0.49
CA PHE A 84 -1.79 1.80 -0.76
C PHE A 84 -0.76 1.74 -1.90
N ILE A 85 0.27 0.93 -1.67
CA ILE A 85 1.33 0.76 -2.66
C ILE A 85 1.25 -0.63 -3.26
N ILE A 86 1.26 -0.67 -4.59
CA ILE A 86 1.18 -1.93 -5.30
C ILE A 86 2.36 -2.04 -6.27
N LEU A 87 3.32 -2.88 -5.89
CA LEU A 87 4.49 -3.08 -6.72
C LEU A 87 4.73 -4.58 -6.90
N THR A 88 5.55 -4.89 -7.90
CA THR A 88 5.86 -6.29 -8.19
C THR A 88 7.34 -6.43 -8.57
N ALA A 89 7.75 -7.68 -8.74
CA ALA A 89 9.13 -7.96 -9.11
C ALA A 89 9.45 -7.31 -10.45
N GLN A 90 8.39 -6.88 -11.13
CA GLN A 90 8.54 -6.23 -12.41
C GLN A 90 8.13 -4.76 -12.34
N GLY A 91 6.83 -4.54 -12.52
CA GLY A 91 6.30 -3.19 -12.47
C GLY A 91 5.04 -3.07 -13.34
N ASP A 92 4.02 -2.44 -12.77
CA ASP A 92 2.77 -2.26 -13.47
C ASP A 92 2.20 -0.88 -13.15
N ARG A 93 2.77 0.13 -13.79
CA ARG A 93 2.33 1.50 -13.58
C ARG A 93 0.84 1.63 -13.86
N ALA A 94 0.37 0.85 -14.83
CA ALA A 94 -1.02 0.87 -15.20
C ALA A 94 -1.87 0.30 -14.05
N LEU A 95 -1.32 -0.71 -13.41
CA LEU A 95 -2.00 -1.34 -12.29
C LEU A 95 -2.23 -0.31 -11.18
N VAL A 96 -1.16 0.39 -10.84
CA VAL A 96 -1.22 1.41 -9.80
C VAL A 96 -2.12 2.56 -10.28
N GLN A 97 -1.70 3.15 -11.38
CA GLN A 97 -2.45 4.27 -11.96
C GLN A 97 -3.93 3.90 -12.08
N LYS A 98 -4.17 2.61 -12.29
CA LYS A 98 -5.54 2.14 -12.43
C LYS A 98 -6.25 2.28 -11.09
N ALA A 99 -5.61 1.78 -10.05
CA ALA A 99 -6.18 1.85 -8.71
C ALA A 99 -6.57 3.31 -8.41
N ALA A 100 -5.62 4.20 -8.62
CA ALA A 100 -5.85 5.61 -8.37
C ALA A 100 -7.11 6.06 -9.13
N ALA A 101 -7.21 5.60 -10.37
CA ALA A 101 -8.36 5.94 -11.19
C ALA A 101 -9.61 5.27 -10.63
N LEU A 102 -9.49 3.98 -10.36
CA LEU A 102 -10.59 3.22 -9.81
C LEU A 102 -11.34 4.07 -8.78
N GLY A 103 -10.56 4.71 -7.92
CA GLY A 103 -11.14 5.57 -6.89
C GLY A 103 -10.44 5.35 -5.55
N ALA A 104 -9.11 5.33 -5.61
CA ALA A 104 -8.31 5.12 -4.41
C ALA A 104 -7.87 6.49 -3.86
N ASN A 105 -7.55 6.49 -2.58
CA ASN A 105 -7.13 7.72 -1.92
C ASN A 105 -5.73 8.09 -2.41
N ASN A 106 -4.84 7.10 -2.38
CA ASN A 106 -3.47 7.31 -2.81
C ASN A 106 -2.80 5.95 -3.01
N VAL A 107 -2.43 5.68 -4.26
CA VAL A 107 -1.78 4.44 -4.60
C VAL A 107 -0.49 4.73 -5.37
N LEU A 108 0.60 4.13 -4.92
CA LEU A 108 1.88 4.33 -5.56
C LEU A 108 2.46 2.97 -5.94
N ALA A 109 3.17 2.95 -7.06
CA ALA A 109 3.77 1.72 -7.55
C ALA A 109 5.28 1.76 -7.27
N LYS A 110 5.92 0.63 -7.51
CA LYS A 110 7.36 0.51 -7.29
C LYS A 110 7.99 -0.21 -8.47
N PRO A 111 7.88 0.42 -9.67
CA PRO A 111 8.45 -0.16 -10.88
C PRO A 111 9.97 0.00 -10.89
N PHE A 112 10.53 -0.12 -12.09
CA PHE A 112 11.96 0.00 -12.26
C PHE A 112 12.37 1.44 -12.59
N THR A 113 11.46 2.35 -12.26
CA THR A 113 11.71 3.77 -12.50
C THR A 113 11.64 4.55 -11.19
N ILE A 114 12.82 4.79 -10.63
CA ILE A 114 12.91 5.52 -9.38
C ILE A 114 12.15 6.85 -9.51
N GLU A 115 12.07 7.32 -10.74
CA GLU A 115 11.37 8.56 -11.02
C GLU A 115 9.89 8.43 -10.69
N LYS A 116 9.34 7.28 -11.04
CA LYS A 116 7.93 7.01 -10.79
C LYS A 116 7.73 6.72 -9.30
N MET A 117 8.45 5.71 -8.83
CA MET A 117 8.37 5.32 -7.44
C MET A 117 8.66 6.51 -6.52
N LYS A 118 9.82 7.11 -6.73
CA LYS A 118 10.23 8.25 -5.93
C LYS A 118 9.16 9.35 -6.01
N ALA A 119 8.89 9.77 -7.25
CA ALA A 119 7.90 10.81 -7.47
C ALA A 119 6.57 10.36 -6.88
N ALA A 120 6.30 9.07 -6.98
CA ALA A 120 5.08 8.50 -6.46
C ALA A 120 4.96 8.81 -4.97
N ILE A 121 5.97 8.37 -4.24
CA ILE A 121 6.01 8.59 -2.80
C ILE A 121 5.93 10.10 -2.52
N GLU A 122 6.68 10.85 -3.32
CA GLU A 122 6.71 12.30 -3.16
C GLU A 122 5.29 12.87 -3.24
N ALA A 123 4.39 12.07 -3.82
CA ALA A 123 3.01 12.48 -3.98
C ALA A 123 2.23 12.10 -2.72
N VAL A 124 2.39 10.85 -2.31
CA VAL A 124 1.71 10.35 -1.13
C VAL A 124 2.14 11.17 0.08
N PHE A 125 3.40 11.58 0.08
CA PHE A 125 3.94 12.37 1.17
C PHE A 125 3.71 13.86 0.93
N GLY A 126 3.27 14.17 -0.29
CA GLY A 126 3.00 15.56 -0.64
C GLY A 126 1.77 15.65 -1.54
N ALA A 127 2.00 15.43 -2.83
CA ALA A 127 0.92 15.50 -3.80
C ALA A 127 0.07 14.23 -3.70
N LEU A 128 -1.06 14.36 -3.02
CA LEU A 128 -1.96 13.23 -2.84
C LEU A 128 -2.34 12.67 -4.21
N LYS A 129 -3.09 13.46 -4.95
CA LYS A 129 -3.53 13.05 -6.27
C LYS A 129 -2.36 13.18 -7.25
N MET A 1 -4.08 11.93 17.61
CA MET A 1 -2.98 10.98 17.52
C MET A 1 -2.11 11.04 18.78
N SER A 2 -2.29 10.04 19.62
CA SER A 2 -1.53 9.96 20.86
C SER A 2 -0.16 9.33 20.59
N LEU A 3 -0.17 8.30 19.77
CA LEU A 3 1.07 7.61 19.42
C LEU A 3 1.00 7.15 17.97
N ALA A 4 1.93 6.27 17.61
CA ALA A 4 1.98 5.74 16.26
C ALA A 4 0.64 5.12 15.91
N GLU A 5 -0.11 4.77 16.95
CA GLU A 5 -1.42 4.18 16.76
C GLU A 5 -2.07 4.70 15.49
N LYS A 6 -2.06 6.02 15.36
CA LYS A 6 -2.64 6.67 14.20
C LYS A 6 -1.98 6.12 12.93
N ILE A 7 -0.67 6.37 12.83
CA ILE A 7 0.08 5.91 11.68
C ILE A 7 0.22 4.38 11.74
N LYS A 8 -0.08 3.75 10.62
CA LYS A 8 0.01 2.30 10.53
C LYS A 8 0.32 1.90 9.09
N VAL A 9 1.26 0.97 8.96
CA VAL A 9 1.66 0.49 7.65
C VAL A 9 1.48 -1.03 7.59
N LEU A 10 0.91 -1.48 6.48
CA LEU A 10 0.68 -2.90 6.28
C LEU A 10 1.51 -3.39 5.10
N ILE A 11 2.39 -4.33 5.39
CA ILE A 11 3.26 -4.89 4.36
C ILE A 11 2.90 -6.36 4.14
N VAL A 12 1.98 -6.59 3.22
CA VAL A 12 1.54 -7.94 2.92
C VAL A 12 1.69 -8.19 1.41
N ASP A 13 2.22 -9.36 1.09
CA ASP A 13 2.42 -9.73 -0.30
C ASP A 13 2.17 -11.24 -0.46
N ASP A 14 2.16 -11.67 -1.72
CA ASP A 14 1.94 -13.07 -2.02
C ASP A 14 3.24 -13.85 -1.78
N GLN A 15 4.32 -13.10 -1.63
CA GLN A 15 5.63 -13.70 -1.40
C GLN A 15 6.46 -12.80 -0.50
N VAL A 16 7.10 -13.43 0.48
CA VAL A 16 7.94 -12.70 1.42
C VAL A 16 8.91 -11.81 0.65
N THR A 17 9.60 -12.42 -0.30
CA THR A 17 10.56 -11.69 -1.11
C THR A 17 10.00 -10.32 -1.49
N SER A 18 8.79 -10.34 -2.04
CA SER A 18 8.14 -9.10 -2.44
C SER A 18 7.86 -8.23 -1.22
N ARG A 19 7.19 -8.83 -0.24
CA ARG A 19 6.86 -8.13 0.99
C ARG A 19 8.13 -7.74 1.74
N LEU A 20 8.79 -8.74 2.30
CA LEU A 20 10.01 -8.51 3.05
C LEU A 20 10.85 -7.46 2.33
N LEU A 21 10.72 -7.43 1.01
CA LEU A 21 11.46 -6.48 0.20
C LEU A 21 10.95 -5.07 0.50
N LEU A 22 9.63 -4.92 0.39
CA LEU A 22 9.00 -3.63 0.64
C LEU A 22 9.08 -3.30 2.13
N GLY A 23 8.76 -4.30 2.94
CA GLY A 23 8.80 -4.13 4.38
C GLY A 23 10.18 -3.70 4.86
N ASP A 24 11.19 -4.15 4.12
CA ASP A 24 12.57 -3.83 4.45
C ASP A 24 12.85 -2.38 4.04
N ALA A 25 12.44 -2.05 2.82
CA ALA A 25 12.64 -0.71 2.30
C ALA A 25 11.76 0.27 3.07
N LEU A 26 10.50 -0.10 3.21
CA LEU A 26 9.55 0.73 3.93
C LEU A 26 10.09 1.04 5.33
N GLN A 27 10.53 -0.01 6.00
CA GLN A 27 11.07 0.13 7.35
C GLN A 27 12.33 1.00 7.31
N GLN A 28 13.06 0.90 6.21
CA GLN A 28 14.27 1.67 6.04
C GLN A 28 13.95 3.13 5.72
N LEU A 29 12.68 3.36 5.40
CA LEU A 29 12.22 4.70 5.09
C LEU A 29 11.97 5.48 6.38
N GLY A 30 11.22 4.84 7.27
CA GLY A 30 10.90 5.46 8.55
C GLY A 30 9.40 5.36 8.84
N PHE A 31 8.90 4.13 8.78
CA PHE A 31 7.49 3.88 9.03
C PHE A 31 7.19 3.94 10.52
N LYS A 32 5.92 4.19 10.83
CA LYS A 32 5.49 4.28 12.21
C LYS A 32 5.35 2.87 12.78
N GLN A 33 4.42 2.12 12.22
CA GLN A 33 4.18 0.76 12.67
C GLN A 33 4.03 -0.17 11.47
N ILE A 34 5.01 -1.06 11.31
CA ILE A 34 4.98 -2.00 10.21
C ILE A 34 4.20 -3.25 10.63
N THR A 35 3.31 -3.67 9.75
CA THR A 35 2.50 -4.84 10.02
C THR A 35 2.40 -5.72 8.77
N ALA A 36 2.99 -6.91 8.88
CA ALA A 36 2.98 -7.85 7.76
C ALA A 36 1.85 -8.86 7.97
N ALA A 37 1.32 -9.34 6.86
CA ALA A 37 0.24 -10.32 6.91
C ALA A 37 0.50 -11.41 5.87
N GLY A 38 -0.43 -12.35 5.80
CA GLY A 38 -0.31 -13.45 4.85
C GLY A 38 -0.27 -12.93 3.41
N ASP A 39 -1.31 -12.19 3.04
CA ASP A 39 -1.39 -11.64 1.70
C ASP A 39 -2.71 -10.88 1.56
N GLY A 40 -2.81 -10.12 0.47
CA GLY A 40 -4.00 -9.35 0.20
C GLY A 40 -4.84 -9.18 1.47
N GLU A 41 -6.00 -9.83 1.48
CA GLU A 41 -6.90 -9.76 2.61
C GLU A 41 -6.15 -10.09 3.90
N GLN A 42 -5.49 -11.24 3.88
CA GLN A 42 -4.74 -11.69 5.04
C GLN A 42 -4.04 -10.51 5.72
N GLY A 43 -3.73 -9.50 4.91
CA GLY A 43 -3.08 -8.30 5.41
C GLY A 43 -4.05 -7.12 5.45
N MET A 44 -4.78 -6.96 4.35
CA MET A 44 -5.74 -5.88 4.23
C MET A 44 -6.73 -5.90 5.39
N LYS A 45 -7.31 -7.07 5.61
CA LYS A 45 -8.28 -7.24 6.68
C LYS A 45 -7.64 -6.84 8.01
N ILE A 46 -6.36 -7.15 8.14
CA ILE A 46 -5.62 -6.82 9.35
C ILE A 46 -5.64 -5.30 9.54
N MET A 47 -5.42 -4.59 8.45
CA MET A 47 -5.40 -3.13 8.49
C MET A 47 -6.80 -2.59 8.79
N ALA A 48 -7.80 -3.30 8.30
CA ALA A 48 -9.18 -2.89 8.49
C ALA A 48 -9.50 -2.90 9.99
N GLN A 49 -9.12 -3.99 10.64
CA GLN A 49 -9.36 -4.15 12.06
C GLN A 49 -8.56 -3.10 12.85
N ASN A 50 -7.25 -3.18 12.73
CA ASN A 50 -6.37 -2.26 13.42
C ASN A 50 -6.31 -0.95 12.63
N PRO A 51 -5.46 -0.01 13.14
CA PRO A 51 -5.28 1.28 12.49
C PRO A 51 -4.43 1.14 11.23
N HIS A 52 -4.81 1.90 10.22
CA HIS A 52 -4.09 1.88 8.95
C HIS A 52 -3.90 3.31 8.44
N HIS A 53 -2.75 3.54 7.84
CA HIS A 53 -2.43 4.85 7.30
C HIS A 53 -1.84 4.71 5.90
N LEU A 54 -1.02 3.68 5.74
CA LEU A 54 -0.38 3.43 4.46
C LEU A 54 -0.26 1.91 4.26
N VAL A 55 -0.91 1.44 3.21
CA VAL A 55 -0.88 0.02 2.89
C VAL A 55 0.16 -0.23 1.80
N ILE A 56 0.88 -1.32 1.96
CA ILE A 56 1.92 -1.69 1.00
C ILE A 56 1.88 -3.21 0.77
N SER A 57 1.63 -3.58 -0.48
CA SER A 57 1.57 -4.98 -0.84
C SER A 57 2.15 -5.18 -2.23
N ASP A 58 2.04 -6.42 -2.72
CA ASP A 58 2.56 -6.76 -4.03
C ASP A 58 1.47 -6.52 -5.08
N PHE A 59 1.87 -6.63 -6.34
CA PHE A 59 0.94 -6.43 -7.43
C PHE A 59 0.17 -7.72 -7.73
N ASN A 60 0.66 -8.81 -7.18
CA ASN A 60 0.03 -10.10 -7.37
C ASN A 60 -1.49 -9.94 -7.27
N MET A 61 -2.19 -11.02 -7.57
CA MET A 61 -3.64 -11.02 -7.53
C MET A 61 -4.15 -11.84 -6.35
N PRO A 62 -3.87 -11.32 -5.12
CA PRO A 62 -4.30 -11.98 -3.90
C PRO A 62 -5.80 -11.80 -3.68
N LYS A 63 -6.21 -12.01 -2.43
CA LYS A 63 -7.61 -11.86 -2.06
C LYS A 63 -8.06 -10.43 -2.33
N MET A 64 -7.12 -9.51 -2.18
CA MET A 64 -7.42 -8.10 -2.40
C MET A 64 -6.17 -7.36 -2.89
N ASP A 65 -6.31 -6.75 -4.06
CA ASP A 65 -5.21 -6.00 -4.65
C ASP A 65 -5.66 -4.57 -4.94
N GLY A 66 -4.71 -3.75 -5.33
CA GLY A 66 -5.00 -2.35 -5.64
C GLY A 66 -6.46 -2.18 -6.06
N LEU A 67 -6.93 -3.14 -6.83
CA LEU A 67 -8.30 -3.11 -7.32
C LEU A 67 -9.26 -3.41 -6.15
N GLY A 68 -9.13 -4.62 -5.63
CA GLY A 68 -9.97 -5.05 -4.52
C GLY A 68 -9.76 -4.15 -3.30
N LEU A 69 -8.50 -3.81 -3.07
CA LEU A 69 -8.15 -2.96 -1.93
C LEU A 69 -8.95 -1.66 -2.01
N LEU A 70 -8.95 -1.07 -3.19
CA LEU A 70 -9.67 0.17 -3.41
C LEU A 70 -11.15 -0.04 -3.10
N GLN A 71 -11.80 -0.83 -3.96
CA GLN A 71 -13.21 -1.12 -3.79
C GLN A 71 -13.51 -1.43 -2.33
N ALA A 72 -12.53 -2.03 -1.66
CA ALA A 72 -12.68 -2.40 -0.26
C ALA A 72 -12.84 -1.12 0.57
N VAL A 73 -11.91 -0.20 0.36
CA VAL A 73 -11.92 1.07 1.08
C VAL A 73 -13.26 1.77 0.84
N ARG A 74 -13.61 1.88 -0.44
CA ARG A 74 -14.85 2.53 -0.82
C ARG A 74 -15.96 2.19 0.17
N ALA A 75 -15.84 1.00 0.75
CA ALA A 75 -16.82 0.53 1.71
C ALA A 75 -16.48 1.10 3.09
N ASN A 76 -15.22 0.92 3.47
CA ASN A 76 -14.76 1.42 4.76
C ASN A 76 -13.99 2.72 4.56
N PRO A 77 -14.47 3.79 5.26
CA PRO A 77 -13.84 5.09 5.17
C PRO A 77 -12.52 5.12 5.94
N ALA A 78 -12.34 4.12 6.78
CA ALA A 78 -11.13 4.02 7.59
C ALA A 78 -9.93 3.85 6.66
N THR A 79 -10.07 2.93 5.71
CA THR A 79 -9.01 2.67 4.76
C THR A 79 -9.14 3.59 3.54
N LYS A 80 -10.35 4.08 3.33
CA LYS A 80 -10.61 4.96 2.20
C LYS A 80 -9.72 6.20 2.32
N LYS A 81 -9.23 6.42 3.53
CA LYS A 81 -8.36 7.57 3.79
C LYS A 81 -6.90 7.10 3.82
N ALA A 82 -6.74 5.79 3.71
CA ALA A 82 -5.41 5.21 3.72
C ALA A 82 -4.95 4.95 2.28
N ALA A 83 -3.65 5.06 2.08
CA ALA A 83 -3.08 4.85 0.76
C ALA A 83 -2.66 3.38 0.63
N PHE A 84 -2.26 3.03 -0.59
CA PHE A 84 -1.84 1.67 -0.87
C PHE A 84 -0.75 1.63 -1.94
N ILE A 85 0.25 0.80 -1.70
CA ILE A 85 1.36 0.67 -2.63
C ILE A 85 1.28 -0.70 -3.32
N ILE A 86 1.41 -0.67 -4.64
CA ILE A 86 1.36 -1.89 -5.42
C ILE A 86 2.61 -1.97 -6.31
N LEU A 87 3.49 -2.89 -5.93
CA LEU A 87 4.72 -3.08 -6.68
C LEU A 87 4.75 -4.51 -7.24
N THR A 88 5.63 -4.71 -8.22
CA THR A 88 5.78 -6.01 -8.84
C THR A 88 7.24 -6.31 -9.12
N ALA A 89 7.49 -7.53 -9.58
CA ALA A 89 8.84 -7.95 -9.89
C ALA A 89 9.41 -7.06 -11.01
N GLN A 90 8.50 -6.33 -11.65
CA GLN A 90 8.90 -5.44 -12.72
C GLN A 90 8.43 -4.01 -12.43
N GLY A 91 7.22 -3.71 -12.87
CA GLY A 91 6.65 -2.40 -12.65
C GLY A 91 5.45 -2.17 -13.58
N ASP A 92 4.38 -1.65 -12.99
CA ASP A 92 3.17 -1.37 -13.75
C ASP A 92 2.55 -0.06 -13.25
N ARG A 93 3.13 1.04 -13.73
CA ARG A 93 2.65 2.36 -13.34
C ARG A 93 1.20 2.54 -13.78
N ALA A 94 0.89 2.01 -14.96
CA ALA A 94 -0.45 2.11 -15.50
C ALA A 94 -1.42 1.37 -14.58
N LEU A 95 -0.94 0.29 -14.00
CA LEU A 95 -1.74 -0.51 -13.09
C LEU A 95 -2.04 0.30 -11.83
N VAL A 96 -0.98 0.89 -11.28
CA VAL A 96 -1.12 1.69 -10.08
C VAL A 96 -2.03 2.89 -10.37
N GLN A 97 -1.58 3.72 -11.30
CA GLN A 97 -2.34 4.90 -11.68
C GLN A 97 -3.79 4.53 -11.95
N LYS A 98 -3.99 3.30 -12.39
CA LYS A 98 -5.32 2.82 -12.69
C LYS A 98 -6.13 2.70 -11.39
N ALA A 99 -5.53 2.00 -10.43
CA ALA A 99 -6.18 1.81 -9.14
C ALA A 99 -6.61 3.17 -8.59
N ALA A 100 -5.64 4.06 -8.48
CA ALA A 100 -5.91 5.39 -7.96
C ALA A 100 -7.00 6.05 -8.81
N ALA A 101 -6.97 5.74 -10.10
CA ALA A 101 -7.94 6.30 -11.03
C ALA A 101 -9.33 5.74 -10.69
N LEU A 102 -9.40 4.41 -10.63
CA LEU A 102 -10.66 3.75 -10.33
C LEU A 102 -11.40 4.54 -9.26
N GLY A 103 -10.73 4.74 -8.13
CA GLY A 103 -11.31 5.47 -7.02
C GLY A 103 -10.55 5.20 -5.72
N ALA A 104 -9.22 5.22 -5.84
CA ALA A 104 -8.37 4.98 -4.69
C ALA A 104 -7.94 6.32 -4.09
N ASN A 105 -7.62 6.29 -2.81
CA ASN A 105 -7.19 7.49 -2.11
C ASN A 105 -5.79 7.87 -2.59
N ASN A 106 -4.90 6.89 -2.56
CA ASN A 106 -3.53 7.12 -2.98
C ASN A 106 -2.83 5.77 -3.17
N VAL A 107 -2.45 5.50 -4.40
CA VAL A 107 -1.78 4.26 -4.73
C VAL A 107 -0.50 4.56 -5.53
N LEU A 108 0.60 4.02 -5.05
CA LEU A 108 1.88 4.22 -5.72
C LEU A 108 2.47 2.86 -6.10
N ALA A 109 3.24 2.88 -7.19
CA ALA A 109 3.87 1.66 -7.67
C ALA A 109 5.38 1.75 -7.44
N LYS A 110 6.05 0.63 -7.68
CA LYS A 110 7.50 0.56 -7.51
C LYS A 110 8.12 -0.04 -8.77
N PRO A 111 8.07 0.75 -9.87
CA PRO A 111 8.64 0.30 -11.13
C PRO A 111 10.17 0.37 -11.10
N PHE A 112 10.75 0.38 -12.30
CA PHE A 112 12.19 0.44 -12.42
C PHE A 112 12.66 1.88 -12.65
N THR A 113 11.82 2.81 -12.25
CA THR A 113 12.13 4.22 -12.41
C THR A 113 11.97 4.96 -11.08
N ILE A 114 13.11 5.17 -10.43
CA ILE A 114 13.11 5.85 -9.15
C ILE A 114 12.32 7.15 -9.26
N GLU A 115 12.30 7.69 -10.47
CA GLU A 115 11.59 8.93 -10.74
C GLU A 115 10.09 8.73 -10.49
N LYS A 116 9.60 7.59 -10.93
CA LYS A 116 8.19 7.26 -10.76
C LYS A 116 7.92 6.91 -9.31
N MET A 117 8.61 5.89 -8.83
CA MET A 117 8.46 5.44 -7.45
C MET A 117 8.69 6.59 -6.47
N LYS A 118 9.86 7.22 -6.61
CA LYS A 118 10.21 8.33 -5.74
C LYS A 118 9.13 9.40 -5.83
N ALA A 119 8.91 9.88 -7.04
CA ALA A 119 7.90 10.90 -7.27
C ALA A 119 6.55 10.42 -6.74
N ALA A 120 6.31 9.13 -6.92
CA ALA A 120 5.06 8.52 -6.46
C ALA A 120 4.92 8.75 -4.96
N ILE A 121 5.92 8.29 -4.23
CA ILE A 121 5.92 8.44 -2.78
C ILE A 121 5.81 9.91 -2.41
N GLU A 122 6.53 10.73 -3.16
CA GLU A 122 6.53 12.17 -2.93
C GLU A 122 5.10 12.70 -2.99
N ALA A 123 4.23 11.93 -3.64
CA ALA A 123 2.84 12.32 -3.77
C ALA A 123 2.05 11.83 -2.55
N VAL A 124 2.25 10.56 -2.23
CA VAL A 124 1.57 9.97 -1.09
C VAL A 124 1.95 10.74 0.19
N PHE A 125 3.21 11.15 0.23
CA PHE A 125 3.71 11.88 1.38
C PHE A 125 3.40 13.37 1.26
N GLY A 126 2.91 13.75 0.08
CA GLY A 126 2.56 15.13 -0.18
C GLY A 126 1.33 15.22 -1.09
N ALA A 127 1.58 15.10 -2.39
CA ALA A 127 0.51 15.17 -3.36
C ALA A 127 -0.25 13.83 -3.39
N LEU A 128 -1.37 13.82 -2.68
CA LEU A 128 -2.20 12.62 -2.62
C LEU A 128 -2.63 12.22 -4.02
N LYS A 129 -3.53 13.04 -4.58
CA LYS A 129 -4.03 12.77 -5.93
C LYS A 129 -2.90 12.97 -6.93
N MET A 1 -2.59 11.95 18.06
CA MET A 1 -1.67 10.85 17.79
C MET A 1 -0.62 10.76 18.89
N SER A 2 -0.82 9.80 19.79
CA SER A 2 0.10 9.60 20.90
C SER A 2 1.29 8.75 20.43
N LEU A 3 0.98 7.74 19.62
CA LEU A 3 2.01 6.86 19.11
C LEU A 3 1.62 6.41 17.69
N ALA A 4 2.31 5.38 17.22
CA ALA A 4 2.05 4.85 15.90
C ALA A 4 0.57 4.50 15.78
N GLU A 5 -0.05 4.27 16.92
CA GLU A 5 -1.46 3.93 16.97
C GLU A 5 -2.19 4.56 15.77
N LYS A 6 -1.89 5.83 15.55
CA LYS A 6 -2.51 6.55 14.44
C LYS A 6 -1.96 6.04 13.12
N ILE A 7 -0.70 6.38 12.86
CA ILE A 7 -0.05 5.97 11.64
C ILE A 7 0.18 4.45 11.68
N LYS A 8 -0.25 3.79 10.62
CA LYS A 8 -0.10 2.35 10.52
C LYS A 8 0.22 1.96 9.07
N VAL A 9 1.15 1.04 8.93
CA VAL A 9 1.53 0.58 7.60
C VAL A 9 1.38 -0.94 7.53
N LEU A 10 0.82 -1.39 6.42
CA LEU A 10 0.61 -2.81 6.20
C LEU A 10 1.45 -3.28 5.02
N ILE A 11 2.32 -4.24 5.30
CA ILE A 11 3.20 -4.78 4.28
C ILE A 11 2.86 -6.25 4.06
N VAL A 12 1.93 -6.49 3.14
CA VAL A 12 1.52 -7.84 2.82
C VAL A 12 1.69 -8.10 1.33
N ASP A 13 2.21 -9.27 1.01
CA ASP A 13 2.44 -9.64 -0.38
C ASP A 13 2.21 -11.14 -0.54
N ASP A 14 2.22 -11.58 -1.79
CA ASP A 14 2.02 -12.99 -2.10
C ASP A 14 3.34 -13.74 -1.87
N GLN A 15 4.37 -12.98 -1.55
CA GLN A 15 5.68 -13.57 -1.32
C GLN A 15 6.52 -12.65 -0.43
N VAL A 16 7.15 -13.25 0.56
CA VAL A 16 7.98 -12.50 1.49
C VAL A 16 8.95 -11.62 0.70
N THR A 17 9.65 -12.24 -0.23
CA THR A 17 10.61 -11.52 -1.05
C THR A 17 10.04 -10.15 -1.45
N SER A 18 8.84 -10.19 -2.02
CA SER A 18 8.19 -8.96 -2.45
C SER A 18 7.89 -8.08 -1.24
N ARG A 19 7.23 -8.67 -0.27
CA ARG A 19 6.88 -7.95 0.95
C ARG A 19 8.13 -7.54 1.71
N LEU A 20 8.78 -8.52 2.30
CA LEU A 20 10.00 -8.29 3.06
C LEU A 20 10.84 -7.23 2.33
N LEU A 21 10.73 -7.23 1.02
CA LEU A 21 11.47 -6.28 0.21
C LEU A 21 10.94 -4.87 0.47
N LEU A 22 9.63 -4.73 0.35
CA LEU A 22 8.99 -3.44 0.57
C LEU A 22 9.04 -3.11 2.07
N GLY A 23 8.71 -4.10 2.88
CA GLY A 23 8.71 -3.93 4.32
C GLY A 23 10.09 -3.46 4.81
N ASP A 24 11.11 -3.91 4.10
CA ASP A 24 12.48 -3.55 4.45
C ASP A 24 12.74 -2.10 4.03
N ALA A 25 12.37 -1.80 2.80
CA ALA A 25 12.56 -0.46 2.25
C ALA A 25 11.65 0.51 3.00
N LEU A 26 10.39 0.12 3.14
CA LEU A 26 9.42 0.95 3.82
C LEU A 26 9.93 1.28 5.23
N GLN A 27 10.28 0.23 5.95
CA GLN A 27 10.79 0.39 7.31
C GLN A 27 12.06 1.26 7.31
N GLN A 28 12.82 1.13 6.23
CA GLN A 28 14.04 1.89 6.08
C GLN A 28 13.72 3.35 5.71
N LEU A 29 12.48 3.56 5.33
CA LEU A 29 12.03 4.90 4.95
C LEU A 29 11.77 5.72 6.21
N GLY A 30 11.00 5.13 7.11
CA GLY A 30 10.65 5.79 8.35
C GLY A 30 9.16 5.63 8.66
N PHE A 31 8.71 4.38 8.63
CA PHE A 31 7.31 4.09 8.91
C PHE A 31 7.03 4.15 10.41
N LYS A 32 5.74 4.28 10.73
CA LYS A 32 5.33 4.35 12.12
C LYS A 32 5.26 2.94 12.71
N GLN A 33 4.37 2.14 12.15
CA GLN A 33 4.20 0.77 12.60
C GLN A 33 4.02 -0.17 11.40
N ILE A 34 5.03 -0.98 11.16
CA ILE A 34 5.01 -1.92 10.06
C ILE A 34 4.23 -3.16 10.48
N THR A 35 3.30 -3.57 9.62
CA THR A 35 2.49 -4.74 9.89
C THR A 35 2.37 -5.62 8.64
N ALA A 36 2.96 -6.79 8.73
CA ALA A 36 2.94 -7.72 7.61
C ALA A 36 1.83 -8.75 7.84
N ALA A 37 1.30 -9.26 6.74
CA ALA A 37 0.23 -10.24 6.80
C ALA A 37 0.49 -11.34 5.77
N GLY A 38 -0.44 -12.29 5.71
CA GLY A 38 -0.32 -13.39 4.77
C GLY A 38 -0.28 -12.88 3.33
N ASP A 39 -1.31 -12.14 2.97
CA ASP A 39 -1.41 -11.59 1.63
C ASP A 39 -2.72 -10.83 1.48
N GLY A 40 -2.82 -10.08 0.39
CA GLY A 40 -4.02 -9.30 0.13
C GLY A 40 -4.86 -9.14 1.40
N GLU A 41 -6.01 -9.81 1.40
CA GLU A 41 -6.91 -9.74 2.53
C GLU A 41 -6.16 -10.06 3.82
N GLN A 42 -5.48 -11.21 3.81
CA GLN A 42 -4.72 -11.64 4.97
C GLN A 42 -4.04 -10.44 5.64
N GLY A 43 -3.75 -9.44 4.82
CA GLY A 43 -3.10 -8.24 5.32
C GLY A 43 -4.08 -7.06 5.33
N MET A 44 -4.82 -6.92 4.25
CA MET A 44 -5.78 -5.85 4.13
C MET A 44 -6.77 -5.87 5.29
N LYS A 45 -7.34 -7.03 5.52
CA LYS A 45 -8.30 -7.21 6.60
C LYS A 45 -7.66 -6.78 7.92
N ILE A 46 -6.38 -7.09 8.05
CA ILE A 46 -5.63 -6.76 9.25
C ILE A 46 -5.67 -5.24 9.45
N MET A 47 -5.46 -4.53 8.35
CA MET A 47 -5.46 -3.07 8.39
C MET A 47 -6.86 -2.53 8.69
N ALA A 48 -7.85 -3.26 8.20
CA ALA A 48 -9.24 -2.87 8.39
C ALA A 48 -9.56 -2.89 9.89
N GLN A 49 -9.17 -3.98 10.53
CA GLN A 49 -9.41 -4.13 11.96
C GLN A 49 -8.63 -3.07 12.75
N ASN A 50 -7.31 -3.15 12.64
CA ASN A 50 -6.45 -2.20 13.33
C ASN A 50 -6.39 -0.90 12.53
N PRO A 51 -5.55 0.04 13.04
CA PRO A 51 -5.39 1.33 12.39
C PRO A 51 -4.53 1.20 11.13
N HIS A 52 -4.89 1.98 10.12
CA HIS A 52 -4.16 1.96 8.85
C HIS A 52 -3.97 3.39 8.36
N HIS A 53 -2.80 3.62 7.77
CA HIS A 53 -2.48 4.94 7.26
C HIS A 53 -1.89 4.80 5.85
N LEU A 54 -1.08 3.77 5.68
CA LEU A 54 -0.45 3.52 4.39
C LEU A 54 -0.32 2.00 4.19
N VAL A 55 -0.97 1.52 3.14
CA VAL A 55 -0.95 0.11 2.82
C VAL A 55 0.09 -0.14 1.71
N ILE A 56 0.83 -1.21 1.88
CA ILE A 56 1.86 -1.58 0.92
C ILE A 56 1.83 -3.09 0.69
N SER A 57 1.58 -3.47 -0.55
CA SER A 57 1.52 -4.88 -0.91
C SER A 57 2.10 -5.08 -2.30
N ASP A 58 2.02 -6.33 -2.77
CA ASP A 58 2.54 -6.66 -4.09
C ASP A 58 1.44 -6.47 -5.12
N PHE A 59 1.84 -6.59 -6.38
CA PHE A 59 0.89 -6.42 -7.48
C PHE A 59 0.13 -7.72 -7.75
N ASN A 60 0.63 -8.79 -7.16
CA ASN A 60 0.01 -10.10 -7.33
C ASN A 60 -1.51 -9.94 -7.25
N MET A 61 -2.20 -11.03 -7.56
CA MET A 61 -3.65 -11.04 -7.52
C MET A 61 -4.17 -11.86 -6.34
N PRO A 62 -3.91 -11.33 -5.12
CA PRO A 62 -4.35 -11.99 -3.91
C PRO A 62 -5.85 -11.82 -3.70
N LYS A 63 -6.27 -12.01 -2.45
CA LYS A 63 -7.67 -11.88 -2.10
C LYS A 63 -8.13 -10.44 -2.39
N MET A 64 -7.20 -9.52 -2.22
CA MET A 64 -7.49 -8.12 -2.46
C MET A 64 -6.24 -7.37 -2.94
N ASP A 65 -6.38 -6.74 -4.09
CA ASP A 65 -5.28 -5.99 -4.68
C ASP A 65 -5.74 -4.57 -5.00
N GLY A 66 -4.79 -3.74 -5.38
CA GLY A 66 -5.09 -2.36 -5.71
C GLY A 66 -6.55 -2.21 -6.16
N LEU A 67 -7.00 -3.19 -6.92
CA LEU A 67 -8.36 -3.18 -7.42
C LEU A 67 -9.33 -3.48 -6.27
N GLY A 68 -9.21 -4.69 -5.74
CA GLY A 68 -10.06 -5.11 -4.64
C GLY A 68 -9.86 -4.22 -3.42
N LEU A 69 -8.60 -3.86 -3.18
CA LEU A 69 -8.27 -3.02 -2.05
C LEU A 69 -9.09 -1.72 -2.14
N LEU A 70 -9.09 -1.13 -3.32
CA LEU A 70 -9.83 0.10 -3.54
C LEU A 70 -11.30 -0.12 -3.18
N GLN A 71 -11.96 -0.91 -4.01
CA GLN A 71 -13.37 -1.22 -3.79
C GLN A 71 -13.63 -1.51 -2.32
N ALA A 72 -12.62 -2.08 -1.67
CA ALA A 72 -12.73 -2.41 -0.26
C ALA A 72 -12.87 -1.13 0.55
N VAL A 73 -11.95 -0.21 0.29
CA VAL A 73 -11.96 1.07 0.99
C VAL A 73 -13.30 1.77 0.76
N ARG A 74 -13.67 1.87 -0.51
CA ARG A 74 -14.92 2.51 -0.88
C ARG A 74 -16.01 2.17 0.15
N ALA A 75 -15.88 0.99 0.73
CA ALA A 75 -16.85 0.54 1.73
C ALA A 75 -16.44 1.07 3.10
N ASN A 76 -15.19 0.82 3.45
CA ASN A 76 -14.67 1.26 4.73
C ASN A 76 -13.98 2.62 4.55
N PRO A 77 -14.49 3.62 5.32
CA PRO A 77 -13.93 4.96 5.25
C PRO A 77 -12.59 5.05 5.97
N ALA A 78 -12.33 4.02 6.78
CA ALA A 78 -11.08 3.96 7.52
C ALA A 78 -9.92 3.82 6.55
N THR A 79 -10.08 2.93 5.60
CA THR A 79 -9.04 2.69 4.60
C THR A 79 -9.23 3.64 3.41
N LYS A 80 -10.46 4.10 3.24
CA LYS A 80 -10.78 5.00 2.15
C LYS A 80 -9.90 6.26 2.25
N LYS A 81 -9.39 6.47 3.45
CA LYS A 81 -8.53 7.63 3.69
C LYS A 81 -7.08 7.17 3.75
N ALA A 82 -6.89 5.87 3.57
CA ALA A 82 -5.56 5.29 3.60
C ALA A 82 -5.09 5.04 2.17
N ALA A 83 -3.78 5.13 1.98
CA ALA A 83 -3.19 4.92 0.67
C ALA A 83 -2.77 3.45 0.54
N PHE A 84 -2.37 3.09 -0.66
CA PHE A 84 -1.94 1.72 -0.93
C PHE A 84 -0.88 1.69 -2.03
N ILE A 85 0.16 0.91 -1.79
CA ILE A 85 1.25 0.77 -2.74
C ILE A 85 1.19 -0.61 -3.39
N ILE A 86 1.29 -0.62 -4.71
CA ILE A 86 1.25 -1.86 -5.46
C ILE A 86 2.48 -1.95 -6.36
N LEU A 87 3.37 -2.87 -6.01
CA LEU A 87 4.59 -3.05 -6.78
C LEU A 87 4.70 -4.52 -7.21
N THR A 88 5.61 -4.77 -8.14
CA THR A 88 5.81 -6.12 -8.63
C THR A 88 7.31 -6.37 -8.87
N ALA A 89 7.61 -7.62 -9.21
CA ALA A 89 8.99 -8.00 -9.47
C ALA A 89 9.57 -7.12 -10.58
N GLN A 90 8.66 -6.47 -11.30
CA GLN A 90 9.07 -5.59 -12.39
C GLN A 90 8.56 -4.18 -12.14
N GLY A 91 7.32 -3.94 -12.56
CA GLY A 91 6.70 -2.64 -12.40
C GLY A 91 5.50 -2.48 -13.33
N ASP A 92 4.44 -1.92 -12.78
CA ASP A 92 3.22 -1.70 -13.55
C ASP A 92 2.62 -0.36 -13.16
N ARG A 93 3.18 0.71 -13.73
CA ARG A 93 2.71 2.05 -13.45
C ARG A 93 1.24 2.18 -13.86
N ALA A 94 0.88 1.50 -14.93
CA ALA A 94 -0.48 1.54 -15.43
C ALA A 94 -1.41 0.89 -14.40
N LEU A 95 -0.93 -0.22 -13.85
CA LEU A 95 -1.71 -0.96 -12.86
C LEU A 95 -2.01 -0.03 -11.67
N VAL A 96 -0.97 0.63 -11.20
CA VAL A 96 -1.10 1.53 -10.08
C VAL A 96 -2.05 2.68 -10.46
N GLN A 97 -1.65 3.40 -11.49
CA GLN A 97 -2.45 4.52 -11.97
C GLN A 97 -3.90 4.08 -12.20
N LYS A 98 -4.07 2.80 -12.47
CA LYS A 98 -5.38 2.24 -12.70
C LYS A 98 -6.16 2.23 -11.38
N ALA A 99 -5.52 1.71 -10.36
CA ALA A 99 -6.14 1.63 -9.04
C ALA A 99 -6.57 3.04 -8.60
N ALA A 100 -5.61 3.95 -8.64
CA ALA A 100 -5.88 5.33 -8.25
C ALA A 100 -7.05 5.86 -9.06
N ALA A 101 -6.98 5.63 -10.37
CA ALA A 101 -8.02 6.09 -11.27
C ALA A 101 -9.34 5.39 -10.91
N LEU A 102 -9.24 4.09 -10.68
CA LEU A 102 -10.41 3.29 -10.33
C LEU A 102 -11.25 4.06 -9.31
N GLY A 103 -10.59 4.51 -8.25
CA GLY A 103 -11.27 5.25 -7.21
C GLY A 103 -10.59 5.04 -5.86
N ALA A 104 -9.26 5.03 -5.90
CA ALA A 104 -8.48 4.85 -4.68
C ALA A 104 -8.09 6.21 -4.12
N ASN A 105 -7.80 6.23 -2.83
CA ASN A 105 -7.41 7.47 -2.16
C ASN A 105 -6.02 7.88 -2.63
N ASN A 106 -5.10 6.92 -2.58
CA ASN A 106 -3.73 7.17 -3.00
C ASN A 106 -3.01 5.84 -3.18
N VAL A 107 -2.62 5.57 -4.42
CA VAL A 107 -1.91 4.34 -4.74
C VAL A 107 -0.61 4.67 -5.49
N LEU A 108 0.48 4.12 -4.98
CA LEU A 108 1.78 4.35 -5.59
C LEU A 108 2.38 3.01 -6.03
N ALA A 109 3.15 3.07 -7.10
CA ALA A 109 3.78 1.88 -7.63
C ALA A 109 5.28 1.90 -7.30
N LYS A 110 5.94 0.80 -7.59
CA LYS A 110 7.37 0.70 -7.34
C LYS A 110 8.05 0.02 -8.53
N PRO A 111 7.99 0.71 -9.70
CA PRO A 111 8.60 0.19 -10.92
C PRO A 111 10.12 0.32 -10.87
N PHE A 112 10.72 0.26 -12.05
CA PHE A 112 12.17 0.36 -12.16
C PHE A 112 12.59 1.81 -12.38
N THR A 113 11.69 2.72 -12.03
CA THR A 113 11.96 4.14 -12.20
C THR A 113 11.85 4.86 -10.85
N ILE A 114 13.00 5.03 -10.20
CA ILE A 114 13.03 5.69 -8.91
C ILE A 114 12.29 7.03 -9.01
N GLU A 115 12.27 7.58 -10.22
CA GLU A 115 11.59 8.84 -10.46
C GLU A 115 10.09 8.71 -10.21
N LYS A 116 9.55 7.58 -10.66
CA LYS A 116 8.14 7.30 -10.49
C LYS A 116 7.86 6.92 -9.03
N MET A 117 8.54 5.87 -8.60
CA MET A 117 8.39 5.39 -7.24
C MET A 117 8.65 6.50 -6.22
N LYS A 118 9.81 7.12 -6.36
CA LYS A 118 10.20 8.20 -5.47
C LYS A 118 9.14 9.30 -5.53
N ALA A 119 8.94 9.82 -6.73
CA ALA A 119 7.96 10.87 -6.94
C ALA A 119 6.60 10.42 -6.43
N ALA A 120 6.33 9.13 -6.63
CA ALA A 120 5.07 8.55 -6.20
C ALA A 120 4.91 8.77 -4.69
N ILE A 121 5.89 8.27 -3.94
CA ILE A 121 5.86 8.41 -2.49
C ILE A 121 5.81 9.89 -2.13
N GLU A 122 6.59 10.68 -2.85
CA GLU A 122 6.65 12.11 -2.61
C GLU A 122 5.25 12.72 -2.71
N ALA A 123 4.37 11.99 -3.38
CA ALA A 123 3.00 12.44 -3.56
C ALA A 123 2.15 11.96 -2.37
N VAL A 124 2.29 10.68 -2.06
CA VAL A 124 1.55 10.09 -0.96
C VAL A 124 1.90 10.82 0.33
N PHE A 125 3.16 11.21 0.43
CA PHE A 125 3.64 11.91 1.61
C PHE A 125 3.37 13.42 1.50
N GLY A 126 3.09 13.85 0.28
CA GLY A 126 2.81 15.25 0.03
C GLY A 126 1.61 15.42 -0.91
N ALA A 127 1.88 15.31 -2.20
CA ALA A 127 0.84 15.44 -3.20
C ALA A 127 0.03 14.14 -3.27
N LEU A 128 -1.11 14.16 -2.60
CA LEU A 128 -1.98 12.99 -2.57
C LEU A 128 -2.29 12.56 -4.00
N LYS A 129 -3.01 13.42 -4.70
CA LYS A 129 -3.38 13.15 -6.08
C LYS A 129 -2.17 13.33 -6.98
N MET A 1 -3.76 10.16 16.76
CA MET A 1 -3.88 9.40 17.99
C MET A 1 -2.94 9.96 19.07
N SER A 2 -2.84 9.22 20.17
CA SER A 2 -2.00 9.63 21.26
C SER A 2 -0.55 9.77 20.79
N LEU A 3 -0.17 8.86 19.90
CA LEU A 3 1.18 8.88 19.36
C LEU A 3 1.14 8.50 17.87
N ALA A 4 2.30 8.17 17.34
CA ALA A 4 2.41 7.78 15.94
C ALA A 4 1.42 6.65 15.65
N GLU A 5 1.02 5.97 16.72
CA GLU A 5 0.09 4.87 16.60
C GLU A 5 -0.90 5.12 15.46
N LYS A 6 -1.42 6.34 15.44
CA LYS A 6 -2.37 6.73 14.41
C LYS A 6 -1.92 6.18 13.07
N ILE A 7 -0.66 6.45 12.75
CA ILE A 7 -0.09 5.98 11.50
C ILE A 7 0.13 4.47 11.57
N LYS A 8 -0.15 3.81 10.46
CA LYS A 8 0.01 2.37 10.38
C LYS A 8 0.33 1.97 8.94
N VAL A 9 1.24 1.02 8.82
CA VAL A 9 1.65 0.54 7.50
C VAL A 9 1.48 -0.98 7.45
N LEU A 10 0.90 -1.44 6.35
CA LEU A 10 0.68 -2.87 6.15
C LEU A 10 1.52 -3.35 4.98
N ILE A 11 2.38 -4.32 5.26
CA ILE A 11 3.24 -4.88 4.24
C ILE A 11 2.90 -6.36 4.04
N VAL A 12 1.98 -6.60 3.11
CA VAL A 12 1.55 -7.95 2.82
C VAL A 12 1.75 -8.23 1.33
N ASP A 13 2.27 -9.42 1.05
CA ASP A 13 2.51 -9.82 -0.34
C ASP A 13 2.31 -11.33 -0.46
N ASP A 14 2.32 -11.79 -1.70
CA ASP A 14 2.15 -13.21 -1.98
C ASP A 14 3.43 -13.96 -1.59
N GLN A 15 4.52 -13.22 -1.57
CA GLN A 15 5.81 -13.81 -1.24
C GLN A 15 6.61 -12.84 -0.36
N VAL A 16 7.26 -13.41 0.64
CA VAL A 16 8.06 -12.62 1.57
C VAL A 16 9.01 -11.73 0.76
N THR A 17 9.75 -12.37 -0.13
CA THR A 17 10.71 -11.65 -0.97
C THR A 17 10.13 -10.30 -1.38
N SER A 18 8.94 -10.34 -1.95
CA SER A 18 8.26 -9.13 -2.39
C SER A 18 7.97 -8.23 -1.20
N ARG A 19 7.30 -8.81 -0.21
CA ARG A 19 6.94 -8.07 0.99
C ARG A 19 8.20 -7.65 1.74
N LEU A 20 8.85 -8.63 2.34
CA LEU A 20 10.07 -8.37 3.10
C LEU A 20 10.90 -7.32 2.36
N LEU A 21 10.79 -7.33 1.04
CA LEU A 21 11.52 -6.39 0.22
C LEU A 21 11.00 -4.97 0.47
N LEU A 22 9.68 -4.84 0.36
CA LEU A 22 9.04 -3.56 0.57
C LEU A 22 9.09 -3.20 2.05
N GLY A 23 8.77 -4.20 2.88
CA GLY A 23 8.78 -4.01 4.32
C GLY A 23 10.16 -3.54 4.81
N ASP A 24 11.18 -4.00 4.10
CA ASP A 24 12.54 -3.64 4.45
C ASP A 24 12.82 -2.21 4.00
N ALA A 25 12.43 -1.92 2.76
CA ALA A 25 12.63 -0.59 2.20
C ALA A 25 11.74 0.40 2.94
N LEU A 26 10.48 0.02 3.08
CA LEU A 26 9.51 0.87 3.76
C LEU A 26 10.04 1.21 5.16
N GLN A 27 10.37 0.16 5.90
CA GLN A 27 10.87 0.34 7.26
C GLN A 27 12.15 1.18 7.24
N GLN A 28 12.91 1.05 6.17
CA GLN A 28 14.13 1.79 6.02
C GLN A 28 13.84 3.25 5.65
N LEU A 29 12.59 3.48 5.29
CA LEU A 29 12.16 4.82 4.92
C LEU A 29 11.88 5.64 6.17
N GLY A 30 11.11 5.04 7.08
CA GLY A 30 10.75 5.70 8.33
C GLY A 30 9.27 5.53 8.64
N PHE A 31 8.82 4.29 8.58
CA PHE A 31 7.42 3.98 8.86
C PHE A 31 7.14 4.04 10.36
N LYS A 32 5.86 4.20 10.68
CA LYS A 32 5.44 4.28 12.07
C LYS A 32 5.35 2.87 12.65
N GLN A 33 4.44 2.10 12.08
CA GLN A 33 4.24 0.73 12.53
C GLN A 33 4.06 -0.21 11.33
N ILE A 34 5.05 -1.06 11.13
CA ILE A 34 5.02 -2.01 10.04
C ILE A 34 4.24 -3.25 10.46
N THR A 35 3.33 -3.67 9.59
CA THR A 35 2.50 -4.84 9.86
C THR A 35 2.39 -5.71 8.60
N ALA A 36 2.98 -6.89 8.70
CA ALA A 36 2.95 -7.83 7.58
C ALA A 36 1.83 -8.85 7.81
N ALA A 37 1.30 -9.35 6.70
CA ALA A 37 0.23 -10.32 6.76
C ALA A 37 0.48 -11.41 5.72
N GLY A 38 -0.46 -12.34 5.64
CA GLY A 38 -0.36 -13.44 4.69
C GLY A 38 -0.32 -12.92 3.26
N ASP A 39 -1.35 -12.17 2.90
CA ASP A 39 -1.43 -11.61 1.56
C ASP A 39 -2.75 -10.84 1.42
N GLY A 40 -2.85 -10.09 0.33
CA GLY A 40 -4.04 -9.31 0.08
C GLY A 40 -4.88 -9.14 1.35
N GLU A 41 -6.03 -9.78 1.34
CA GLU A 41 -6.93 -9.71 2.49
C GLU A 41 -6.17 -10.05 3.78
N GLN A 42 -5.51 -11.19 3.75
CA GLN A 42 -4.75 -11.65 4.91
C GLN A 42 -4.07 -10.47 5.58
N GLY A 43 -3.75 -9.47 4.77
CA GLY A 43 -3.09 -8.28 5.28
C GLY A 43 -4.04 -7.08 5.30
N MET A 44 -4.77 -6.92 4.20
CA MET A 44 -5.72 -5.84 4.08
C MET A 44 -6.72 -5.85 5.24
N LYS A 45 -7.31 -7.01 5.46
CA LYS A 45 -8.28 -7.17 6.53
C LYS A 45 -7.64 -6.76 7.85
N ILE A 46 -6.36 -7.09 7.99
CA ILE A 46 -5.63 -6.77 9.20
C ILE A 46 -5.65 -5.26 9.41
N MET A 47 -5.41 -4.54 8.32
CA MET A 47 -5.38 -3.08 8.36
C MET A 47 -6.78 -2.53 8.67
N ALA A 48 -7.79 -3.23 8.17
CA ALA A 48 -9.16 -2.82 8.37
C ALA A 48 -9.48 -2.84 9.86
N GLN A 49 -9.10 -3.92 10.51
CA GLN A 49 -9.33 -4.06 11.94
C GLN A 49 -8.53 -3.01 12.72
N ASN A 50 -7.22 -3.12 12.62
CA ASN A 50 -6.34 -2.19 13.30
C ASN A 50 -6.25 -0.89 12.50
N PRO A 51 -5.40 0.04 13.00
CA PRO A 51 -5.22 1.32 12.34
C PRO A 51 -4.38 1.18 11.07
N HIS A 52 -4.75 1.96 10.07
CA HIS A 52 -4.04 1.93 8.80
C HIS A 52 -3.86 3.36 8.27
N HIS A 53 -2.72 3.59 7.66
CA HIS A 53 -2.41 4.90 7.12
C HIS A 53 -1.81 4.74 5.71
N LEU A 54 -0.97 3.73 5.58
CA LEU A 54 -0.32 3.46 4.30
C LEU A 54 -0.21 1.94 4.11
N VAL A 55 -0.88 1.47 3.06
CA VAL A 55 -0.86 0.06 2.75
C VAL A 55 0.18 -0.21 1.64
N ILE A 56 0.91 -1.30 1.81
CA ILE A 56 1.93 -1.68 0.85
C ILE A 56 1.91 -3.19 0.65
N SER A 57 1.63 -3.59 -0.59
CA SER A 57 1.56 -5.00 -0.92
C SER A 57 2.14 -5.23 -2.32
N ASP A 58 2.04 -6.47 -2.76
CA ASP A 58 2.55 -6.84 -4.09
C ASP A 58 1.45 -6.59 -5.12
N PHE A 59 1.84 -6.71 -6.38
CA PHE A 59 0.91 -6.51 -7.48
C PHE A 59 0.10 -7.78 -7.76
N ASN A 60 0.59 -8.88 -7.20
CA ASN A 60 -0.06 -10.17 -7.38
C ASN A 60 -1.58 -9.98 -7.30
N MET A 61 -2.30 -11.04 -7.61
CA MET A 61 -3.76 -11.01 -7.57
C MET A 61 -4.29 -11.82 -6.40
N PRO A 62 -4.03 -11.30 -5.17
CA PRO A 62 -4.48 -11.97 -3.96
C PRO A 62 -5.97 -11.77 -3.75
N LYS A 63 -6.40 -11.95 -2.51
CA LYS A 63 -7.80 -11.80 -2.17
C LYS A 63 -8.24 -10.36 -2.44
N MET A 64 -7.29 -9.45 -2.28
CA MET A 64 -7.56 -8.04 -2.50
C MET A 64 -6.31 -7.31 -3.00
N ASP A 65 -6.44 -6.70 -4.16
CA ASP A 65 -5.33 -5.97 -4.75
C ASP A 65 -5.78 -4.54 -5.06
N GLY A 66 -4.80 -3.73 -5.46
CA GLY A 66 -5.08 -2.34 -5.78
C GLY A 66 -6.54 -2.15 -6.20
N LEU A 67 -7.04 -3.12 -6.95
CA LEU A 67 -8.41 -3.07 -7.42
C LEU A 67 -9.36 -3.36 -6.25
N GLY A 68 -9.25 -4.57 -5.72
CA GLY A 68 -10.10 -4.97 -4.60
C GLY A 68 -9.85 -4.06 -3.39
N LEU A 69 -8.59 -3.73 -3.18
CA LEU A 69 -8.21 -2.88 -2.06
C LEU A 69 -9.01 -1.57 -2.13
N LEU A 70 -9.01 -0.99 -3.32
CA LEU A 70 -9.71 0.26 -3.54
C LEU A 70 -11.19 0.07 -3.19
N GLN A 71 -11.87 -0.69 -4.03
CA GLN A 71 -13.28 -0.97 -3.82
C GLN A 71 -13.55 -1.27 -2.35
N ALA A 72 -12.56 -1.88 -1.71
CA ALA A 72 -12.68 -2.24 -0.31
C ALA A 72 -12.79 -0.96 0.53
N VAL A 73 -11.89 -0.03 0.27
CA VAL A 73 -11.87 1.23 0.99
C VAL A 73 -13.19 1.95 0.77
N ARG A 74 -13.55 2.08 -0.50
CA ARG A 74 -14.79 2.74 -0.86
C ARG A 74 -15.90 2.40 0.14
N ALA A 75 -15.79 1.21 0.70
CA ALA A 75 -16.76 0.75 1.68
C ALA A 75 -16.37 1.27 3.06
N ASN A 76 -15.12 1.02 3.43
CA ASN A 76 -14.62 1.47 4.71
C ASN A 76 -13.88 2.80 4.55
N PRO A 77 -14.35 3.81 5.32
CA PRO A 77 -13.75 5.13 5.26
C PRO A 77 -12.41 5.16 5.99
N ALA A 78 -12.18 4.12 6.79
CA ALA A 78 -10.94 4.01 7.54
C ALA A 78 -9.77 3.88 6.56
N THR A 79 -9.95 3.01 5.60
CA THR A 79 -8.91 2.78 4.60
C THR A 79 -9.09 3.73 3.41
N LYS A 80 -10.32 4.20 3.26
CA LYS A 80 -10.63 5.12 2.17
C LYS A 80 -9.71 6.34 2.26
N LYS A 81 -9.18 6.55 3.45
CA LYS A 81 -8.28 7.67 3.67
C LYS A 81 -6.83 7.17 3.73
N ALA A 82 -6.70 5.86 3.52
CA ALA A 82 -5.38 5.24 3.55
C ALA A 82 -4.92 4.97 2.11
N ALA A 83 -3.62 5.09 1.90
CA ALA A 83 -3.05 4.86 0.59
C ALA A 83 -2.64 3.40 0.46
N PHE A 84 -2.25 3.03 -0.75
CA PHE A 84 -1.85 1.66 -1.02
C PHE A 84 -0.77 1.62 -2.12
N ILE A 85 0.25 0.81 -1.86
CA ILE A 85 1.35 0.67 -2.81
C ILE A 85 1.27 -0.71 -3.46
N ILE A 86 1.38 -0.71 -4.78
CA ILE A 86 1.33 -1.95 -5.54
C ILE A 86 2.57 -2.06 -6.42
N LEU A 87 3.44 -2.99 -6.06
CA LEU A 87 4.67 -3.20 -6.80
C LEU A 87 4.71 -4.64 -7.31
N THR A 88 5.58 -4.87 -8.28
CA THR A 88 5.73 -6.20 -8.85
C THR A 88 7.21 -6.51 -9.11
N ALA A 89 7.46 -7.74 -9.53
CA ALA A 89 8.81 -8.18 -9.81
C ALA A 89 9.38 -7.36 -10.97
N GLN A 90 8.49 -6.65 -11.65
CA GLN A 90 8.88 -5.83 -12.78
C GLN A 90 8.46 -4.38 -12.56
N GLY A 91 7.24 -4.08 -12.98
CA GLY A 91 6.70 -2.73 -12.84
C GLY A 91 5.43 -2.56 -13.68
N ASP A 92 4.43 -1.96 -13.06
CA ASP A 92 3.17 -1.74 -13.73
C ASP A 92 2.62 -0.37 -13.32
N ARG A 93 3.16 0.67 -13.94
CA ARG A 93 2.74 2.03 -13.66
C ARG A 93 1.27 2.22 -14.02
N ALA A 94 0.87 1.57 -15.11
CA ALA A 94 -0.50 1.66 -15.57
C ALA A 94 -1.42 0.99 -14.54
N LEU A 95 -0.96 -0.13 -14.01
CA LEU A 95 -1.72 -0.88 -13.03
C LEU A 95 -1.99 0.03 -11.82
N VAL A 96 -0.92 0.63 -11.33
CA VAL A 96 -1.02 1.52 -10.18
C VAL A 96 -1.92 2.70 -10.53
N GLN A 97 -1.51 3.42 -11.57
CA GLN A 97 -2.26 4.58 -12.01
C GLN A 97 -3.72 4.21 -12.23
N LYS A 98 -3.95 2.94 -12.53
CA LYS A 98 -5.30 2.45 -12.77
C LYS A 98 -6.06 2.44 -11.44
N ALA A 99 -5.43 1.86 -10.43
CA ALA A 99 -6.04 1.78 -9.11
C ALA A 99 -6.43 3.18 -8.64
N ALA A 100 -5.46 4.07 -8.68
CA ALA A 100 -5.68 5.44 -8.26
C ALA A 100 -6.86 6.02 -9.05
N ALA A 101 -6.81 5.82 -10.36
CA ALA A 101 -7.86 6.31 -11.24
C ALA A 101 -9.18 5.64 -10.86
N LEU A 102 -9.12 4.33 -10.69
CA LEU A 102 -10.29 3.57 -10.34
C LEU A 102 -11.12 4.34 -9.31
N GLY A 103 -10.45 4.72 -8.24
CA GLY A 103 -11.10 5.47 -7.17
C GLY A 103 -10.39 5.25 -5.83
N ALA A 104 -9.06 5.21 -5.90
CA ALA A 104 -8.26 5.01 -4.70
C ALA A 104 -7.83 6.36 -4.15
N ASN A 105 -7.51 6.37 -2.87
CA ASN A 105 -7.09 7.60 -2.21
C ASN A 105 -5.68 7.96 -2.70
N ASN A 106 -4.80 6.98 -2.67
CA ASN A 106 -3.42 7.19 -3.11
C ASN A 106 -2.74 5.83 -3.28
N VAL A 107 -2.38 5.53 -4.52
CA VAL A 107 -1.72 4.29 -4.84
C VAL A 107 -0.41 4.57 -5.58
N LEU A 108 0.66 3.98 -5.09
CA LEU A 108 1.96 4.16 -5.70
C LEU A 108 2.53 2.79 -6.10
N ALA A 109 3.33 2.81 -7.16
CA ALA A 109 3.94 1.59 -7.66
C ALA A 109 5.45 1.63 -7.40
N LYS A 110 6.09 0.50 -7.64
CA LYS A 110 7.53 0.40 -7.44
C LYS A 110 8.17 -0.23 -8.67
N PRO A 111 8.12 0.54 -9.80
CA PRO A 111 8.69 0.07 -11.05
C PRO A 111 10.22 0.15 -11.02
N PHE A 112 10.80 0.14 -12.20
CA PHE A 112 12.25 0.21 -12.32
C PHE A 112 12.71 1.65 -12.53
N THR A 113 11.83 2.58 -12.16
CA THR A 113 12.14 4.00 -12.30
C THR A 113 12.02 4.70 -10.95
N ILE A 114 13.16 4.88 -10.30
CA ILE A 114 13.19 5.54 -9.00
C ILE A 114 12.45 6.87 -9.09
N GLU A 115 12.43 7.42 -10.29
CA GLU A 115 11.75 8.68 -10.53
C GLU A 115 10.25 8.54 -10.29
N LYS A 116 9.72 7.43 -10.75
CA LYS A 116 8.30 7.15 -10.59
C LYS A 116 8.02 6.75 -9.13
N MET A 117 8.71 5.71 -8.70
CA MET A 117 8.54 5.22 -7.33
C MET A 117 8.80 6.34 -6.32
N LYS A 118 9.96 6.96 -6.45
CA LYS A 118 10.34 8.03 -5.55
C LYS A 118 9.28 9.14 -5.62
N ALA A 119 9.09 9.67 -6.81
CA ALA A 119 8.13 10.72 -7.02
C ALA A 119 6.75 10.25 -6.52
N ALA A 120 6.49 8.98 -6.73
CA ALA A 120 5.23 8.39 -6.30
C ALA A 120 5.04 8.63 -4.80
N ILE A 121 6.03 8.19 -4.04
CA ILE A 121 5.99 8.34 -2.60
C ILE A 121 5.79 9.82 -2.25
N GLU A 122 6.51 10.67 -2.98
CA GLU A 122 6.43 12.10 -2.77
C GLU A 122 4.98 12.57 -2.90
N ALA A 123 4.19 11.76 -3.58
CA ALA A 123 2.78 12.08 -3.78
C ALA A 123 1.96 11.54 -2.62
N VAL A 124 2.31 10.32 -2.20
CA VAL A 124 1.62 9.67 -1.11
C VAL A 124 1.84 10.48 0.18
N PHE A 125 3.01 11.11 0.25
CA PHE A 125 3.36 11.90 1.41
C PHE A 125 2.92 13.36 1.22
N GLY A 126 3.14 13.86 0.02
CA GLY A 126 2.77 15.24 -0.30
C GLY A 126 1.36 15.30 -0.89
N ALA A 127 1.14 14.46 -1.89
CA ALA A 127 -0.16 14.41 -2.54
C ALA A 127 -1.16 13.67 -1.65
N LEU A 128 -1.95 14.46 -0.91
CA LEU A 128 -2.94 13.88 -0.02
C LEU A 128 -3.94 13.05 -0.83
N LYS A 129 -4.77 13.76 -1.58
CA LYS A 129 -5.77 13.11 -2.40
C LYS A 129 -6.36 11.92 -1.63
N MET A 1 -2.98 6.92 17.27
CA MET A 1 -2.69 6.94 18.70
C MET A 1 -3.23 8.22 19.34
N SER A 2 -2.38 9.22 19.38
CA SER A 2 -2.75 10.50 19.97
C SER A 2 -3.99 11.05 19.26
N LEU A 3 -4.02 10.87 17.95
CA LEU A 3 -5.14 11.34 17.16
C LEU A 3 -5.41 10.35 16.02
N ALA A 4 -6.17 10.82 15.04
CA ALA A 4 -6.51 9.98 13.90
C ALA A 4 -5.22 9.43 13.28
N GLU A 5 -4.12 10.10 13.57
CA GLU A 5 -2.83 9.69 13.05
C GLU A 5 -2.79 8.18 12.87
N LYS A 6 -2.78 7.48 13.99
CA LYS A 6 -2.75 6.03 13.98
C LYS A 6 -1.91 5.56 12.78
N ILE A 7 -0.66 6.01 12.76
CA ILE A 7 0.24 5.64 11.69
C ILE A 7 0.49 4.13 11.74
N LYS A 8 0.25 3.49 10.60
CA LYS A 8 0.44 2.06 10.49
C LYS A 8 0.75 1.69 9.04
N VAL A 9 1.67 0.75 8.88
CA VAL A 9 2.06 0.31 7.56
C VAL A 9 1.89 -1.21 7.46
N LEU A 10 1.24 -1.64 6.39
CA LEU A 10 1.01 -3.06 6.17
C LEU A 10 1.81 -3.51 4.94
N ILE A 11 2.67 -4.49 5.17
CA ILE A 11 3.49 -5.03 4.10
C ILE A 11 3.12 -6.50 3.87
N VAL A 12 2.17 -6.71 2.98
CA VAL A 12 1.72 -8.05 2.65
C VAL A 12 1.84 -8.28 1.15
N ASP A 13 2.31 -9.46 0.78
CA ASP A 13 2.48 -9.81 -0.62
C ASP A 13 2.25 -11.31 -0.79
N ASP A 14 2.19 -11.72 -2.05
CA ASP A 14 1.99 -13.12 -2.37
C ASP A 14 3.31 -13.88 -2.21
N GLN A 15 4.38 -13.12 -2.02
CA GLN A 15 5.69 -13.70 -1.86
C GLN A 15 6.55 -12.82 -0.95
N VAL A 16 7.20 -13.47 0.00
CA VAL A 16 8.07 -12.76 0.94
C VAL A 16 9.03 -11.86 0.17
N THR A 17 9.70 -12.46 -0.79
CA THR A 17 10.65 -11.72 -1.61
C THR A 17 10.10 -10.33 -1.96
N SER A 18 8.90 -10.33 -2.50
CA SER A 18 8.25 -9.09 -2.88
C SER A 18 7.97 -8.24 -1.64
N ARG A 19 7.32 -8.87 -0.67
CA ARG A 19 6.99 -8.19 0.57
C ARG A 19 8.27 -7.80 1.32
N LEU A 20 8.94 -8.82 1.86
CA LEU A 20 10.16 -8.60 2.59
C LEU A 20 11.00 -7.54 1.89
N LEU A 21 10.87 -7.50 0.56
CA LEU A 21 11.60 -6.54 -0.24
C LEU A 21 11.10 -5.14 0.09
N LEU A 22 9.79 -4.97 0.01
CA LEU A 22 9.18 -3.68 0.29
C LEU A 22 9.29 -3.38 1.79
N GLY A 23 8.97 -4.39 2.58
CA GLY A 23 9.03 -4.25 4.03
C GLY A 23 10.43 -3.84 4.48
N ASP A 24 11.42 -4.27 3.72
CA ASP A 24 12.80 -3.96 4.03
C ASP A 24 13.09 -2.51 3.64
N ALA A 25 12.67 -2.16 2.43
CA ALA A 25 12.87 -0.81 1.92
C ALA A 25 12.01 0.17 2.73
N LEU A 26 10.75 -0.20 2.90
CA LEU A 26 9.82 0.63 3.64
C LEU A 26 10.39 0.91 5.03
N GLN A 27 10.79 -0.17 5.70
CA GLN A 27 11.36 -0.05 7.03
C GLN A 27 12.63 0.80 7.00
N GLN A 28 13.34 0.70 5.89
CA GLN A 28 14.57 1.45 5.71
C GLN A 28 14.25 2.93 5.43
N LEU A 29 12.99 3.19 5.12
CA LEU A 29 12.55 4.53 4.83
C LEU A 29 12.32 5.29 6.14
N GLY A 30 11.58 4.66 7.03
CA GLY A 30 11.28 5.25 8.32
C GLY A 30 9.79 5.13 8.64
N PHE A 31 9.30 3.90 8.57
CA PHE A 31 7.89 3.64 8.86
C PHE A 31 7.62 3.68 10.36
N LYS A 32 6.35 3.87 10.70
CA LYS A 32 5.95 3.92 12.09
C LYS A 32 5.85 2.50 12.65
N GLN A 33 4.92 1.74 12.09
CA GLN A 33 4.72 0.36 12.52
C GLN A 33 4.50 -0.55 11.30
N ILE A 34 5.49 -1.40 11.07
CA ILE A 34 5.42 -2.33 9.95
C ILE A 34 4.63 -3.57 10.38
N THR A 35 3.71 -3.97 9.51
CA THR A 35 2.89 -5.13 9.77
C THR A 35 2.74 -6.00 8.52
N ALA A 36 3.34 -7.18 8.58
CA ALA A 36 3.29 -8.09 7.45
C ALA A 36 2.15 -9.10 7.67
N ALA A 37 1.61 -9.58 6.57
CA ALA A 37 0.53 -10.54 6.63
C ALA A 37 0.74 -11.61 5.55
N GLY A 38 -0.21 -12.53 5.48
CA GLY A 38 -0.14 -13.62 4.51
C GLY A 38 -0.12 -13.06 3.08
N ASP A 39 -1.17 -12.30 2.77
CA ASP A 39 -1.28 -11.71 1.45
C ASP A 39 -2.61 -10.95 1.36
N GLY A 40 -2.74 -10.17 0.29
CA GLY A 40 -3.94 -9.40 0.07
C GLY A 40 -4.73 -9.22 1.37
N GLU A 41 -5.90 -9.84 1.41
CA GLU A 41 -6.75 -9.77 2.59
C GLU A 41 -5.96 -10.15 3.85
N GLN A 42 -5.32 -11.31 3.77
CA GLN A 42 -4.53 -11.80 4.88
C GLN A 42 -3.80 -10.64 5.57
N GLY A 43 -3.50 -9.62 4.77
CA GLY A 43 -2.82 -8.45 5.29
C GLY A 43 -3.76 -7.24 5.36
N MET A 44 -4.50 -7.05 4.27
CA MET A 44 -5.43 -5.94 4.19
C MET A 44 -6.41 -5.97 5.37
N LYS A 45 -7.01 -7.13 5.58
CA LYS A 45 -7.97 -7.30 6.66
C LYS A 45 -7.30 -6.93 7.99
N ILE A 46 -6.03 -7.30 8.10
CA ILE A 46 -5.26 -7.01 9.30
C ILE A 46 -5.25 -5.50 9.54
N MET A 47 -5.04 -4.75 8.46
CA MET A 47 -5.00 -3.31 8.55
C MET A 47 -6.39 -2.74 8.89
N ALA A 48 -7.41 -3.42 8.40
CA ALA A 48 -8.77 -3.00 8.65
C ALA A 48 -9.05 -3.04 10.16
N GLN A 49 -8.67 -4.16 10.76
CA GLN A 49 -8.87 -4.34 12.18
C GLN A 49 -8.04 -3.33 12.97
N ASN A 50 -6.73 -3.45 12.83
CA ASN A 50 -5.81 -2.55 13.52
C ASN A 50 -5.75 -1.22 12.76
N PRO A 51 -4.85 -0.33 13.26
CA PRO A 51 -4.68 0.98 12.65
C PRO A 51 -3.90 0.87 11.34
N HIS A 52 -4.30 1.69 10.37
CA HIS A 52 -3.65 1.68 9.07
C HIS A 52 -3.49 3.12 8.58
N HIS A 53 -2.38 3.38 7.91
CA HIS A 53 -2.10 4.70 7.37
C HIS A 53 -1.52 4.58 5.97
N LEU A 54 -0.68 3.57 5.80
CA LEU A 54 -0.05 3.33 4.51
C LEU A 54 0.05 1.82 4.27
N VAL A 55 -0.67 1.37 3.25
CA VAL A 55 -0.67 -0.04 2.90
C VAL A 55 0.32 -0.28 1.75
N ILE A 56 1.07 -1.35 1.87
CA ILE A 56 2.04 -1.70 0.86
C ILE A 56 2.01 -3.21 0.62
N SER A 57 1.69 -3.58 -0.61
CA SER A 57 1.62 -4.98 -0.98
C SER A 57 2.14 -5.19 -2.40
N ASP A 58 2.03 -6.42 -2.87
CA ASP A 58 2.49 -6.75 -4.21
C ASP A 58 1.39 -6.42 -5.21
N PHE A 59 1.78 -6.39 -6.49
CA PHE A 59 0.84 -6.08 -7.55
C PHE A 59 0.03 -7.32 -7.94
N ASN A 60 0.50 -8.47 -7.48
CA ASN A 60 -0.16 -9.73 -7.77
C ASN A 60 -1.67 -9.56 -7.58
N MET A 61 -2.40 -10.62 -7.90
CA MET A 61 -3.84 -10.60 -7.77
C MET A 61 -4.29 -11.49 -6.61
N PRO A 62 -3.94 -11.06 -5.37
CA PRO A 62 -4.31 -11.80 -4.18
C PRO A 62 -5.79 -11.63 -3.86
N LYS A 63 -6.12 -11.90 -2.60
CA LYS A 63 -7.50 -11.78 -2.15
C LYS A 63 -7.97 -10.34 -2.33
N MET A 64 -7.02 -9.42 -2.20
CA MET A 64 -7.32 -8.00 -2.35
C MET A 64 -6.10 -7.23 -2.83
N ASP A 65 -6.27 -6.57 -3.96
CA ASP A 65 -5.18 -5.79 -4.55
C ASP A 65 -5.64 -4.35 -4.74
N GLY A 66 -4.69 -3.49 -5.09
CA GLY A 66 -4.99 -2.09 -5.30
C GLY A 66 -6.44 -1.90 -5.75
N LEU A 67 -6.91 -2.82 -6.57
CA LEU A 67 -8.26 -2.76 -7.06
C LEU A 67 -9.24 -3.12 -5.94
N GLY A 68 -9.12 -4.35 -5.47
CA GLY A 68 -9.99 -4.83 -4.40
C GLY A 68 -9.79 -3.99 -3.13
N LEU A 69 -8.53 -3.66 -2.87
CA LEU A 69 -8.20 -2.86 -1.69
C LEU A 69 -9.00 -1.56 -1.72
N LEU A 70 -8.99 -0.92 -2.88
CA LEU A 70 -9.70 0.33 -3.05
C LEU A 70 -11.17 0.13 -2.70
N GLN A 71 -11.85 -0.63 -3.56
CA GLN A 71 -13.26 -0.91 -3.35
C GLN A 71 -13.52 -1.25 -1.88
N ALA A 72 -12.53 -1.87 -1.26
CA ALA A 72 -12.63 -2.25 0.14
C ALA A 72 -12.72 -1.00 1.00
N VAL A 73 -11.79 -0.09 0.77
CA VAL A 73 -11.76 1.16 1.51
C VAL A 73 -13.07 1.90 1.32
N ARG A 74 -13.46 2.05 0.06
CA ARG A 74 -14.69 2.75 -0.27
C ARG A 74 -15.78 2.40 0.75
N ALA A 75 -15.68 1.20 1.30
CA ALA A 75 -16.64 0.75 2.28
C ALA A 75 -16.24 1.27 3.67
N ASN A 76 -14.98 1.01 4.02
CA ASN A 76 -14.47 1.45 5.30
C ASN A 76 -13.70 2.76 5.11
N PRO A 77 -14.13 3.80 5.89
CA PRO A 77 -13.49 5.10 5.81
C PRO A 77 -12.14 5.09 6.53
N ALA A 78 -11.93 4.04 7.31
CA ALA A 78 -10.69 3.90 8.06
C ALA A 78 -9.52 3.75 7.08
N THR A 79 -9.72 2.87 6.11
CA THR A 79 -8.70 2.63 5.10
C THR A 79 -8.87 3.60 3.93
N LYS A 80 -10.09 4.09 3.78
CA LYS A 80 -10.40 5.02 2.71
C LYS A 80 -9.48 6.24 2.81
N LYS A 81 -8.91 6.41 4.00
CA LYS A 81 -8.03 7.53 4.25
C LYS A 81 -6.58 7.04 4.23
N ALA A 82 -6.43 5.74 4.04
CA ALA A 82 -5.11 5.13 3.99
C ALA A 82 -4.71 4.89 2.54
N ALA A 83 -3.41 5.00 2.29
CA ALA A 83 -2.89 4.80 0.95
C ALA A 83 -2.51 3.33 0.76
N PHE A 84 -2.17 2.99 -0.46
CA PHE A 84 -1.79 1.62 -0.80
C PHE A 84 -0.79 1.59 -1.95
N ILE A 85 0.24 0.77 -1.77
CA ILE A 85 1.28 0.64 -2.78
C ILE A 85 1.17 -0.75 -3.43
N ILE A 86 1.20 -0.75 -4.75
CA ILE A 86 1.11 -1.99 -5.49
C ILE A 86 2.30 -2.08 -6.47
N LEU A 87 3.22 -2.98 -6.15
CA LEU A 87 4.39 -3.17 -6.98
C LEU A 87 4.52 -4.66 -7.32
N THR A 88 5.32 -4.92 -8.35
CA THR A 88 5.54 -6.29 -8.80
C THR A 88 7.01 -6.51 -9.12
N ALA A 89 7.33 -7.76 -9.43
CA ALA A 89 8.70 -8.13 -9.76
C ALA A 89 9.18 -7.30 -10.96
N GLN A 90 8.21 -6.70 -11.64
CA GLN A 90 8.51 -5.88 -12.80
C GLN A 90 8.09 -4.43 -12.55
N GLY A 91 6.82 -4.15 -12.83
CA GLY A 91 6.29 -2.82 -12.64
C GLY A 91 5.04 -2.60 -13.51
N ASP A 92 4.04 -1.99 -12.89
CA ASP A 92 2.79 -1.72 -13.59
C ASP A 92 2.27 -0.34 -13.18
N ARG A 93 2.86 0.68 -13.76
CA ARG A 93 2.47 2.05 -13.46
C ARG A 93 0.98 2.26 -13.77
N ALA A 94 0.54 1.62 -14.84
CA ALA A 94 -0.85 1.73 -15.26
C ALA A 94 -1.74 1.10 -14.19
N LEU A 95 -1.29 -0.03 -13.67
CA LEU A 95 -2.03 -0.74 -12.64
C LEU A 95 -2.25 0.19 -11.44
N VAL A 96 -1.15 0.82 -11.02
CA VAL A 96 -1.20 1.73 -9.89
C VAL A 96 -2.12 2.91 -10.23
N GLN A 97 -1.75 3.61 -11.30
CA GLN A 97 -2.52 4.76 -11.73
C GLN A 97 -3.99 4.38 -11.88
N LYS A 98 -4.22 3.10 -12.15
CA LYS A 98 -5.57 2.61 -12.31
C LYS A 98 -6.29 2.62 -10.95
N ALA A 99 -5.61 2.08 -9.96
CA ALA A 99 -6.16 2.03 -8.62
C ALA A 99 -6.52 3.45 -8.16
N ALA A 100 -5.54 4.34 -8.28
CA ALA A 100 -5.74 5.72 -7.89
C ALA A 100 -6.96 6.28 -8.61
N ALA A 101 -7.00 6.07 -9.91
CA ALA A 101 -8.10 6.55 -10.72
C ALA A 101 -9.39 5.84 -10.28
N LEU A 102 -9.28 4.53 -10.11
CA LEU A 102 -10.42 3.73 -9.69
C LEU A 102 -11.22 4.50 -8.63
N GLY A 103 -10.51 4.91 -7.60
CA GLY A 103 -11.13 5.66 -6.52
C GLY A 103 -10.40 5.41 -5.19
N ALA A 104 -9.08 5.35 -5.28
CA ALA A 104 -8.26 5.12 -4.11
C ALA A 104 -7.80 6.46 -3.53
N ASN A 105 -7.47 6.45 -2.25
CA ASN A 105 -7.02 7.65 -1.57
C ASN A 105 -5.63 8.03 -2.08
N ASN A 106 -4.75 7.04 -2.11
CA ASN A 106 -3.39 7.26 -2.57
C ASN A 106 -2.72 5.90 -2.82
N VAL A 107 -2.40 5.67 -4.09
CA VAL A 107 -1.75 4.43 -4.48
C VAL A 107 -0.46 4.74 -5.24
N LEU A 108 0.62 4.11 -4.79
CA LEU A 108 1.92 4.31 -5.42
C LEU A 108 2.45 2.97 -5.91
N ALA A 109 3.20 3.03 -7.00
CA ALA A 109 3.78 1.83 -7.59
C ALA A 109 5.29 1.79 -7.28
N LYS A 110 5.89 0.66 -7.62
CA LYS A 110 7.31 0.49 -7.39
C LYS A 110 7.95 -0.20 -8.60
N PRO A 111 7.87 0.51 -9.76
CA PRO A 111 8.43 -0.01 -11.00
C PRO A 111 9.96 0.08 -10.99
N PHE A 112 10.52 0.03 -12.19
CA PHE A 112 11.97 0.10 -12.33
C PHE A 112 12.42 1.55 -12.55
N THR A 113 11.55 2.47 -12.17
CA THR A 113 11.84 3.89 -12.31
C THR A 113 11.78 4.59 -10.94
N ILE A 114 12.94 4.73 -10.34
CA ILE A 114 13.03 5.37 -9.03
C ILE A 114 12.31 6.72 -9.09
N GLU A 115 12.28 7.30 -10.29
CA GLU A 115 11.63 8.57 -10.49
C GLU A 115 10.14 8.47 -10.19
N LYS A 116 9.56 7.37 -10.64
CA LYS A 116 8.13 7.14 -10.42
C LYS A 116 7.90 6.74 -8.97
N MET A 117 8.57 5.67 -8.56
CA MET A 117 8.44 5.18 -7.20
C MET A 117 8.77 6.28 -6.19
N LYS A 118 9.95 6.86 -6.35
CA LYS A 118 10.40 7.92 -5.46
C LYS A 118 9.37 9.06 -5.48
N ALA A 119 9.14 9.59 -6.67
CA ALA A 119 8.18 10.67 -6.83
C ALA A 119 6.83 10.25 -6.28
N ALA A 120 6.52 8.97 -6.48
CA ALA A 120 5.26 8.42 -6.00
C ALA A 120 5.16 8.62 -4.50
N ILE A 121 6.15 8.12 -3.80
CA ILE A 121 6.18 8.23 -2.34
C ILE A 121 6.13 9.72 -1.95
N GLU A 122 6.87 10.52 -2.71
CA GLU A 122 6.92 11.95 -2.46
C GLU A 122 5.51 12.54 -2.50
N ALA A 123 4.61 11.80 -3.14
CA ALA A 123 3.23 12.24 -3.26
C ALA A 123 2.44 11.75 -2.04
N VAL A 124 2.61 10.47 -1.74
CA VAL A 124 1.92 9.88 -0.60
C VAL A 124 2.32 10.61 0.68
N PHE A 125 3.58 11.01 0.73
CA PHE A 125 4.10 11.72 1.88
C PHE A 125 3.82 13.22 1.78
N GLY A 126 3.35 13.62 0.59
CA GLY A 126 3.04 15.02 0.35
C GLY A 126 1.81 15.16 -0.55
N ALA A 127 2.05 15.04 -1.85
CA ALA A 127 0.98 15.16 -2.81
C ALA A 127 0.17 13.86 -2.84
N LEU A 128 -0.95 13.88 -2.14
CA LEU A 128 -1.82 12.72 -2.07
C LEU A 128 -2.26 12.33 -3.49
N LYS A 129 -3.11 13.18 -4.05
CA LYS A 129 -3.62 12.94 -5.39
C LYS A 129 -2.44 12.79 -6.36
#